data_8D3R
#
_entry.id   8D3R
#
loop_
_entity.id
_entity.type
_entity.pdbx_description
1 polymer 'DNA polymerase subunit gamma-1'
2 polymer 'DNA polymerase subunit gamma-2, mitochondrial'
3 polymer "DNA (5'-D(P*AP*AP*AP*AP*CP*GP*AP*CP*GP*GP*CP*CP*AP*GP*TP*GP*CP*CP*AP*TP*AP*T)-3')"
4 polymer "DNA (5'-D(P*GP*GP*TP*AP*TP*GP*GP*CP*AP*CP*TP*GP*GP*CP*CP*GP*TP*CP*GP*TP*TP*TP*T)-3')"
5 non-polymer "2'-DEOXYCYTIDINE-5'-TRIPHOSPHATE"
6 non-polymer 'CALCIUM ION'
#
loop_
_entity_poly.entity_id
_entity_poly.type
_entity_poly.pdbx_seq_one_letter_code
_entity_poly.pdbx_strand_id
1 'polypeptide(L)'
;MSRLLWRKVAGATVGPGPVPAPGRWVSSSVPASDPSDGQRRRQQQQQQQQQQQQQPQQPQVLSSEGGQLRHNPLDIQMLS
RGLHEQIFGQGGEMPGEAAVRRSVEHLQKHGLWGQPAVPLPDVELRLPPLYGDNLDQHFRLLAQKQSLPYLEAANLLLQA
QLPPKPPAWAWAEGWTRYGPEGEAVPVAIPEERALVFDVEVCLAEGTCPTLAVAISPSAWYSWCSQRLVEERYSWTSQLS
PADLIPLEVPTGASSPTQRDWQEQLVVGHNVSFDRAHIREQYLIQGSRMRFLDTMSMHMAISGLSSFQRSLWIAAKQGKH
KVQPPTKQGQKSQRKARRGPAISSWDWLDISSVNSLAEVHRLYVGGPPLEKEPRELFVKGTMKDIRENFQDLMQYCAQDV
WATHEVFQQQLPLFLERCPHPVTLAGMLEMGVSYLPVNQNWERYLAEAQGTYEELQREMKKSLMDLANDACQLLSGERYK
EDPWLWDLEWDLQEFKQKKAKKVKKEPATASKLPIEGAGAPGDPMDQEDLGPCSEEEEFQQDVMARACLQKLKGTTELLP
KRPQHLPGHPGWYRKLCPRLDDPAWTPGPSLLSLQMRVTPKLMALTWDGFPLHYSERHGWGYLVPGRRDNLAKLPTGTTL
ESAGVVCPYRAIESLYRKHCLEQGKQQLMPQEAGLAEEFLLTDNSAIWQTVEELDYLEVEAEAKMENLRAAVPGQPLALT
ARGGPKDTQPSYHHGNGPYNDVDIPGCWFFKLPHKDGNSCNVGSPFAKDFLPKMEDGTLQAGPGGASGPRALEINKMISF
WRNAHKRISSQMVVWLPRSALPRAVIRHPDYDEEGLYGAILPQVVTAGTITRRAVEPTWLTASNARPDRVGSELKAMVQA
PPGYTLVGADVDSQELWIAAVLGDAHFAGMHGCTAFGWMTLQGRKSRGTDLHSKTATTVGISREHAKIFNYGRIYGAGQP
FAERLLMQFNHRLTQQEAAEKAQQMYAATKGLRWYRLSDEGEWLVRELNLPVDRTEGGWISLQDLRKVQRETARKSQWKK
WEVVAERAWKGGTESEMFNKLESIATSDIPRTPVLGCCISRALEPSAVQEEFMTSRVNWVVQSSAVDYLHLMLVAMKWLF
EEFAIDGRFCISIHDEVRYLVREEDRYRAALALQITNLLTRCMFAYKLGLNDLPQSVAFFSAVDIDRCLRKEVTMDCKTP
SNPTGMERRYGIPQGEALDIYQIIELTKGSLEKRSQPGP
;
A
2 'polypeptide(L)'
;MRSRVAVRACHKVCRCLLSGFGGRVDAGQPELLTERSSPKGGHVKSHAELEGNGEHPEAPGSGEGSEALLEICQRRHFLS
GSKQQLSRDSLLSGCHPGFGPLGVELRKNLAAEWWTSVVVFREQVFPVDALHHKPGPLLPGDSAFRLVSAETLREILQDK
ELSKEQLVAFLENVLKTSGKLRENLLHGALEHYVNCLDLVNKRLPYGLAQIGVCFHPVFDTKQIRNGVKSIGEKTEASLV
WFTPPRTSNQWLDFWLRHRLQWWRKFAMSPSNFSSSDCQDEEGRKGNKLYYNFPWGKELIETLWNLGDHELLHMYPGNVS
KLHGRDGRKNVVPCVLSVNGDLDRGMLAYLYDSFQLTENSFTRKKNLHRKVLKLHPCLAPIKVALDVGRGPTLELRQVCQ
GLFNELLENGISVWPGYLETMQSSLEQLYSKYDEMSILFTVLVTETTLENGLIHLRSRDTTMKEMMHISKLKDFLIKYIS
SAKNV
;
B,C
3 'polydeoxyribonucleotide'
;(DC)(DG)(DA)(DA)(DA)(DA)(DC)(DG)(DA)(DC)(DG)(DG)(DC)(DC)(DA)(DG)(DT)(DG)(DC)(DC)
(DA)(DT)(DA)(DT)
;
P
4 'polydeoxyribonucleotide'
;(DC)(DG)(DA)(DG)(DG)(DT)(DA)(DT)(DG)(DG)(DC)(DA)(DC)(DT)(DG)(DG)(DC)(DC)(DG)(DT)
(DC)(DG)(DT)(DT)(DT)(DT)(DC)(DG)
;
T
#
loop_
_chem_comp.id
_chem_comp.type
_chem_comp.name
_chem_comp.formula
CA non-polymer 'CALCIUM ION' 'Ca 2'
DA DNA linking 2'-DEOXYADENOSINE-5'-MONOPHOSPHATE 'C10 H14 N5 O6 P'
DC DNA linking 2'-DEOXYCYTIDINE-5'-MONOPHOSPHATE 'C9 H14 N3 O7 P'
DCP non-polymer 2'-DEOXYCYTIDINE-5'-TRIPHOSPHATE 'C9 H16 N3 O13 P3'
DG DNA linking 2'-DEOXYGUANOSINE-5'-MONOPHOSPHATE 'C10 H14 N5 O7 P'
DT DNA linking THYMIDINE-5'-MONOPHOSPHATE 'C10 H15 N2 O8 P'
#
# COMPACT_ATOMS: atom_id res chain seq x y z
N LEU A 69 5.82 27.28 53.44
CA LEU A 69 5.75 25.97 54.08
C LEU A 69 6.93 25.10 53.67
N ARG A 70 7.29 24.17 54.56
CA ARG A 70 8.31 23.17 54.25
C ARG A 70 7.83 21.77 54.60
N HIS A 71 7.01 21.67 55.65
CA HIS A 71 6.53 20.38 56.13
C HIS A 71 5.18 20.60 56.81
N ASN A 72 4.58 19.49 57.23
CA ASN A 72 3.32 19.51 57.97
C ASN A 72 3.22 18.20 58.74
N PRO A 73 2.25 18.09 59.65
CA PRO A 73 2.08 16.83 60.39
C PRO A 73 2.10 15.63 59.44
N LEU A 74 2.58 14.50 59.96
CA LEU A 74 2.91 13.29 59.21
C LEU A 74 4.16 13.48 58.35
N ASP A 75 4.79 14.66 58.39
CA ASP A 75 6.09 14.88 57.76
C ASP A 75 6.02 14.72 56.24
N ILE A 76 5.01 15.33 55.63
CA ILE A 76 4.83 15.32 54.19
C ILE A 76 5.19 16.69 53.65
N GLN A 77 6.11 16.74 52.69
CA GLN A 77 6.56 18.02 52.14
C GLN A 77 5.40 18.76 51.51
N MET A 78 5.32 20.05 51.79
CA MET A 78 4.19 20.90 51.37
C MET A 78 4.67 21.88 50.31
N LEU A 79 3.78 22.79 49.93
CA LEU A 79 4.10 23.78 48.92
C LEU A 79 5.25 24.67 49.37
N SER A 80 5.92 25.27 48.39
CA SER A 80 7.11 26.07 48.65
C SER A 80 6.78 27.30 49.49
N ARG A 81 7.82 28.05 49.84
CA ARG A 81 7.67 29.18 50.76
C ARG A 81 6.73 30.23 50.19
N GLY A 82 7.14 30.86 49.08
CA GLY A 82 6.38 31.98 48.56
C GLY A 82 5.07 31.58 47.90
N LEU A 83 5.01 30.37 47.35
CA LEU A 83 3.82 29.96 46.60
C LEU A 83 2.59 29.88 47.49
N HIS A 84 2.74 29.30 48.69
CA HIS A 84 1.60 29.16 49.59
C HIS A 84 1.06 30.52 49.99
N GLU A 85 1.94 31.46 50.31
CA GLU A 85 1.48 32.82 50.61
C GLU A 85 0.82 33.45 49.39
N GLN A 86 1.36 33.19 48.20
CA GLN A 86 0.79 33.77 46.99
C GLN A 86 -0.64 33.29 46.75
N ILE A 87 -0.90 32.00 46.95
CA ILE A 87 -2.21 31.45 46.67
C ILE A 87 -3.09 31.51 47.92
N PHE A 88 -2.68 30.78 48.97
CA PHE A 88 -3.54 30.64 50.14
C PHE A 88 -3.36 31.80 51.11
N GLY A 89 -2.15 31.96 51.64
CA GLY A 89 -1.91 32.92 52.70
C GLY A 89 -2.00 32.26 54.07
N GLN A 90 -0.97 32.48 54.90
CA GLN A 90 -0.90 31.84 56.22
C GLN A 90 -1.87 32.52 57.17
N GLY A 91 -3.16 32.34 56.90
CA GLY A 91 -4.19 32.89 57.75
C GLY A 91 -5.50 32.16 57.47
N GLY A 92 -6.43 32.27 58.43
CA GLY A 92 -7.74 31.67 58.27
C GLY A 92 -7.71 30.16 58.15
N GLU A 93 -6.85 29.50 58.92
CA GLU A 93 -6.74 28.05 58.90
C GLU A 93 -6.48 27.54 60.31
N MET A 94 -6.95 26.34 60.58
CA MET A 94 -6.68 25.69 61.85
C MET A 94 -5.69 24.55 61.65
N PRO A 95 -4.79 24.30 62.62
CA PRO A 95 -3.88 23.16 62.47
C PRO A 95 -4.64 21.85 62.60
N GLY A 96 -5.44 21.52 61.60
CA GLY A 96 -6.34 20.40 61.74
C GLY A 96 -7.32 20.66 62.87
N GLU A 97 -7.63 19.61 63.62
CA GLU A 97 -8.43 19.72 64.83
C GLU A 97 -7.58 19.64 66.09
N ALA A 98 -6.29 19.96 65.97
CA ALA A 98 -5.34 19.85 67.08
C ALA A 98 -5.22 18.41 67.58
N ALA A 99 -5.55 17.44 66.73
CA ALA A 99 -5.49 16.04 67.12
C ALA A 99 -5.17 15.19 65.89
N VAL A 100 -4.16 14.34 66.01
CA VAL A 100 -3.78 13.38 64.98
C VAL A 100 -3.85 11.96 65.52
N ARG A 101 -4.57 11.76 66.63
CA ARG A 101 -4.56 10.46 67.31
C ARG A 101 -5.12 9.37 66.41
N ARG A 102 -6.28 9.60 65.80
CA ARG A 102 -6.91 8.57 64.99
C ARG A 102 -6.03 8.22 63.78
N SER A 103 -5.48 9.23 63.11
CA SER A 103 -4.67 8.98 61.93
C SER A 103 -3.43 8.17 62.30
N VAL A 104 -2.73 8.56 63.36
CA VAL A 104 -1.53 7.84 63.77
C VAL A 104 -1.88 6.42 64.18
N GLU A 105 -2.97 6.25 64.92
CA GLU A 105 -3.35 4.90 65.35
C GLU A 105 -3.65 4.01 64.15
N HIS A 106 -4.40 4.51 63.18
CA HIS A 106 -4.71 3.70 62.01
C HIS A 106 -3.46 3.40 61.19
N LEU A 107 -2.59 4.40 60.99
CA LEU A 107 -1.36 4.16 60.25
C LEU A 107 -0.41 3.23 60.99
N GLN A 108 -0.58 3.09 62.31
CA GLN A 108 0.23 2.16 63.09
C GLN A 108 -0.31 0.74 63.01
N LYS A 109 -1.63 0.57 63.17
CA LYS A 109 -2.19 -0.78 63.13
C LYS A 109 -1.98 -1.41 61.76
N HIS A 110 -2.15 -0.64 60.69
CA HIS A 110 -1.91 -1.16 59.35
C HIS A 110 -0.44 -1.44 59.10
N GLY A 111 0.45 -0.93 59.94
CA GLY A 111 1.87 -1.09 59.72
C GLY A 111 2.37 -0.39 58.48
N LEU A 112 1.88 0.82 58.20
CA LEU A 112 2.24 1.56 57.00
C LEU A 112 2.96 2.87 57.33
N TRP A 113 3.67 2.92 58.45
CA TRP A 113 4.40 4.12 58.85
C TRP A 113 5.84 4.10 58.34
N GLY A 114 6.01 3.85 57.04
CA GLY A 114 7.31 4.03 56.42
C GLY A 114 7.62 5.50 56.22
N GLN A 115 8.91 5.82 56.22
CA GLN A 115 9.39 7.20 56.15
C GLN A 115 10.49 7.34 55.10
N PRO A 116 10.17 7.12 53.81
CA PRO A 116 11.08 7.47 52.72
C PRO A 116 10.86 8.89 52.21
N ALA A 117 10.87 9.86 53.14
CA ALA A 117 10.52 11.24 52.82
C ALA A 117 11.75 12.02 52.40
N VAL A 118 12.18 11.78 51.16
CA VAL A 118 13.29 12.51 50.57
C VAL A 118 12.75 13.81 49.98
N PRO A 119 13.23 14.97 50.44
CA PRO A 119 12.67 16.23 49.93
C PRO A 119 12.99 16.43 48.46
N LEU A 120 12.07 17.14 47.78
CA LEU A 120 12.23 17.51 46.39
C LEU A 120 12.59 18.98 46.27
N PRO A 121 13.52 19.35 45.39
CA PRO A 121 13.96 20.75 45.32
C PRO A 121 12.79 21.69 45.08
N ASP A 122 12.81 22.83 45.77
CA ASP A 122 11.74 23.81 45.70
C ASP A 122 12.17 25.00 44.86
N VAL A 123 11.19 25.61 44.20
CA VAL A 123 11.41 26.79 43.37
C VAL A 123 10.37 27.84 43.70
N GLU A 124 10.70 29.09 43.40
CA GLU A 124 9.84 30.23 43.72
C GLU A 124 9.60 31.03 42.45
N LEU A 125 8.33 31.25 42.12
CA LEU A 125 7.95 32.02 40.94
C LEU A 125 6.79 32.93 41.29
N ARG A 126 6.81 34.15 40.77
CA ARG A 126 5.73 35.11 41.00
C ARG A 126 4.52 34.69 40.17
N LEU A 127 3.49 34.21 40.86
CA LEU A 127 2.29 33.73 40.18
C LEU A 127 1.53 34.91 39.55
N PRO A 128 0.75 34.66 38.52
CA PRO A 128 -0.12 35.71 37.97
C PRO A 128 -1.08 36.21 39.01
N PRO A 129 -1.42 37.50 39.00
CA PRO A 129 -2.33 38.03 40.03
C PRO A 129 -3.68 37.32 40.00
N LEU A 130 -4.24 37.10 41.18
CA LEU A 130 -5.54 36.47 41.33
C LEU A 130 -6.58 37.51 41.70
N TYR A 131 -7.85 37.12 41.61
CA TYR A 131 -8.97 38.01 41.86
C TYR A 131 -9.83 37.45 42.99
N GLY A 132 -10.44 38.37 43.75
CA GLY A 132 -11.32 37.98 44.82
C GLY A 132 -10.55 37.58 46.08
N ASP A 133 -11.32 37.21 47.10
CA ASP A 133 -10.73 36.86 48.38
C ASP A 133 -9.90 35.58 48.28
N ASN A 134 -10.46 34.54 47.66
CA ASN A 134 -9.83 33.23 47.60
C ASN A 134 -9.88 32.70 46.18
N LEU A 135 -9.35 31.49 46.00
CA LEU A 135 -9.23 30.90 44.66
C LEU A 135 -10.59 30.64 44.04
N ASP A 136 -11.56 30.21 44.85
CA ASP A 136 -12.89 29.90 44.31
C ASP A 136 -13.52 31.13 43.68
N GLN A 137 -13.42 32.29 44.33
CA GLN A 137 -13.96 33.51 43.75
C GLN A 137 -13.20 33.92 42.49
N HIS A 138 -11.90 33.71 42.45
CA HIS A 138 -11.13 33.99 41.23
C HIS A 138 -11.64 33.14 40.08
N PHE A 139 -11.82 31.84 40.33
CA PHE A 139 -12.32 30.94 39.28
C PHE A 139 -13.72 31.34 38.84
N ARG A 140 -14.59 31.66 39.80
CA ARG A 140 -15.94 32.10 39.45
C ARG A 140 -15.90 33.36 38.60
N LEU A 141 -15.03 34.31 38.96
CA LEU A 141 -14.93 35.55 38.20
C LEU A 141 -14.52 35.29 36.77
N LEU A 142 -13.48 34.45 36.58
CA LEU A 142 -13.05 34.18 35.21
C LEU A 142 -14.11 33.40 34.44
N ALA A 143 -14.81 32.48 35.09
CA ALA A 143 -15.85 31.73 34.41
C ALA A 143 -16.99 32.65 33.97
N GLN A 144 -17.40 33.58 34.83
CA GLN A 144 -18.42 34.55 34.44
C GLN A 144 -17.94 35.42 33.29
N LYS A 145 -16.71 35.93 33.37
CA LYS A 145 -16.19 36.77 32.30
C LYS A 145 -16.10 36.02 30.99
N GLN A 146 -15.96 34.69 31.03
CA GLN A 146 -15.91 33.90 29.80
C GLN A 146 -17.30 33.56 29.27
N SER A 147 -18.25 33.28 30.15
CA SER A 147 -19.55 32.75 29.76
C SER A 147 -20.65 33.79 29.69
N LEU A 148 -20.34 35.06 29.99
CA LEU A 148 -21.40 36.08 29.93
C LEU A 148 -21.96 36.24 28.52
N PRO A 149 -21.15 36.47 27.48
CA PRO A 149 -21.73 36.78 26.17
C PRO A 149 -22.62 35.68 25.62
N TYR A 150 -22.26 34.41 25.83
CA TYR A 150 -23.02 33.33 25.22
C TYR A 150 -24.31 33.06 25.96
N LEU A 151 -24.32 33.20 27.29
CA LEU A 151 -25.57 33.16 28.02
C LEU A 151 -26.47 34.31 27.60
N GLU A 152 -25.88 35.49 27.41
CA GLU A 152 -26.67 36.63 26.94
C GLU A 152 -27.31 36.33 25.59
N ALA A 153 -26.53 35.75 24.67
CA ALA A 153 -27.07 35.42 23.35
C ALA A 153 -28.18 34.39 23.45
N ALA A 154 -27.99 33.36 24.28
CA ALA A 154 -29.04 32.34 24.44
C ALA A 154 -30.31 32.95 25.02
N ASN A 155 -30.18 33.96 25.88
CA ASN A 155 -31.37 34.63 26.40
C ASN A 155 -32.20 35.22 25.27
N LEU A 156 -31.56 35.68 24.20
CA LEU A 156 -32.30 36.20 23.06
C LEU A 156 -33.16 35.11 22.42
N LEU A 157 -32.58 33.91 22.25
CA LEU A 157 -33.38 32.79 21.77
C LEU A 157 -34.54 32.49 22.72
N LEU A 158 -34.30 32.63 24.02
CA LEU A 158 -35.38 32.41 24.99
C LEU A 158 -36.51 33.42 24.78
N GLN A 159 -36.18 34.69 24.56
CA GLN A 159 -37.19 35.74 24.59
C GLN A 159 -38.07 35.73 23.34
N ALA A 160 -37.46 35.57 22.17
CA ALA A 160 -38.12 35.94 20.92
C ALA A 160 -39.09 34.86 20.44
N GLN A 161 -39.97 35.28 19.53
CA GLN A 161 -40.88 34.40 18.81
C GLN A 161 -40.82 34.75 17.33
N LEU A 162 -41.12 33.76 16.48
CA LEU A 162 -40.92 33.92 15.05
C LEU A 162 -42.18 33.55 14.28
N PRO A 163 -42.37 34.13 13.10
CA PRO A 163 -43.57 33.82 12.30
C PRO A 163 -43.55 32.39 11.80
N PRO A 164 -44.61 31.95 11.14
CA PRO A 164 -44.64 30.58 10.62
C PRO A 164 -43.73 30.42 9.41
N LYS A 165 -43.58 29.16 8.98
CA LYS A 165 -42.66 28.85 7.89
C LYS A 165 -43.21 29.40 6.57
N PRO A 166 -42.33 29.62 5.59
CA PRO A 166 -42.80 30.19 4.32
C PRO A 166 -43.68 29.21 3.58
N PRO A 167 -44.58 29.69 2.73
CA PRO A 167 -45.39 28.77 1.92
C PRO A 167 -44.57 27.89 1.00
N ALA A 168 -43.45 28.40 0.47
CA ALA A 168 -42.61 27.65 -0.45
C ALA A 168 -41.15 27.89 -0.12
N TRP A 169 -40.31 26.97 -0.57
CA TRP A 169 -38.86 27.03 -0.35
C TRP A 169 -38.17 27.54 -1.59
N ALA A 170 -37.23 28.46 -1.41
CA ALA A 170 -36.58 29.11 -2.53
C ALA A 170 -35.62 28.16 -3.24
N TRP A 171 -35.22 28.56 -4.45
CA TRP A 171 -34.30 27.80 -5.31
C TRP A 171 -33.24 28.78 -5.81
N ALA A 172 -32.15 28.92 -5.06
CA ALA A 172 -31.10 29.86 -5.41
C ALA A 172 -29.78 29.29 -4.91
N GLU A 173 -28.74 30.13 -4.88
CA GLU A 173 -27.41 29.75 -4.45
C GLU A 173 -27.08 30.49 -3.15
N GLY A 174 -26.65 29.76 -2.15
CA GLY A 174 -26.22 30.37 -0.90
C GLY A 174 -27.39 30.55 0.07
N TRP A 175 -27.46 31.72 0.71
CA TRP A 175 -28.38 31.99 1.80
C TRP A 175 -29.54 32.86 1.34
N THR A 176 -30.75 32.51 1.77
CA THR A 176 -31.91 33.36 1.55
C THR A 176 -32.67 33.52 2.86
N ARG A 177 -33.12 34.74 3.12
CA ARG A 177 -33.89 35.08 4.31
C ARG A 177 -35.36 35.21 3.94
N TYR A 178 -36.23 34.58 4.72
CA TYR A 178 -37.66 34.57 4.44
C TYR A 178 -38.36 35.62 5.29
N GLY A 179 -39.10 36.51 4.63
CA GLY A 179 -39.80 37.57 5.31
C GLY A 179 -41.04 37.07 6.03
N PRO A 180 -41.81 37.98 6.61
CA PRO A 180 -42.99 37.55 7.38
C PRO A 180 -43.99 36.75 6.56
N GLU A 181 -44.13 37.03 5.27
CA GLU A 181 -45.12 36.38 4.43
C GLU A 181 -44.48 35.53 3.34
N GLY A 182 -43.25 35.06 3.58
CA GLY A 182 -42.58 34.19 2.65
C GLY A 182 -41.76 34.87 1.57
N GLU A 183 -41.72 36.20 1.55
CA GLU A 183 -40.94 36.92 0.55
C GLU A 183 -39.46 36.64 0.80
N ALA A 184 -38.86 35.80 -0.05
CA ALA A 184 -37.48 35.38 0.11
C ALA A 184 -36.55 36.40 -0.54
N VAL A 185 -35.54 36.84 0.21
CA VAL A 185 -34.55 37.79 -0.28
C VAL A 185 -33.17 37.15 -0.10
N PRO A 186 -32.34 37.09 -1.14
CA PRO A 186 -31.00 36.53 -0.96
C PRO A 186 -30.17 37.40 -0.02
N VAL A 187 -29.37 36.73 0.81
CA VAL A 187 -28.50 37.40 1.77
C VAL A 187 -27.14 36.73 1.74
N ALA A 188 -26.11 37.50 2.11
CA ALA A 188 -24.75 36.96 2.13
C ALA A 188 -24.55 36.03 3.33
N ILE A 189 -25.11 36.38 4.48
CA ILE A 189 -24.89 35.63 5.71
C ILE A 189 -26.08 35.86 6.63
N PRO A 190 -26.45 34.90 7.48
CA PRO A 190 -27.59 35.14 8.38
C PRO A 190 -27.45 36.39 9.22
N GLU A 191 -26.25 36.71 9.69
CA GLU A 191 -25.98 37.97 10.38
C GLU A 191 -26.81 38.08 11.67
N GLU A 192 -26.61 37.10 12.55
CA GLU A 192 -27.29 37.07 13.84
C GLU A 192 -26.34 36.49 14.88
N ARG A 193 -26.44 37.01 16.10
CA ARG A 193 -25.69 36.46 17.23
C ARG A 193 -26.50 35.40 17.96
N ALA A 194 -27.08 34.48 17.18
CA ALA A 194 -27.86 33.36 17.70
C ALA A 194 -28.36 32.53 16.53
N LEU A 195 -28.62 31.24 16.73
CA LEU A 195 -29.11 30.42 15.64
C LEU A 195 -29.47 29.04 16.17
N VAL A 196 -30.40 28.39 15.48
CA VAL A 196 -30.68 26.97 15.65
C VAL A 196 -30.54 26.36 14.26
N PHE A 197 -29.54 25.51 14.07
CA PHE A 197 -29.06 25.14 12.75
C PHE A 197 -29.15 23.63 12.55
N ASP A 198 -29.58 23.22 11.35
CA ASP A 198 -29.55 21.83 10.93
C ASP A 198 -28.93 21.76 9.54
N VAL A 199 -28.17 20.71 9.30
CA VAL A 199 -27.44 20.52 8.05
C VAL A 199 -27.74 19.13 7.51
N GLU A 200 -27.97 19.04 6.20
CA GLU A 200 -28.20 17.79 5.51
C GLU A 200 -27.12 17.58 4.46
N VAL A 201 -26.73 16.33 4.25
CA VAL A 201 -25.66 16.00 3.32
C VAL A 201 -26.10 14.82 2.45
N CYS A 202 -25.77 14.90 1.17
CA CYS A 202 -26.04 13.83 0.22
C CYS A 202 -24.92 12.81 0.34
N LEU A 203 -25.20 11.70 1.02
CA LEU A 203 -24.15 10.71 1.30
C LEU A 203 -23.59 10.09 0.03
N ALA A 204 -24.44 9.84 -0.96
CA ALA A 204 -23.99 9.16 -2.17
C ALA A 204 -22.89 9.94 -2.88
N GLU A 205 -23.06 11.27 -3.00
CA GLU A 205 -22.07 12.08 -3.71
C GLU A 205 -20.77 12.14 -2.93
N GLY A 206 -20.84 12.43 -1.64
CA GLY A 206 -19.64 12.58 -0.82
C GLY A 206 -19.92 13.17 0.54
N THR A 207 -19.14 14.19 0.92
CA THR A 207 -19.28 14.84 2.22
C THR A 207 -19.68 16.31 2.11
N CYS A 208 -19.85 16.84 0.91
CA CYS A 208 -20.21 18.24 0.76
C CYS A 208 -21.66 18.45 1.19
N PRO A 209 -21.94 19.39 2.09
CA PRO A 209 -23.33 19.60 2.52
C PRO A 209 -24.22 20.01 1.36
N THR A 210 -25.47 19.53 1.39
CA THR A 210 -26.41 19.77 0.30
C THR A 210 -27.32 20.97 0.56
N LEU A 211 -27.98 21.01 1.72
CA LEU A 211 -28.88 22.11 2.04
C LEU A 211 -29.02 22.21 3.55
N ALA A 212 -29.49 23.36 4.00
CA ALA A 212 -29.66 23.59 5.44
C ALA A 212 -30.76 24.60 5.68
N VAL A 213 -31.31 24.59 6.89
CA VAL A 213 -32.30 25.57 7.33
C VAL A 213 -31.93 26.02 8.73
N ALA A 214 -32.06 27.33 8.97
CA ALA A 214 -31.69 27.93 10.25
C ALA A 214 -32.84 28.75 10.80
N ILE A 215 -33.06 28.63 12.10
CA ILE A 215 -34.10 29.36 12.81
C ILE A 215 -33.44 30.53 13.54
N SER A 216 -33.82 31.74 13.17
CA SER A 216 -33.36 32.96 13.83
C SER A 216 -34.46 33.51 14.71
N PRO A 217 -34.12 34.35 15.70
CA PRO A 217 -35.16 34.88 16.58
C PRO A 217 -36.27 35.62 15.85
N SER A 218 -35.97 36.19 14.68
CA SER A 218 -36.93 37.03 13.97
C SER A 218 -37.26 36.55 12.56
N ALA A 219 -36.53 35.57 12.02
CA ALA A 219 -36.72 35.20 10.62
C ALA A 219 -36.27 33.76 10.40
N TRP A 220 -36.67 33.22 9.26
CA TRP A 220 -36.24 31.91 8.79
C TRP A 220 -35.15 32.07 7.74
N TYR A 221 -34.22 31.11 7.71
CA TYR A 221 -33.13 31.15 6.76
C TYR A 221 -32.99 29.78 6.10
N SER A 222 -32.64 29.77 4.82
CA SER A 222 -32.39 28.53 4.10
C SER A 222 -31.14 28.69 3.25
N TRP A 223 -30.28 27.68 3.27
CA TRP A 223 -29.05 27.64 2.49
C TRP A 223 -29.13 26.51 1.49
N CYS A 224 -28.91 26.85 0.22
CA CYS A 224 -28.91 25.90 -0.88
C CYS A 224 -27.51 25.83 -1.50
N SER A 225 -27.01 24.62 -1.68
CA SER A 225 -25.64 24.41 -2.12
C SER A 225 -25.48 24.77 -3.60
N GLN A 226 -24.25 25.11 -3.97
CA GLN A 226 -23.93 25.34 -5.37
C GLN A 226 -23.99 24.06 -6.18
N ARG A 227 -23.60 22.93 -5.58
CA ARG A 227 -23.64 21.65 -6.27
C ARG A 227 -25.06 21.16 -6.56
N LEU A 228 -26.06 21.76 -5.94
CA LEU A 228 -27.43 21.26 -6.05
C LEU A 228 -28.22 21.91 -7.19
N VAL A 229 -28.00 23.20 -7.45
CA VAL A 229 -28.77 23.91 -8.46
C VAL A 229 -28.02 24.07 -9.77
N GLU A 230 -26.77 23.61 -9.84
CA GLU A 230 -25.98 23.67 -11.06
C GLU A 230 -25.51 22.26 -11.41
N GLU A 231 -25.55 21.95 -12.71
CA GLU A 231 -25.17 20.63 -13.21
C GLU A 231 -23.80 20.71 -13.87
N ARG A 232 -22.90 19.83 -13.42
CA ARG A 232 -21.54 19.79 -13.94
C ARG A 232 -21.13 18.34 -14.16
N TYR A 233 -20.15 18.16 -15.05
CA TYR A 233 -19.67 16.80 -15.33
C TYR A 233 -19.02 16.18 -14.10
N SER A 234 -18.24 16.94 -13.36
CA SER A 234 -17.55 16.42 -12.19
C SER A 234 -17.21 17.55 -11.24
N TRP A 235 -16.97 17.19 -9.98
CA TRP A 235 -16.59 18.13 -8.94
C TRP A 235 -15.32 17.65 -8.25
N THR A 236 -14.55 18.58 -7.74
CA THR A 236 -13.36 18.22 -6.98
C THR A 236 -13.73 17.34 -5.80
N SER A 237 -12.97 16.26 -5.61
CA SER A 237 -13.17 15.37 -4.48
C SER A 237 -12.31 15.74 -3.28
N GLN A 238 -11.45 16.74 -3.41
CA GLN A 238 -10.64 17.26 -2.31
C GLN A 238 -11.35 18.47 -1.73
N LEU A 239 -11.95 18.33 -0.56
CA LEU A 239 -12.77 19.39 0.01
C LEU A 239 -11.91 20.61 0.33
N SER A 240 -12.51 21.78 0.16
CA SER A 240 -11.86 23.06 0.38
C SER A 240 -12.81 23.95 1.18
N PRO A 241 -12.27 24.96 1.87
CA PRO A 241 -13.16 25.86 2.62
C PRO A 241 -14.18 26.58 1.74
N ALA A 242 -13.91 26.73 0.44
CA ALA A 242 -14.83 27.40 -0.47
C ALA A 242 -16.03 26.54 -0.84
N ASP A 243 -16.14 25.33 -0.29
CA ASP A 243 -17.25 24.43 -0.57
C ASP A 243 -17.97 24.04 0.71
N LEU A 244 -18.12 24.98 1.64
CA LEU A 244 -18.76 24.76 2.93
C LEU A 244 -19.76 25.86 3.19
N ILE A 245 -20.55 25.68 4.25
CA ILE A 245 -21.58 26.64 4.64
C ILE A 245 -20.93 27.79 5.39
N PRO A 246 -21.08 29.03 4.94
CA PRO A 246 -20.44 30.15 5.63
C PRO A 246 -21.31 30.76 6.73
N LEU A 247 -20.62 31.14 7.81
CA LEU A 247 -21.24 31.89 8.90
C LEU A 247 -20.30 32.99 9.40
N GLU A 248 -19.49 33.54 8.49
CA GLU A 248 -18.46 34.50 8.86
C GLU A 248 -19.07 35.84 9.23
N VAL A 249 -18.53 36.46 10.28
CA VAL A 249 -18.93 37.80 10.69
C VAL A 249 -17.66 38.62 10.90
N PRO A 250 -17.06 39.19 9.84
CA PRO A 250 -15.75 39.83 9.99
C PRO A 250 -15.80 41.10 10.83
N THR A 251 -14.65 41.74 10.97
CA THR A 251 -14.56 43.00 11.73
C THR A 251 -13.49 43.90 11.11
N TRP A 261 -22.31 40.46 20.32
CA TRP A 261 -21.64 41.10 19.20
C TRP A 261 -20.77 40.08 18.45
N GLN A 262 -19.44 40.15 18.63
CA GLN A 262 -18.56 39.22 17.93
C GLN A 262 -18.69 37.81 18.48
N GLU A 263 -19.09 37.68 19.74
CA GLU A 263 -19.22 36.37 20.39
C GLU A 263 -20.52 35.73 19.91
N GLN A 264 -20.41 34.95 18.84
CA GLN A 264 -21.56 34.32 18.23
C GLN A 264 -21.84 32.96 18.87
N LEU A 265 -23.12 32.60 18.91
CA LEU A 265 -23.57 31.34 19.49
C LEU A 265 -24.38 30.57 18.46
N VAL A 266 -24.14 29.27 18.37
CA VAL A 266 -24.87 28.38 17.49
C VAL A 266 -25.40 27.21 18.31
N VAL A 267 -26.68 26.91 18.13
CA VAL A 267 -27.35 25.83 18.85
C VAL A 267 -27.85 24.80 17.85
N GLY A 268 -27.88 23.53 18.27
CA GLY A 268 -28.36 22.49 17.40
C GLY A 268 -28.41 21.16 18.14
N HIS A 269 -28.94 20.16 17.45
CA HIS A 269 -29.03 18.80 17.95
C HIS A 269 -27.94 17.97 17.28
N ASN A 270 -27.09 17.33 18.08
CA ASN A 270 -25.89 16.68 17.57
C ASN A 270 -25.06 17.69 16.79
N VAL A 271 -24.88 18.88 17.38
CA VAL A 271 -24.37 20.04 16.67
C VAL A 271 -22.94 19.88 16.20
N SER A 272 -22.22 18.83 16.63
CA SER A 272 -20.88 18.61 16.13
C SER A 272 -20.90 18.33 14.63
N PHE A 273 -21.86 17.51 14.18
CA PHE A 273 -21.98 17.22 12.76
C PHE A 273 -22.18 18.50 11.96
N ASP A 274 -23.10 19.36 12.41
CA ASP A 274 -23.34 20.62 11.71
C ASP A 274 -22.13 21.55 11.77
N ARG A 275 -21.44 21.58 12.91
CA ARG A 275 -20.23 22.39 13.01
C ARG A 275 -19.16 21.93 12.04
N ALA A 276 -19.12 20.63 11.74
CA ALA A 276 -18.11 20.12 10.81
C ALA A 276 -18.27 20.70 9.40
N HIS A 277 -19.41 21.31 9.08
CA HIS A 277 -19.70 21.80 7.74
C HIS A 277 -19.76 23.33 7.69
N ILE A 278 -18.84 23.99 8.40
CA ILE A 278 -18.79 25.44 8.44
C ILE A 278 -17.48 25.92 7.83
N ARG A 279 -17.56 26.99 7.04
CA ARG A 279 -16.42 27.42 6.25
C ARG A 279 -15.26 27.87 7.13
N GLU A 280 -15.51 28.78 8.07
CA GLU A 280 -14.45 29.42 8.84
C GLU A 280 -14.08 28.65 10.11
N GLN A 281 -14.71 27.51 10.36
CA GLN A 281 -14.36 26.73 11.54
C GLN A 281 -12.98 26.10 11.45
N TYR A 282 -12.38 26.08 10.26
CA TYR A 282 -11.07 25.45 10.06
C TYR A 282 -9.92 26.43 10.14
N LEU A 283 -10.19 27.72 10.32
CA LEU A 283 -9.12 28.70 10.42
C LEU A 283 -8.26 28.42 11.65
N ILE A 284 -6.94 28.57 11.49
CA ILE A 284 -6.02 28.26 12.58
C ILE A 284 -6.28 29.19 13.76
N GLN A 285 -6.48 30.48 13.49
CA GLN A 285 -6.71 31.43 14.57
C GLN A 285 -7.98 31.08 15.33
N GLY A 286 -7.95 31.27 16.63
CA GLY A 286 -9.08 30.95 17.47
C GLY A 286 -10.35 31.67 17.03
N SER A 287 -11.43 30.92 16.85
CA SER A 287 -12.70 31.49 16.45
C SER A 287 -13.51 31.86 17.68
N ARG A 288 -13.99 33.10 17.73
CA ARG A 288 -14.77 33.56 18.88
C ARG A 288 -16.17 32.94 18.91
N MET A 289 -16.63 32.34 17.82
CA MET A 289 -17.93 31.68 17.82
C MET A 289 -17.84 30.37 18.59
N ARG A 290 -18.89 30.08 19.35
CA ARG A 290 -18.99 28.85 20.13
C ARG A 290 -20.26 28.11 19.74
N PHE A 291 -20.31 26.83 20.10
CA PHE A 291 -21.40 25.96 19.70
C PHE A 291 -21.99 25.25 20.92
N LEU A 292 -23.27 24.94 20.84
CA LEU A 292 -24.02 24.33 21.93
C LEU A 292 -24.90 23.23 21.36
N ASP A 293 -24.98 22.11 22.06
CA ASP A 293 -25.72 20.95 21.61
C ASP A 293 -26.85 20.63 22.57
N THR A 294 -28.00 20.24 22.01
CA THR A 294 -29.14 19.86 22.83
C THR A 294 -28.98 18.47 23.45
N MET A 295 -28.36 17.54 22.72
CA MET A 295 -28.13 16.21 23.29
C MET A 295 -27.19 16.26 24.48
N SER A 296 -26.18 17.13 24.44
CA SER A 296 -25.29 17.27 25.59
C SER A 296 -26.06 17.71 26.83
N MET A 297 -26.91 18.73 26.67
CA MET A 297 -27.71 19.19 27.80
C MET A 297 -28.68 18.12 28.26
N HIS A 298 -29.30 17.39 27.32
CA HIS A 298 -30.21 16.32 27.72
C HIS A 298 -29.48 15.27 28.54
N MET A 299 -28.28 14.89 28.11
CA MET A 299 -27.50 13.91 28.87
C MET A 299 -27.15 14.47 30.25
N ALA A 300 -26.76 15.75 30.31
CA ALA A 300 -26.36 16.33 31.58
C ALA A 300 -27.53 16.39 32.56
N ILE A 301 -28.71 16.74 32.09
CA ILE A 301 -29.86 16.99 32.98
C ILE A 301 -30.63 15.70 33.22
N SER A 302 -31.18 15.12 32.17
CA SER A 302 -32.05 13.96 32.26
C SER A 302 -31.57 12.83 31.37
N GLY A 303 -30.26 12.63 31.30
CA GLY A 303 -29.69 11.58 30.49
C GLY A 303 -29.94 10.20 31.08
N LEU A 304 -29.40 9.20 30.40
CA LEU A 304 -29.50 7.81 30.81
C LEU A 304 -28.13 7.17 30.78
N SER A 305 -27.87 6.30 31.75
CA SER A 305 -26.64 5.52 31.74
C SER A 305 -26.71 4.46 30.65
N SER A 306 -25.53 3.95 30.27
CA SER A 306 -25.48 2.92 29.23
C SER A 306 -26.35 1.73 29.59
N PHE A 307 -26.50 1.44 30.88
CA PHE A 307 -27.41 0.39 31.31
C PHE A 307 -28.87 0.84 31.21
N GLN A 308 -29.13 2.12 31.53
CA GLN A 308 -30.51 2.60 31.56
C GLN A 308 -31.13 2.63 30.17
N ARG A 309 -30.33 2.93 29.14
CA ARG A 309 -30.88 3.20 27.82
C ARG A 309 -31.60 1.98 27.24
N SER A 310 -30.98 0.80 27.37
CA SER A 310 -31.57 -0.40 26.79
C SER A 310 -32.90 -0.72 27.44
N LEU A 311 -32.98 -0.65 28.77
CA LEU A 311 -34.24 -0.92 29.45
C LEU A 311 -35.28 0.13 29.09
N TRP A 312 -34.86 1.40 29.00
CA TRP A 312 -35.80 2.46 28.65
C TRP A 312 -36.41 2.22 27.28
N ILE A 313 -35.59 1.82 26.31
CA ILE A 313 -36.13 1.56 24.96
C ILE A 313 -36.99 0.30 24.97
N ALA A 314 -36.53 -0.77 25.61
CA ALA A 314 -37.25 -2.03 25.58
C ALA A 314 -38.63 -1.91 26.24
N ALA A 315 -38.69 -1.26 27.40
CA ALA A 315 -39.97 -1.09 28.07
C ALA A 315 -40.91 -0.22 27.26
N LYS A 316 -40.40 0.84 26.64
CA LYS A 316 -41.22 1.72 25.81
C LYS A 316 -41.83 0.94 24.66
N ALA A 341 -33.43 -1.57 36.87
CA ALA A 341 -34.72 -1.36 37.50
C ALA A 341 -35.43 -2.69 37.73
N ILE A 342 -35.52 -3.10 38.99
CA ILE A 342 -36.16 -4.35 39.35
C ILE A 342 -37.23 -4.11 40.41
N SER A 343 -37.21 -2.91 41.01
CA SER A 343 -38.19 -2.55 42.04
C SER A 343 -38.78 -1.17 41.87
N SER A 344 -38.13 -0.25 41.15
CA SER A 344 -38.63 1.10 40.98
C SER A 344 -38.61 1.47 39.50
N TRP A 345 -39.67 2.17 39.06
CA TRP A 345 -39.79 2.59 37.67
C TRP A 345 -40.22 4.06 37.55
N ASP A 346 -40.13 4.82 38.63
CA ASP A 346 -40.49 6.23 38.56
C ASP A 346 -39.61 7.00 37.59
N TRP A 347 -38.38 6.54 37.36
CA TRP A 347 -37.47 7.18 36.42
C TRP A 347 -37.90 7.01 34.97
N LEU A 348 -38.85 6.12 34.69
CA LEU A 348 -39.16 5.77 33.31
C LEU A 348 -39.72 6.94 32.50
N ASP A 349 -40.29 7.95 33.16
CA ASP A 349 -40.98 9.03 32.48
C ASP A 349 -40.29 10.38 32.68
N ILE A 350 -38.97 10.38 32.90
CA ILE A 350 -38.22 11.61 33.05
C ILE A 350 -36.94 11.62 32.21
N SER A 351 -36.81 10.68 31.28
CA SER A 351 -35.61 10.60 30.44
C SER A 351 -35.98 10.20 29.03
N SER A 352 -35.23 10.74 28.07
CA SER A 352 -35.41 10.47 26.66
C SER A 352 -34.24 9.62 26.16
N VAL A 353 -34.21 9.38 24.85
CA VAL A 353 -33.20 8.49 24.27
C VAL A 353 -33.01 8.84 22.80
N ASN A 354 -31.77 8.67 22.33
CA ASN A 354 -31.45 8.68 20.91
C ASN A 354 -32.01 9.90 20.16
N SER A 355 -33.03 9.67 19.33
CA SER A 355 -33.43 10.66 18.35
C SER A 355 -33.99 11.91 19.02
N LEU A 356 -33.97 13.02 18.26
CA LEU A 356 -34.56 14.26 18.74
C LEU A 356 -36.07 14.11 18.97
N ALA A 357 -36.69 13.14 18.30
CA ALA A 357 -38.13 12.94 18.46
C ALA A 357 -38.47 12.61 19.91
N GLU A 358 -37.71 11.69 20.52
CA GLU A 358 -37.98 11.32 21.91
C GLU A 358 -37.67 12.47 22.86
N VAL A 359 -36.62 13.24 22.58
CA VAL A 359 -36.31 14.39 23.40
C VAL A 359 -37.46 15.40 23.38
N HIS A 360 -38.00 15.66 22.19
CA HIS A 360 -39.12 16.59 22.08
C HIS A 360 -40.36 16.03 22.76
N ARG A 361 -40.60 14.71 22.62
CA ARG A 361 -41.73 14.10 23.30
C ARG A 361 -41.63 14.28 24.81
N LEU A 362 -40.45 14.05 25.37
CA LEU A 362 -40.28 14.17 26.82
C LEU A 362 -40.41 15.62 27.27
N TYR A 363 -39.63 16.51 26.68
CA TYR A 363 -39.51 17.86 27.23
C TYR A 363 -40.72 18.73 26.92
N VAL A 364 -41.31 18.56 25.73
CA VAL A 364 -42.43 19.38 25.30
C VAL A 364 -43.66 18.52 25.11
N GLY A 365 -43.59 17.57 24.19
CA GLY A 365 -44.72 16.73 23.87
C GLY A 365 -45.68 17.40 22.90
N GLY A 366 -46.56 16.58 22.34
CA GLY A 366 -47.53 17.06 21.38
C GLY A 366 -47.56 16.19 20.13
N PRO A 367 -47.58 16.81 18.95
CA PRO A 367 -47.67 16.02 17.72
C PRO A 367 -46.39 15.22 17.49
N PRO A 368 -46.49 13.91 17.28
CA PRO A 368 -45.28 13.11 17.06
C PRO A 368 -44.55 13.55 15.81
N LEU A 369 -43.22 13.42 15.84
CA LEU A 369 -42.38 13.81 14.72
C LEU A 369 -42.35 12.69 13.70
N GLU A 370 -42.77 13.00 12.48
CA GLU A 370 -42.83 11.99 11.41
C GLU A 370 -41.43 11.77 10.83
N LYS A 371 -41.13 10.51 10.52
CA LYS A 371 -39.86 10.13 9.93
C LYS A 371 -40.05 9.83 8.45
N GLU A 372 -39.18 10.39 7.63
CA GLU A 372 -39.29 10.22 6.17
C GLU A 372 -39.04 8.75 5.82
N PRO A 373 -39.99 8.06 5.18
CA PRO A 373 -39.77 6.63 4.90
C PRO A 373 -38.80 6.38 3.76
N ARG A 374 -38.52 7.36 2.91
CA ARG A 374 -37.62 7.17 1.78
C ARG A 374 -36.16 7.46 2.13
N GLU A 375 -35.91 8.26 3.15
CA GLU A 375 -34.56 8.65 3.57
C GLU A 375 -33.68 8.93 2.35
N LEU A 376 -34.12 9.92 1.57
CA LEU A 376 -33.44 10.24 0.32
C LEU A 376 -31.99 10.64 0.55
N PHE A 377 -31.72 11.38 1.64
CA PHE A 377 -30.37 11.88 1.87
C PHE A 377 -29.36 10.78 2.15
N VAL A 378 -29.80 9.55 2.39
CA VAL A 378 -28.91 8.42 2.63
C VAL A 378 -28.97 7.42 1.47
N LYS A 379 -30.18 7.10 1.00
CA LYS A 379 -30.36 6.06 -0.01
C LYS A 379 -30.39 6.64 -1.42
N GLY A 380 -31.31 7.58 -1.67
CA GLY A 380 -31.49 8.09 -3.02
C GLY A 380 -30.28 8.87 -3.49
N THR A 381 -30.11 8.90 -4.81
CA THR A 381 -29.01 9.63 -5.42
C THR A 381 -29.33 11.12 -5.47
N MET A 382 -28.44 11.90 -6.07
CA MET A 382 -28.58 13.35 -6.07
C MET A 382 -29.73 13.81 -6.96
N LYS A 383 -29.93 13.15 -8.10
CA LYS A 383 -31.03 13.54 -8.98
C LYS A 383 -32.39 13.35 -8.30
N ASP A 384 -32.51 12.36 -7.42
CA ASP A 384 -33.73 12.22 -6.64
C ASP A 384 -33.97 13.43 -5.75
N ILE A 385 -32.91 13.94 -5.12
CA ILE A 385 -33.03 15.13 -4.29
C ILE A 385 -33.38 16.34 -5.13
N ARG A 386 -32.82 16.42 -6.33
CA ARG A 386 -33.04 17.60 -7.18
C ARG A 386 -34.52 17.85 -7.46
N GLU A 387 -35.35 16.81 -7.42
CA GLU A 387 -36.77 16.96 -7.71
C GLU A 387 -37.65 16.97 -6.47
N ASN A 388 -37.20 16.33 -5.38
CA ASN A 388 -37.93 16.30 -4.12
C ASN A 388 -37.50 17.42 -3.18
N PHE A 389 -37.06 18.55 -3.73
CA PHE A 389 -36.48 19.62 -2.90
C PHE A 389 -37.46 20.12 -1.85
N GLN A 390 -38.70 20.43 -2.28
CA GLN A 390 -39.65 21.05 -1.38
C GLN A 390 -39.98 20.12 -0.20
N ASP A 391 -40.32 18.86 -0.50
CA ASP A 391 -40.70 17.94 0.57
C ASP A 391 -39.55 17.70 1.53
N LEU A 392 -38.34 17.53 1.01
CA LEU A 392 -37.19 17.27 1.88
C LEU A 392 -36.89 18.46 2.77
N MET A 393 -36.94 19.68 2.22
CA MET A 393 -36.67 20.86 3.03
C MET A 393 -37.76 21.06 4.08
N GLN A 394 -39.02 20.81 3.73
CA GLN A 394 -40.08 20.91 4.72
C GLN A 394 -39.90 19.87 5.82
N TYR A 395 -39.47 18.66 5.45
CA TYR A 395 -39.16 17.65 6.46
C TYR A 395 -38.06 18.13 7.39
N CYS A 396 -37.02 18.75 6.83
CA CYS A 396 -35.89 19.16 7.63
C CYS A 396 -36.26 20.31 8.57
N ALA A 397 -37.17 21.18 8.15
CA ALA A 397 -37.58 22.30 9.01
C ALA A 397 -38.17 21.81 10.33
N GLN A 398 -38.81 20.63 10.32
CA GLN A 398 -39.39 20.09 11.55
C GLN A 398 -38.31 19.88 12.60
N ASP A 399 -37.13 19.40 12.18
CA ASP A 399 -36.05 19.15 13.12
C ASP A 399 -35.62 20.45 13.82
N VAL A 400 -35.46 21.53 13.06
CA VAL A 400 -35.02 22.78 13.67
C VAL A 400 -36.11 23.32 14.60
N TRP A 401 -37.38 23.19 14.21
CA TRP A 401 -38.46 23.64 15.10
C TRP A 401 -38.43 22.87 16.42
N ALA A 402 -38.28 21.54 16.33
CA ALA A 402 -38.24 20.73 17.55
C ALA A 402 -37.02 21.08 18.40
N THR A 403 -35.87 21.32 17.76
CA THR A 403 -34.67 21.69 18.52
C THR A 403 -34.89 23.01 19.25
N HIS A 404 -35.51 23.98 18.59
CA HIS A 404 -35.80 25.24 19.26
C HIS A 404 -36.70 25.04 20.46
N GLU A 405 -37.76 24.24 20.30
CA GLU A 405 -38.66 24.01 21.42
C GLU A 405 -37.95 23.34 22.59
N VAL A 406 -37.14 22.32 22.31
CA VAL A 406 -36.48 21.59 23.39
C VAL A 406 -35.44 22.47 24.06
N PHE A 407 -34.73 23.30 23.30
CA PHE A 407 -33.79 24.24 23.92
C PHE A 407 -34.52 25.21 24.84
N GLN A 408 -35.67 25.73 24.38
CA GLN A 408 -36.48 26.60 25.22
C GLN A 408 -36.82 25.91 26.54
N GLN A 409 -37.26 24.66 26.46
CA GLN A 409 -37.64 23.94 27.68
C GLN A 409 -36.44 23.45 28.48
N GLN A 410 -35.23 23.47 27.91
CA GLN A 410 -34.04 22.90 28.55
C GLN A 410 -33.21 23.93 29.29
N LEU A 411 -32.90 25.06 28.66
CA LEU A 411 -31.81 25.91 29.16
C LEU A 411 -31.95 26.26 30.64
N PRO A 412 -33.13 26.67 31.15
CA PRO A 412 -33.21 27.00 32.58
C PRO A 412 -32.81 25.85 33.48
N LEU A 413 -33.15 24.61 33.11
CA LEU A 413 -32.78 23.47 33.94
C LEU A 413 -31.27 23.33 34.04
N PHE A 414 -30.56 23.47 32.91
CA PHE A 414 -29.11 23.42 32.96
C PHE A 414 -28.55 24.56 33.79
N LEU A 415 -29.08 25.77 33.61
CA LEU A 415 -28.59 26.90 34.38
C LEU A 415 -28.83 26.72 35.88
N GLU A 416 -29.84 25.94 36.26
CA GLU A 416 -30.13 25.69 37.67
C GLU A 416 -29.31 24.55 38.25
N ARG A 417 -29.12 23.46 37.51
CA ARG A 417 -28.41 22.31 38.06
C ARG A 417 -26.93 22.63 38.28
N CYS A 418 -26.28 23.28 37.31
CA CYS A 418 -24.91 23.77 37.47
C CYS A 418 -24.95 25.28 37.63
N PRO A 419 -25.20 25.79 38.83
CA PRO A 419 -25.10 27.25 39.04
C PRO A 419 -23.68 27.77 38.90
N HIS A 420 -22.68 26.90 38.92
CA HIS A 420 -21.29 27.33 38.81
C HIS A 420 -20.97 27.66 37.36
N PRO A 421 -20.57 28.88 37.03
CA PRO A 421 -20.29 29.22 35.62
C PRO A 421 -19.14 28.43 35.03
N VAL A 422 -18.29 27.84 35.86
CA VAL A 422 -17.16 27.06 35.36
C VAL A 422 -17.66 25.93 34.47
N THR A 423 -18.77 25.29 34.87
CA THR A 423 -19.30 24.19 34.07
C THR A 423 -19.69 24.66 32.68
N LEU A 424 -20.39 25.80 32.59
CA LEU A 424 -20.81 26.30 31.29
C LEU A 424 -19.61 26.72 30.44
N ALA A 425 -18.62 27.38 31.05
CA ALA A 425 -17.43 27.76 30.30
C ALA A 425 -16.71 26.53 29.77
N GLY A 426 -16.58 25.49 30.59
CA GLY A 426 -15.92 24.28 30.15
C GLY A 426 -16.71 23.56 29.06
N MET A 427 -18.03 23.56 29.16
CA MET A 427 -18.85 22.98 28.10
C MET A 427 -18.65 23.74 26.78
N LEU A 428 -18.64 25.07 26.85
CA LEU A 428 -18.46 25.87 25.65
C LEU A 428 -17.10 25.62 25.02
N GLU A 429 -16.04 25.54 25.83
CA GLU A 429 -14.70 25.32 25.29
C GLU A 429 -14.46 23.88 24.86
N MET A 430 -15.17 22.92 25.43
CA MET A 430 -14.81 21.51 25.28
C MET A 430 -15.28 20.94 23.94
N GLY A 431 -16.12 21.66 23.21
CA GLY A 431 -16.61 21.19 21.93
C GLY A 431 -15.99 21.92 20.75
N VAL A 432 -14.79 22.47 20.94
CA VAL A 432 -14.13 23.28 19.92
C VAL A 432 -12.80 22.62 19.55
N SER A 433 -12.75 21.30 19.61
CA SER A 433 -11.53 20.59 19.25
C SER A 433 -11.09 20.93 17.84
N TYR A 434 -9.83 20.61 17.53
CA TYR A 434 -9.22 21.00 16.25
C TYR A 434 -7.98 20.14 16.04
N LEU A 435 -7.93 19.38 14.96
CA LEU A 435 -6.82 18.47 14.70
C LEU A 435 -6.12 18.82 13.40
N PRO A 436 -4.93 19.40 13.40
CA PRO A 436 -4.25 19.68 12.13
C PRO A 436 -3.81 18.39 11.45
N VAL A 437 -3.65 18.47 10.13
CA VAL A 437 -3.22 17.35 9.31
C VAL A 437 -2.49 17.89 8.10
N ASN A 438 -1.54 17.10 7.58
CA ASN A 438 -0.75 17.47 6.42
C ASN A 438 -1.04 16.46 5.31
N GLN A 439 -0.37 16.64 4.17
CA GLN A 439 -0.51 15.64 3.11
C GLN A 439 0.00 14.29 3.54
N ASN A 440 0.77 14.22 4.62
CA ASN A 440 1.15 12.94 5.20
C ASN A 440 -0.06 12.15 5.68
N TRP A 441 -1.20 12.80 5.87
CA TRP A 441 -2.43 12.07 6.21
C TRP A 441 -2.88 11.20 5.05
N GLU A 442 -2.88 11.76 3.83
CA GLU A 442 -3.24 10.96 2.66
C GLU A 442 -2.24 9.83 2.45
N ARG A 443 -0.95 10.11 2.61
CA ARG A 443 0.05 9.06 2.47
C ARG A 443 -0.16 7.98 3.52
N TYR A 444 -0.48 8.37 4.76
CA TYR A 444 -0.75 7.40 5.80
C TYR A 444 -1.94 6.53 5.45
N LEU A 445 -3.02 7.14 4.97
CA LEU A 445 -4.20 6.37 4.57
C LEU A 445 -3.84 5.38 3.47
N ALA A 446 -3.15 5.86 2.44
CA ALA A 446 -2.81 4.99 1.32
C ALA A 446 -1.91 3.84 1.76
N GLU A 447 -0.90 4.15 2.58
CA GLU A 447 0.03 3.11 3.01
C GLU A 447 -0.64 2.10 3.92
N ALA A 448 -1.50 2.56 4.84
CA ALA A 448 -2.21 1.64 5.72
C ALA A 448 -3.13 0.72 4.91
N GLN A 449 -3.87 1.29 3.96
CA GLN A 449 -4.75 0.46 3.14
C GLN A 449 -3.94 -0.52 2.31
N GLY A 450 -2.81 -0.08 1.75
CA GLY A 450 -1.99 -0.98 0.96
C GLY A 450 -1.42 -2.12 1.78
N THR A 451 -0.94 -1.83 2.98
CA THR A 451 -0.41 -2.88 3.84
C THR A 451 -1.51 -3.84 4.27
N TYR A 452 -2.69 -3.32 4.61
CA TYR A 452 -3.82 -4.18 4.92
C TYR A 452 -4.12 -5.11 3.76
N GLU A 453 -4.22 -4.56 2.55
CA GLU A 453 -4.52 -5.37 1.39
C GLU A 453 -3.44 -6.41 1.13
N GLU A 454 -2.17 -6.01 1.25
CA GLU A 454 -1.07 -6.93 0.97
C GLU A 454 -1.07 -8.10 1.96
N LEU A 455 -1.21 -7.81 3.25
CA LEU A 455 -1.21 -8.88 4.24
C LEU A 455 -2.42 -9.79 4.07
N GLN A 456 -3.60 -9.19 3.83
CA GLN A 456 -4.80 -10.00 3.64
C GLN A 456 -4.67 -10.87 2.39
N ARG A 457 -4.09 -10.33 1.32
CA ARG A 457 -3.89 -11.11 0.11
C ARG A 457 -2.89 -12.24 0.33
N GLU A 458 -1.82 -11.97 1.08
CA GLU A 458 -0.87 -13.03 1.39
C GLU A 458 -1.55 -14.18 2.13
N MET A 459 -2.34 -13.85 3.16
CA MET A 459 -3.05 -14.89 3.90
C MET A 459 -4.03 -15.62 2.99
N LYS A 460 -4.80 -14.87 2.20
CA LYS A 460 -5.81 -15.49 1.34
C LYS A 460 -5.16 -16.42 0.33
N LYS A 461 -4.04 -16.01 -0.26
CA LYS A 461 -3.32 -16.87 -1.19
C LYS A 461 -2.78 -18.10 -0.48
N SER A 462 -2.33 -17.96 0.77
CA SER A 462 -1.88 -19.11 1.53
C SER A 462 -3.00 -20.14 1.66
N LEU A 463 -4.23 -19.67 1.89
CA LEU A 463 -5.36 -20.61 1.92
C LEU A 463 -5.75 -21.10 0.53
N MET A 464 -5.60 -20.27 -0.50
CA MET A 464 -5.96 -20.69 -1.85
C MET A 464 -5.08 -21.86 -2.31
N ASP A 465 -3.79 -21.80 -1.99
CA ASP A 465 -2.90 -22.91 -2.34
C ASP A 465 -3.33 -24.19 -1.63
N LEU A 466 -3.71 -24.08 -0.36
CA LEU A 466 -4.20 -25.25 0.37
C LEU A 466 -5.44 -25.82 -0.30
N ALA A 467 -6.38 -24.96 -0.69
CA ALA A 467 -7.59 -25.44 -1.34
C ALA A 467 -7.28 -26.11 -2.67
N ASN A 468 -6.39 -25.51 -3.46
CA ASN A 468 -6.01 -26.09 -4.74
C ASN A 468 -5.39 -27.46 -4.55
N ASP A 469 -4.48 -27.59 -3.58
CA ASP A 469 -3.86 -28.89 -3.33
C ASP A 469 -4.89 -29.91 -2.85
N ALA A 470 -5.83 -29.48 -2.00
CA ALA A 470 -6.82 -30.41 -1.47
C ALA A 470 -7.86 -30.80 -2.51
N CYS A 471 -7.99 -30.03 -3.59
CA CYS A 471 -8.94 -30.40 -4.63
C CYS A 471 -8.56 -31.66 -5.39
N GLN A 472 -7.34 -32.17 -5.21
CA GLN A 472 -6.83 -33.25 -6.05
C GLN A 472 -7.13 -34.65 -5.53
N LEU A 473 -7.61 -34.79 -4.29
CA LEU A 473 -7.90 -36.12 -3.75
C LEU A 473 -9.25 -36.66 -4.21
N LEU A 474 -9.87 -36.07 -5.24
CA LEU A 474 -11.11 -36.62 -5.76
C LEU A 474 -10.87 -37.92 -6.50
N SER A 475 -9.72 -38.06 -7.18
CA SER A 475 -9.44 -39.25 -7.96
C SER A 475 -9.41 -40.48 -7.05
N GLY A 476 -10.07 -41.55 -7.49
CA GLY A 476 -10.06 -42.79 -6.75
C GLY A 476 -10.74 -42.71 -5.40
N GLU A 477 -11.56 -41.68 -5.17
CA GLU A 477 -12.24 -41.51 -3.89
C GLU A 477 -11.25 -41.51 -2.73
N ARG A 478 -10.13 -40.81 -2.93
CA ARG A 478 -9.08 -40.78 -1.92
C ARG A 478 -9.43 -39.89 -0.73
N TYR A 479 -10.30 -38.89 -0.93
CA TYR A 479 -10.69 -38.03 0.19
C TYR A 479 -11.33 -38.82 1.31
N LYS A 480 -11.99 -39.93 0.98
CA LYS A 480 -12.71 -40.70 1.99
C LYS A 480 -11.79 -41.25 3.07
N GLU A 481 -10.51 -41.44 2.76
CA GLU A 481 -9.55 -41.92 3.73
C GLU A 481 -8.91 -40.80 4.54
N ASP A 482 -9.09 -39.55 4.14
CA ASP A 482 -8.53 -38.44 4.89
C ASP A 482 -9.26 -38.24 6.21
N PRO A 483 -8.54 -37.98 7.31
CA PRO A 483 -9.23 -37.74 8.59
C PRO A 483 -9.78 -36.33 8.75
N TRP A 484 -9.65 -35.47 7.74
CA TRP A 484 -10.19 -34.12 7.81
C TRP A 484 -11.29 -33.88 6.77
N LEU A 485 -11.01 -34.08 5.49
CA LEU A 485 -11.92 -33.67 4.42
C LEU A 485 -12.94 -34.76 4.10
N TRP A 486 -13.11 -35.75 4.97
CA TRP A 486 -14.07 -36.81 4.70
C TRP A 486 -15.51 -36.37 4.82
N ASP A 487 -15.79 -35.29 5.57
CA ASP A 487 -17.14 -34.93 5.96
C ASP A 487 -17.75 -33.84 5.08
N LEU A 488 -17.09 -33.47 3.99
CA LEU A 488 -17.64 -32.46 3.09
C LEU A 488 -18.48 -33.13 2.00
N GLU A 489 -18.89 -32.35 1.02
CA GLU A 489 -19.74 -32.82 -0.07
C GLU A 489 -18.89 -32.96 -1.33
N TRP A 490 -18.57 -34.19 -1.69
CA TRP A 490 -17.81 -34.49 -2.90
C TRP A 490 -18.79 -34.98 -3.96
N ASP A 491 -19.38 -34.03 -4.67
CA ASP A 491 -20.41 -34.31 -5.66
C ASP A 491 -20.09 -33.59 -6.97
N LEU A 492 -20.58 -34.16 -8.06
CA LEU A 492 -20.42 -33.57 -9.38
C LEU A 492 -21.78 -33.57 -10.07
N GLN A 493 -22.16 -32.42 -10.62
CA GLN A 493 -23.43 -32.27 -11.34
C GLN A 493 -23.15 -32.36 -12.84
N GLU A 494 -23.84 -33.29 -13.50
CA GLU A 494 -23.58 -33.52 -14.91
C GLU A 494 -23.93 -32.30 -15.74
N PHE A 495 -23.10 -31.99 -16.71
CA PHE A 495 -23.37 -30.89 -17.63
C PHE A 495 -24.55 -31.27 -18.53
N LYS A 496 -25.54 -30.38 -18.60
CA LYS A 496 -26.77 -30.65 -19.33
C LYS A 496 -27.19 -29.43 -20.12
N GLN A 497 -27.92 -29.68 -21.21
CA GLN A 497 -28.43 -28.62 -22.08
C GLN A 497 -29.87 -28.97 -22.44
N LYS A 498 -30.43 -28.23 -23.39
CA LYS A 498 -31.79 -28.50 -23.85
C LYS A 498 -31.84 -29.80 -24.64
N LYS A 499 -33.04 -30.34 -24.78
CA LYS A 499 -33.23 -31.60 -25.49
C LYS A 499 -32.89 -31.45 -26.96
N PRO A 532 6.49 -33.06 -46.91
CA PRO A 532 6.42 -31.61 -46.85
C PRO A 532 6.31 -30.79 -48.15
N CYS A 533 5.96 -29.51 -48.02
CA CYS A 533 5.72 -28.60 -49.13
C CYS A 533 5.58 -27.19 -48.59
N SER A 534 5.78 -26.22 -49.47
CA SER A 534 5.69 -24.80 -49.12
C SER A 534 4.38 -24.24 -49.65
N GLU A 535 3.65 -23.54 -48.78
CA GLU A 535 2.35 -23.02 -49.14
C GLU A 535 2.47 -21.82 -50.08
N GLU A 536 1.43 -21.63 -50.88
CA GLU A 536 1.32 -20.45 -51.73
C GLU A 536 0.80 -19.28 -50.89
N GLU A 537 0.36 -18.21 -51.55
CA GLU A 537 -0.29 -17.10 -50.85
C GLU A 537 -1.27 -17.63 -49.82
N GLU A 538 -2.26 -18.40 -50.27
CA GLU A 538 -3.20 -19.08 -49.38
C GLU A 538 -3.85 -18.10 -48.40
N PHE A 539 -4.23 -16.92 -48.92
CA PHE A 539 -5.06 -16.01 -48.16
C PHE A 539 -6.46 -16.58 -47.94
N GLN A 540 -6.84 -17.60 -48.71
CA GLN A 540 -8.16 -18.22 -48.59
C GLN A 540 -8.22 -19.13 -47.37
N GLN A 541 -7.13 -19.81 -47.04
CA GLN A 541 -7.18 -20.83 -45.99
C GLN A 541 -7.52 -20.21 -44.64
N ASP A 542 -6.83 -19.14 -44.25
CA ASP A 542 -7.07 -18.53 -42.95
C ASP A 542 -8.48 -17.94 -42.88
N VAL A 543 -8.93 -17.26 -43.93
CA VAL A 543 -10.26 -16.67 -43.90
C VAL A 543 -11.33 -17.75 -43.81
N MET A 544 -11.15 -18.86 -44.52
CA MET A 544 -12.13 -19.93 -44.44
C MET A 544 -12.11 -20.60 -43.08
N ALA A 545 -10.92 -20.73 -42.47
CA ALA A 545 -10.85 -21.30 -41.13
C ALA A 545 -11.58 -20.42 -40.11
N ARG A 546 -11.36 -19.11 -40.18
CA ARG A 546 -12.06 -18.23 -39.25
C ARG A 546 -13.54 -18.16 -39.55
N ALA A 547 -13.94 -18.33 -40.82
CA ALA A 547 -15.36 -18.41 -41.14
C ALA A 547 -15.98 -19.65 -40.52
N CYS A 548 -15.27 -20.78 -40.57
CA CYS A 548 -15.76 -21.99 -39.89
C CYS A 548 -15.86 -21.78 -38.40
N LEU A 549 -14.88 -21.08 -37.82
CA LEU A 549 -14.94 -20.77 -36.39
C LEU A 549 -16.16 -19.91 -36.06
N GLN A 550 -16.46 -18.92 -36.90
CA GLN A 550 -17.64 -18.10 -36.69
C GLN A 550 -18.92 -18.91 -36.82
N LYS A 551 -18.96 -19.81 -37.81
CA LYS A 551 -20.14 -20.67 -37.97
C LYS A 551 -20.36 -21.53 -36.74
N LEU A 552 -19.29 -22.10 -36.19
CA LEU A 552 -19.41 -22.86 -34.95
C LEU A 552 -19.85 -21.96 -33.79
N LYS A 553 -19.29 -20.75 -33.71
CA LYS A 553 -19.73 -19.80 -32.69
C LYS A 553 -21.23 -19.57 -32.77
N GLY A 554 -21.79 -19.55 -33.98
CA GLY A 554 -23.21 -19.29 -34.15
C GLY A 554 -24.13 -20.25 -33.45
N THR A 555 -23.62 -21.27 -32.76
CA THR A 555 -24.43 -22.26 -32.07
C THR A 555 -24.79 -21.85 -30.64
N THR A 556 -24.78 -20.55 -30.33
CA THR A 556 -25.07 -20.11 -28.97
C THR A 556 -26.53 -20.33 -28.58
N GLU A 557 -27.44 -20.47 -29.55
CA GLU A 557 -28.86 -20.54 -29.24
C GLU A 557 -29.24 -21.81 -28.48
N LEU A 558 -28.37 -22.81 -28.43
CA LEU A 558 -28.68 -24.06 -27.74
C LEU A 558 -28.23 -24.05 -26.28
N LEU A 559 -27.70 -22.93 -25.78
CA LEU A 559 -27.23 -22.86 -24.40
C LEU A 559 -28.28 -22.21 -23.50
N PRO A 560 -28.40 -22.65 -22.25
CA PRO A 560 -29.32 -21.97 -21.33
C PRO A 560 -28.93 -20.51 -21.13
N LYS A 561 -29.96 -19.68 -20.90
CA LYS A 561 -29.69 -18.26 -20.64
C LYS A 561 -28.93 -18.08 -19.34
N ARG A 562 -29.26 -18.86 -18.31
CA ARG A 562 -28.61 -18.75 -17.02
C ARG A 562 -27.47 -19.77 -16.95
N PRO A 563 -26.21 -19.35 -16.91
CA PRO A 563 -25.12 -20.33 -16.92
C PRO A 563 -25.04 -21.13 -15.63
N GLN A 564 -24.48 -22.33 -15.73
CA GLN A 564 -24.16 -23.12 -14.56
C GLN A 564 -22.92 -22.56 -13.87
N HIS A 565 -22.65 -23.06 -12.67
CA HIS A 565 -21.52 -22.59 -11.86
C HIS A 565 -20.58 -23.77 -11.61
N LEU A 566 -19.60 -23.94 -12.50
CA LEU A 566 -18.51 -24.87 -12.31
C LEU A 566 -19.01 -26.23 -11.84
N PRO A 567 -19.82 -26.93 -12.65
CA PRO A 567 -20.29 -28.25 -12.25
C PRO A 567 -19.18 -29.27 -12.08
N GLY A 568 -18.03 -29.09 -12.73
CA GLY A 568 -16.95 -30.05 -12.63
C GLY A 568 -16.16 -29.99 -11.35
N HIS A 569 -16.27 -28.90 -10.60
CA HIS A 569 -15.59 -28.78 -9.33
C HIS A 569 -16.41 -29.42 -8.21
N PRO A 570 -15.79 -29.70 -7.07
CA PRO A 570 -16.55 -30.19 -5.92
C PRO A 570 -17.39 -29.09 -5.29
N GLY A 571 -18.40 -29.52 -4.53
CA GLY A 571 -19.33 -28.56 -3.95
C GLY A 571 -18.66 -27.60 -3.00
N TRP A 572 -17.79 -28.09 -2.12
CA TRP A 572 -17.09 -27.21 -1.19
C TRP A 572 -16.21 -26.21 -1.93
N TYR A 573 -15.60 -26.63 -3.04
CA TYR A 573 -14.90 -25.69 -3.89
C TYR A 573 -15.87 -24.75 -4.60
N ARG A 574 -17.05 -25.26 -4.98
CA ARG A 574 -18.03 -24.41 -5.65
C ARG A 574 -18.44 -23.25 -4.76
N LYS A 575 -18.65 -23.50 -3.47
CA LYS A 575 -19.10 -22.45 -2.58
C LYS A 575 -18.11 -21.29 -2.53
N LEU A 576 -16.81 -21.58 -2.63
CA LEU A 576 -15.78 -20.56 -2.48
C LEU A 576 -15.50 -19.78 -3.76
N CYS A 577 -16.05 -20.21 -4.90
CA CYS A 577 -15.75 -19.58 -6.18
C CYS A 577 -16.79 -18.52 -6.49
N PRO A 578 -16.40 -17.24 -6.63
CA PRO A 578 -17.40 -16.23 -7.00
C PRO A 578 -18.04 -16.54 -8.35
N ARG A 579 -19.30 -16.13 -8.49
CA ARG A 579 -20.04 -16.41 -9.70
C ARG A 579 -19.36 -15.76 -10.90
N LEU A 580 -19.55 -16.37 -12.08
CA LEU A 580 -18.95 -15.86 -13.29
C LEU A 580 -19.42 -14.45 -13.63
N ASP A 581 -20.61 -14.07 -13.17
CA ASP A 581 -21.19 -12.77 -13.49
C ASP A 581 -20.90 -11.72 -12.43
N ASP A 582 -20.13 -12.05 -11.40
CA ASP A 582 -19.81 -11.06 -10.37
C ASP A 582 -19.00 -9.92 -10.98
N PRO A 583 -19.39 -8.66 -10.78
CA PRO A 583 -18.64 -7.55 -11.38
C PRO A 583 -17.20 -7.44 -10.91
N ALA A 584 -16.88 -7.98 -9.73
CA ALA A 584 -15.53 -7.94 -9.18
C ALA A 584 -14.98 -9.35 -9.02
N TRP A 585 -15.24 -10.20 -10.01
CA TRP A 585 -14.80 -11.58 -9.96
C TRP A 585 -13.27 -11.67 -10.03
N THR A 586 -12.72 -12.64 -9.30
CA THR A 586 -11.29 -12.87 -9.25
C THR A 586 -11.00 -14.35 -9.41
N PRO A 587 -9.82 -14.71 -9.92
CA PRO A 587 -9.55 -16.12 -10.24
C PRO A 587 -9.39 -16.96 -8.98
N GLY A 588 -9.78 -18.23 -9.10
CA GLY A 588 -9.66 -19.16 -8.01
C GLY A 588 -10.65 -18.86 -6.91
N PRO A 589 -10.54 -19.59 -5.79
CA PRO A 589 -11.45 -19.38 -4.65
C PRO A 589 -11.06 -18.17 -3.80
N SER A 590 -11.48 -16.99 -4.26
CA SER A 590 -11.17 -15.75 -3.56
C SER A 590 -12.11 -15.46 -2.40
N LEU A 591 -13.16 -16.27 -2.22
CA LEU A 591 -14.04 -16.13 -1.06
C LEU A 591 -13.46 -16.78 0.19
N LEU A 592 -12.40 -17.58 0.06
CA LEU A 592 -11.80 -18.21 1.22
C LEU A 592 -11.17 -17.17 2.13
N SER A 593 -11.29 -17.40 3.43
CA SER A 593 -10.73 -16.52 4.44
C SER A 593 -10.63 -17.29 5.75
N LEU A 594 -10.29 -16.60 6.83
CA LEU A 594 -10.24 -17.22 8.14
C LEU A 594 -11.64 -17.33 8.72
N GLN A 595 -11.74 -17.91 9.91
CA GLN A 595 -12.99 -18.01 10.66
C GLN A 595 -14.12 -18.57 9.79
N MET A 596 -13.81 -19.64 9.05
CA MET A 596 -14.80 -20.37 8.29
C MET A 596 -14.76 -21.84 8.71
N ARG A 597 -15.85 -22.55 8.42
CA ARG A 597 -15.97 -23.94 8.85
C ARG A 597 -14.99 -24.86 8.12
N VAL A 598 -14.24 -24.36 7.14
CA VAL A 598 -13.31 -25.19 6.39
C VAL A 598 -11.87 -24.73 6.54
N THR A 599 -11.61 -23.46 6.82
CA THR A 599 -10.22 -22.99 6.88
C THR A 599 -9.39 -23.77 7.88
N PRO A 600 -9.82 -23.97 9.13
CA PRO A 600 -9.05 -24.85 10.01
C PRO A 600 -9.15 -26.31 9.62
N LYS A 601 -10.16 -26.68 8.82
CA LYS A 601 -10.23 -28.03 8.29
C LYS A 601 -9.20 -28.24 7.19
N LEU A 602 -9.05 -27.26 6.30
CA LEU A 602 -8.04 -27.36 5.25
C LEU A 602 -6.64 -27.39 5.83
N MET A 603 -6.39 -26.58 6.86
CA MET A 603 -5.08 -26.51 7.48
C MET A 603 -4.71 -27.79 8.22
N ALA A 604 -5.66 -28.71 8.41
CA ALA A 604 -5.40 -29.96 9.13
C ALA A 604 -4.87 -29.67 10.53
N LEU A 605 -5.53 -28.75 11.22
CA LEU A 605 -5.12 -28.37 12.56
C LEU A 605 -5.28 -29.55 13.52
N THR A 606 -4.47 -29.52 14.57
CA THR A 606 -4.52 -30.54 15.62
C THR A 606 -4.39 -29.87 16.98
N TRP A 607 -4.95 -30.52 17.99
CA TRP A 607 -4.88 -30.04 19.37
C TRP A 607 -4.28 -31.16 20.22
N ASP A 608 -3.06 -30.96 20.71
CA ASP A 608 -2.37 -31.96 21.52
C ASP A 608 -2.19 -33.26 20.76
N GLY A 609 -2.04 -33.18 19.43
CA GLY A 609 -1.86 -34.35 18.62
C GLY A 609 -3.13 -35.00 18.12
N PHE A 610 -4.28 -34.33 18.23
CA PHE A 610 -5.55 -34.85 17.80
C PHE A 610 -6.20 -33.88 16.82
N PRO A 611 -6.76 -34.36 15.70
CA PRO A 611 -7.32 -33.44 14.71
C PRO A 611 -8.57 -32.75 15.21
N LEU A 612 -8.82 -31.56 14.66
CA LEU A 612 -9.98 -30.77 15.05
C LEU A 612 -11.26 -31.37 14.46
N HIS A 613 -12.39 -31.03 15.08
CA HIS A 613 -13.70 -31.46 14.59
C HIS A 613 -14.74 -30.42 14.96
N TYR A 614 -15.67 -30.19 14.05
CA TYR A 614 -16.73 -29.20 14.22
C TYR A 614 -18.08 -29.89 14.23
N SER A 615 -18.94 -29.46 15.16
CA SER A 615 -20.31 -29.92 15.26
C SER A 615 -21.24 -28.72 15.18
N GLU A 616 -22.48 -28.97 14.74
CA GLU A 616 -23.41 -27.87 14.51
C GLU A 616 -23.73 -27.12 15.79
N ARG A 617 -23.90 -27.84 16.90
CA ARG A 617 -24.44 -27.25 18.12
C ARG A 617 -23.40 -27.00 19.20
N HIS A 618 -22.32 -27.77 19.24
CA HIS A 618 -21.33 -27.64 20.30
C HIS A 618 -20.15 -26.74 19.93
N GLY A 619 -20.03 -26.34 18.67
CA GLY A 619 -18.92 -25.51 18.25
C GLY A 619 -17.67 -26.32 17.96
N TRP A 620 -16.58 -25.60 17.74
CA TRP A 620 -15.32 -26.22 17.40
C TRP A 620 -14.77 -27.02 18.58
N GLY A 621 -14.00 -28.04 18.28
CA GLY A 621 -13.29 -28.79 19.30
C GLY A 621 -12.26 -29.67 18.64
N TYR A 622 -12.10 -30.88 19.15
CA TYR A 622 -11.16 -31.82 18.57
C TYR A 622 -11.68 -33.24 18.76
N LEU A 623 -11.12 -34.14 17.96
CA LEU A 623 -11.55 -35.53 17.89
C LEU A 623 -10.42 -36.44 18.32
N VAL A 624 -10.73 -37.36 19.23
CA VAL A 624 -9.76 -38.28 19.81
C VAL A 624 -10.08 -39.67 19.28
N PRO A 625 -9.11 -40.40 18.70
CA PRO A 625 -9.42 -41.76 18.23
C PRO A 625 -9.84 -42.66 19.37
N GLY A 626 -10.74 -43.59 19.06
CA GLY A 626 -11.27 -44.50 20.07
C GLY A 626 -12.09 -45.62 19.47
N ARG A 627 -13.01 -46.16 20.26
CA ARG A 627 -13.86 -47.26 19.82
C ARG A 627 -15.26 -47.12 20.39
N VAL A 645 -18.94 -40.99 3.76
CA VAL A 645 -19.73 -41.06 4.99
C VAL A 645 -19.07 -42.01 5.98
N VAL A 646 -18.32 -42.98 5.46
CA VAL A 646 -17.62 -43.93 6.33
C VAL A 646 -16.54 -43.19 7.10
N CYS A 647 -16.51 -43.42 8.41
CA CYS A 647 -15.57 -42.70 9.27
C CYS A 647 -14.16 -43.25 9.07
N PRO A 648 -13.15 -42.40 8.86
CA PRO A 648 -11.77 -42.89 8.73
C PRO A 648 -11.10 -43.12 10.07
N TYR A 649 -11.54 -44.18 10.76
CA TYR A 649 -10.94 -44.50 12.06
C TYR A 649 -9.46 -44.80 11.93
N ARG A 650 -9.09 -45.59 10.91
CA ARG A 650 -7.70 -46.01 10.77
C ARG A 650 -6.78 -44.82 10.51
N ALA A 651 -7.20 -43.87 9.69
CA ALA A 651 -6.37 -42.71 9.42
C ALA A 651 -6.11 -41.90 10.69
N ILE A 652 -7.16 -41.68 11.49
CA ILE A 652 -7.01 -40.91 12.72
C ILE A 652 -6.10 -41.64 13.70
N GLU A 653 -6.30 -42.95 13.85
CA GLU A 653 -5.46 -43.72 14.77
C GLU A 653 -4.01 -43.72 14.32
N SER A 654 -3.78 -43.82 13.00
CA SER A 654 -2.42 -43.78 12.48
C SER A 654 -1.79 -42.41 12.69
N LEU A 655 -2.56 -41.34 12.54
CA LEU A 655 -2.04 -40.01 12.83
C LEU A 655 -1.62 -39.90 14.29
N TYR A 656 -2.47 -40.39 15.20
CA TYR A 656 -2.11 -40.37 16.61
C TYR A 656 -0.85 -41.19 16.88
N ARG A 657 -0.74 -42.36 16.25
CA ARG A 657 0.43 -43.21 16.46
C ARG A 657 1.69 -42.55 15.92
N LYS A 658 1.60 -41.88 14.77
CA LYS A 658 2.73 -41.15 14.21
C LYS A 658 3.15 -39.98 15.09
N HIS A 659 2.20 -39.35 15.77
CA HIS A 659 2.54 -38.28 16.70
C HIS A 659 3.02 -38.80 18.06
N CYS A 660 2.65 -40.02 18.44
CA CYS A 660 3.01 -40.54 19.75
C CYS A 660 4.46 -40.99 19.82
N LEU A 661 5.05 -41.41 18.71
CA LEU A 661 6.43 -41.86 18.72
C LEU A 661 7.36 -40.76 19.22
N GLU A 662 7.05 -39.51 18.87
CA GLU A 662 7.88 -38.38 19.29
C GLU A 662 7.75 -38.08 20.78
N GLN A 663 6.75 -38.62 21.46
CA GLN A 663 6.57 -38.36 22.88
C GLN A 663 7.41 -39.32 23.71
N TYR A 732 -5.97 -42.15 27.93
CA TYR A 732 -7.24 -41.45 28.00
C TYR A 732 -7.05 -39.98 28.33
N HIS A 733 -7.36 -39.10 27.38
CA HIS A 733 -7.19 -37.67 27.57
C HIS A 733 -8.28 -37.13 28.48
N HIS A 734 -7.96 -36.01 29.14
CA HIS A 734 -8.91 -35.32 30.01
C HIS A 734 -9.02 -33.86 29.61
N GLY A 735 -10.22 -33.31 29.77
CA GLY A 735 -10.48 -31.94 29.39
C GLY A 735 -11.97 -31.65 29.42
N ASN A 736 -12.49 -31.04 28.36
CA ASN A 736 -13.93 -30.86 28.26
C ASN A 736 -14.61 -32.22 28.17
N GLY A 737 -15.80 -32.30 28.77
CA GLY A 737 -16.49 -33.56 28.93
C GLY A 737 -16.67 -34.30 27.62
N PRO A 738 -16.46 -35.62 27.62
CA PRO A 738 -16.62 -36.40 26.38
C PRO A 738 -18.09 -36.60 26.02
N TYR A 739 -18.70 -35.62 25.38
CA TYR A 739 -20.10 -35.74 25.00
C TYR A 739 -20.29 -36.95 24.09
N ASN A 740 -21.29 -37.77 24.40
CA ASN A 740 -21.62 -38.93 23.60
C ASN A 740 -22.80 -38.69 22.67
N ASP A 741 -23.33 -37.47 22.64
CA ASP A 741 -24.43 -37.15 21.72
C ASP A 741 -23.94 -37.05 20.28
N VAL A 742 -22.72 -36.55 20.07
CA VAL A 742 -22.13 -36.54 18.73
C VAL A 742 -21.71 -37.97 18.42
N ASP A 743 -22.51 -38.67 17.63
CA ASP A 743 -22.38 -40.12 17.47
C ASP A 743 -21.33 -40.42 16.40
N ILE A 744 -20.09 -40.56 16.84
CA ILE A 744 -19.02 -41.12 16.04
C ILE A 744 -18.50 -42.38 16.75
N PRO A 745 -18.91 -43.57 16.31
CA PRO A 745 -18.64 -44.77 17.12
C PRO A 745 -17.18 -44.96 17.49
N GLY A 746 -16.26 -44.67 16.58
CA GLY A 746 -14.85 -44.91 16.80
C GLY A 746 -14.05 -43.71 17.24
N CYS A 747 -14.69 -42.62 17.64
CA CYS A 747 -13.97 -41.41 18.03
C CYS A 747 -14.79 -40.67 19.08
N TRP A 748 -14.10 -39.79 19.82
CA TRP A 748 -14.72 -39.01 20.88
C TRP A 748 -14.50 -37.53 20.62
N PHE A 749 -15.51 -36.71 20.92
CA PHE A 749 -15.47 -35.28 20.64
C PHE A 749 -15.25 -34.54 21.95
N PHE A 750 -14.23 -33.67 21.98
CA PHE A 750 -13.94 -32.83 23.14
C PHE A 750 -14.01 -31.37 22.72
N LYS A 751 -14.77 -30.58 23.48
CA LYS A 751 -14.86 -29.16 23.20
C LYS A 751 -13.52 -28.47 23.48
N LEU A 752 -13.20 -27.48 22.65
CA LEU A 752 -11.98 -26.71 22.84
C LEU A 752 -12.17 -25.75 24.00
N PRO A 753 -11.34 -25.79 25.04
CA PRO A 753 -11.58 -24.92 26.21
C PRO A 753 -11.57 -23.45 25.83
N HIS A 754 -12.47 -22.70 26.45
CA HIS A 754 -12.58 -21.26 26.29
C HIS A 754 -12.01 -20.56 27.51
N LYS A 755 -11.63 -19.29 27.35
CA LYS A 755 -11.22 -18.48 28.49
C LYS A 755 -12.35 -18.35 29.51
N ASP A 756 -13.60 -18.56 29.08
CA ASP A 756 -14.73 -18.62 30.00
C ASP A 756 -14.94 -20.07 30.44
N GLY A 757 -16.08 -20.34 31.07
CA GLY A 757 -16.36 -21.67 31.58
C GLY A 757 -16.72 -22.66 30.48
N ASN A 758 -16.92 -23.90 30.91
CA ASN A 758 -17.27 -24.97 29.99
C ASN A 758 -18.72 -24.82 29.54
N SER A 759 -19.15 -25.74 28.67
CA SER A 759 -20.52 -25.74 28.14
C SER A 759 -20.85 -24.46 27.41
N CYS A 760 -19.85 -23.88 26.73
CA CYS A 760 -20.06 -22.72 25.88
C CYS A 760 -19.35 -22.96 24.54
N ASN A 761 -20.05 -22.65 23.45
CA ASN A 761 -19.50 -22.86 22.13
C ASN A 761 -18.36 -21.90 21.84
N VAL A 762 -17.46 -22.33 20.95
CA VAL A 762 -16.28 -21.57 20.57
C VAL A 762 -16.23 -21.47 19.06
N GLY A 763 -15.80 -20.31 18.56
CA GLY A 763 -15.75 -20.08 17.13
C GLY A 763 -14.42 -20.43 16.51
N SER A 764 -13.82 -19.50 15.79
CA SER A 764 -12.58 -19.76 15.09
C SER A 764 -11.44 -19.97 16.09
N PRO A 765 -10.69 -21.07 16.00
CA PRO A 765 -9.52 -21.23 16.87
C PRO A 765 -8.40 -20.23 16.59
N PHE A 766 -8.54 -19.38 15.58
CA PHE A 766 -7.53 -18.40 15.23
C PHE A 766 -7.65 -17.11 16.05
N ALA A 767 -8.33 -17.16 17.19
CA ALA A 767 -8.42 -16.00 18.07
C ALA A 767 -7.04 -15.68 18.65
N LYS A 768 -6.86 -14.41 19.01
CA LYS A 768 -5.59 -13.97 19.58
C LYS A 768 -5.30 -14.67 20.91
N ASP A 769 -6.31 -15.27 21.55
CA ASP A 769 -6.09 -15.96 22.80
C ASP A 769 -5.12 -17.13 22.64
N PHE A 770 -5.17 -17.80 21.48
CA PHE A 770 -4.42 -19.03 21.28
C PHE A 770 -3.00 -18.80 20.79
N LEU A 771 -2.61 -17.55 20.49
CA LEU A 771 -1.24 -17.32 20.03
C LEU A 771 -0.21 -17.80 21.03
N PRO A 772 -0.25 -17.41 22.31
CA PRO A 772 0.69 -18.00 23.27
C PRO A 772 0.49 -19.50 23.43
N LYS A 773 -0.76 -19.96 23.52
CA LYS A 773 -1.02 -21.39 23.62
C LYS A 773 -0.38 -22.15 22.45
N MET A 774 -0.49 -21.62 21.23
CA MET A 774 0.15 -22.26 20.09
C MET A 774 1.66 -22.31 20.27
N GLU A 775 2.24 -21.24 20.84
CA GLU A 775 3.68 -21.25 21.10
C GLU A 775 4.07 -22.31 22.12
N ASP A 776 3.11 -22.81 22.90
CA ASP A 776 3.41 -23.90 23.82
C ASP A 776 3.81 -25.15 23.05
N GLY A 777 3.13 -25.44 21.94
CA GLY A 777 3.45 -26.59 21.13
C GLY A 777 2.31 -27.59 21.03
N THR A 778 1.12 -27.20 21.50
CA THR A 778 -0.05 -28.06 21.46
C THR A 778 -0.94 -27.82 20.25
N LEU A 779 -1.07 -26.56 19.81
CA LEU A 779 -1.82 -26.23 18.61
C LEU A 779 -0.85 -26.20 17.44
N GLN A 780 -1.02 -27.11 16.48
CA GLN A 780 -0.08 -27.30 15.40
C GLN A 780 -0.82 -27.43 14.08
N ALA A 781 -0.07 -27.27 12.99
CA ALA A 781 -0.56 -27.51 11.64
C ALA A 781 0.42 -28.34 10.82
N GLY A 782 1.42 -28.95 11.45
CA GLY A 782 2.48 -29.63 10.76
C GLY A 782 2.05 -30.76 9.85
N PRO A 783 1.20 -31.67 10.33
CA PRO A 783 0.88 -32.85 9.51
C PRO A 783 0.23 -32.52 8.18
N GLY A 784 -0.39 -31.36 8.03
CA GLY A 784 -0.99 -30.97 6.77
C GLY A 784 -0.39 -29.72 6.17
N GLY A 785 0.10 -28.83 7.02
CA GLY A 785 0.67 -27.58 6.56
C GLY A 785 1.67 -27.04 7.56
N ALA A 786 1.72 -25.72 7.69
CA ALA A 786 2.61 -25.05 8.64
C ALA A 786 2.26 -23.57 8.63
N SER A 787 2.98 -22.80 9.44
CA SER A 787 2.86 -21.34 9.46
C SER A 787 1.53 -20.91 10.11
N GLY A 788 1.08 -21.66 11.10
CA GLY A 788 -0.05 -21.26 11.90
C GLY A 788 0.24 -20.00 12.71
N PRO A 789 1.41 -19.96 13.36
CA PRO A 789 1.79 -18.72 14.04
C PRO A 789 1.79 -17.52 13.12
N ARG A 790 2.20 -17.71 11.86
CA ARG A 790 2.18 -16.60 10.90
C ARG A 790 0.75 -16.13 10.65
N ALA A 791 -0.18 -17.07 10.49
CA ALA A 791 -1.57 -16.71 10.27
C ALA A 791 -2.12 -15.92 11.45
N LEU A 792 -1.86 -16.39 12.68
CA LEU A 792 -2.28 -15.64 13.86
C LEU A 792 -1.62 -14.28 13.91
N GLU A 793 -0.35 -14.17 13.50
CA GLU A 793 0.32 -12.89 13.49
C GLU A 793 -0.38 -11.91 12.56
N ILE A 794 -0.71 -12.35 11.35
CA ILE A 794 -1.41 -11.45 10.42
C ILE A 794 -2.77 -11.07 10.98
N ASN A 795 -3.51 -12.03 11.55
CA ASN A 795 -4.82 -11.72 12.09
C ASN A 795 -4.72 -10.66 13.19
N LYS A 796 -3.76 -10.83 14.09
CA LYS A 796 -3.56 -9.85 15.16
C LYS A 796 -3.17 -8.49 14.59
N MET A 797 -2.29 -8.48 13.58
CA MET A 797 -1.87 -7.23 12.97
C MET A 797 -3.04 -6.52 12.29
N ILE A 798 -4.02 -7.29 11.82
CA ILE A 798 -4.98 -6.77 10.86
C ILE A 798 -6.27 -6.34 11.55
N SER A 799 -6.65 -7.03 12.63
CA SER A 799 -7.99 -6.89 13.18
C SER A 799 -8.39 -5.43 13.40
N PHE A 800 -7.50 -4.62 13.97
CA PHE A 800 -7.86 -3.25 14.31
C PHE A 800 -8.26 -2.46 13.07
N TRP A 801 -7.41 -2.47 12.04
CA TRP A 801 -7.75 -1.76 10.81
C TRP A 801 -8.96 -2.37 10.14
N ARG A 802 -9.06 -3.70 10.14
CA ARG A 802 -10.25 -4.35 9.59
C ARG A 802 -11.50 -3.75 10.20
N ASN A 803 -11.47 -3.47 11.51
CA ASN A 803 -12.65 -2.92 12.17
C ASN A 803 -12.83 -1.44 11.84
N ALA A 804 -11.74 -0.65 11.86
CA ALA A 804 -11.85 0.80 11.91
C ALA A 804 -11.55 1.51 10.58
N HIS A 805 -11.36 0.76 9.49
CA HIS A 805 -10.97 1.39 8.23
C HIS A 805 -12.08 2.29 7.69
N LYS A 806 -13.33 1.84 7.77
CA LYS A 806 -14.42 2.66 7.22
C LYS A 806 -14.53 3.98 7.95
N ARG A 807 -14.39 3.97 9.27
CA ARG A 807 -14.47 5.21 10.05
C ARG A 807 -13.26 6.10 9.79
N ILE A 808 -12.06 5.53 9.79
CA ILE A 808 -10.85 6.34 9.65
C ILE A 808 -10.79 6.97 8.27
N SER A 809 -11.13 6.20 7.23
CA SER A 809 -11.06 6.72 5.86
C SER A 809 -12.14 7.75 5.57
N SER A 810 -13.18 7.81 6.39
CA SER A 810 -14.32 8.69 6.15
C SER A 810 -14.19 10.04 6.84
N GLN A 811 -13.08 10.30 7.52
CA GLN A 811 -12.89 11.58 8.19
C GLN A 811 -12.94 12.71 7.18
N MET A 812 -13.70 13.76 7.50
CA MET A 812 -13.85 14.90 6.61
C MET A 812 -12.63 15.80 6.75
N VAL A 813 -11.82 15.85 5.71
CA VAL A 813 -10.60 16.66 5.70
C VAL A 813 -10.82 17.81 4.73
N VAL A 814 -10.62 19.04 5.21
CA VAL A 814 -10.74 20.25 4.42
C VAL A 814 -9.34 20.82 4.22
N TRP A 815 -8.89 20.87 2.97
CA TRP A 815 -7.55 21.32 2.65
C TRP A 815 -7.57 22.82 2.42
N LEU A 816 -6.91 23.56 3.32
CA LEU A 816 -6.93 25.01 3.27
C LEU A 816 -5.98 25.49 2.17
N PRO A 817 -6.44 26.30 1.22
CA PRO A 817 -5.54 26.75 0.15
C PRO A 817 -4.49 27.73 0.64
N ARG A 818 -3.40 27.83 -0.14
CA ARG A 818 -2.27 28.67 0.24
C ARG A 818 -2.69 30.10 0.53
N SER A 819 -3.65 30.63 -0.24
CA SER A 819 -3.96 32.05 -0.18
C SER A 819 -4.46 32.49 1.20
N ALA A 820 -4.87 31.55 2.05
CA ALA A 820 -5.45 31.89 3.35
C ALA A 820 -4.68 31.32 4.52
N LEU A 821 -3.51 30.73 4.30
CA LEU A 821 -2.70 30.29 5.42
C LEU A 821 -2.17 31.51 6.18
N PRO A 822 -1.92 31.39 7.48
CA PRO A 822 -1.16 32.43 8.17
C PRO A 822 0.25 32.52 7.59
N ARG A 823 0.76 33.75 7.52
CA ARG A 823 2.08 33.96 6.91
C ARG A 823 3.17 33.17 7.63
N ALA A 824 2.97 32.82 8.90
CA ALA A 824 3.99 32.11 9.65
C ALA A 824 4.24 30.70 9.10
N VAL A 825 3.28 30.11 8.38
CA VAL A 825 3.42 28.75 7.89
C VAL A 825 3.98 28.69 6.47
N ILE A 826 4.13 29.82 5.80
CA ILE A 826 4.78 29.86 4.49
C ILE A 826 6.17 30.47 4.56
N ARG A 827 6.52 31.17 5.64
CA ARG A 827 7.87 31.67 5.81
C ARG A 827 8.85 30.59 6.23
N HIS A 828 8.37 29.48 6.77
CA HIS A 828 9.24 28.49 7.37
C HIS A 828 10.06 27.77 6.30
N PRO A 829 11.32 27.41 6.60
CA PRO A 829 12.09 26.61 5.65
C PRO A 829 11.50 25.24 5.38
N ASP A 830 10.69 24.71 6.29
CA ASP A 830 10.08 23.39 6.12
C ASP A 830 8.80 23.43 5.29
N TYR A 831 8.27 24.61 5.00
CA TYR A 831 7.02 24.71 4.25
C TYR A 831 7.17 24.09 2.88
N ASP A 832 6.50 22.96 2.66
CA ASP A 832 6.54 22.27 1.38
C ASP A 832 5.51 22.89 0.44
N GLU A 833 5.98 23.29 -0.75
CA GLU A 833 5.08 23.94 -1.70
C GLU A 833 3.95 22.99 -2.12
N GLU A 834 4.28 21.73 -2.38
CA GLU A 834 3.25 20.75 -2.69
C GLU A 834 2.45 20.35 -1.47
N GLY A 835 2.93 20.67 -0.27
CA GLY A 835 2.25 20.22 0.93
C GLY A 835 0.85 20.78 1.05
N LEU A 836 -0.04 19.95 1.58
CA LEU A 836 -1.42 20.33 1.86
C LEU A 836 -1.61 20.39 3.37
N TYR A 837 -2.04 21.54 3.86
CA TYR A 837 -2.12 21.80 5.30
C TYR A 837 -3.59 22.04 5.67
N GLY A 838 -4.27 20.97 6.05
CA GLY A 838 -5.66 21.02 6.40
C GLY A 838 -5.92 20.69 7.85
N ALA A 839 -7.19 20.52 8.19
CA ALA A 839 -7.59 20.22 9.56
C ALA A 839 -8.82 19.35 9.56
N ILE A 840 -8.99 18.61 10.66
CA ILE A 840 -10.13 17.75 10.90
C ILE A 840 -10.76 18.18 12.22
N LEU A 841 -12.09 18.35 12.21
CA LEU A 841 -12.82 18.74 13.40
C LEU A 841 -13.51 17.52 13.97
N PRO A 842 -13.08 17.00 15.12
CA PRO A 842 -13.72 15.78 15.65
C PRO A 842 -15.20 16.01 15.92
N GLN A 843 -16.00 14.97 15.66
CA GLN A 843 -17.43 15.01 15.93
C GLN A 843 -17.73 14.45 17.32
N VAL A 844 -17.16 15.12 18.32
CA VAL A 844 -17.31 14.70 19.71
C VAL A 844 -18.65 15.21 20.22
N VAL A 845 -19.47 14.31 20.73
CA VAL A 845 -20.74 14.66 21.36
C VAL A 845 -20.44 14.90 22.83
N THR A 846 -20.22 16.17 23.19
CA THR A 846 -19.85 16.50 24.56
C THR A 846 -20.89 15.99 25.54
N ALA A 847 -20.42 15.41 26.64
CA ALA A 847 -21.30 14.84 27.65
C ALA A 847 -22.22 13.78 27.04
N GLY A 848 -21.66 12.97 26.16
CA GLY A 848 -22.41 11.91 25.51
C GLY A 848 -22.69 10.71 26.37
N THR A 849 -22.25 10.72 27.62
CA THR A 849 -22.51 9.64 28.56
C THR A 849 -22.96 10.25 29.89
N ILE A 850 -23.74 9.47 30.65
CA ILE A 850 -24.37 9.94 31.87
C ILE A 850 -23.38 10.72 32.73
N THR A 851 -22.10 10.34 32.69
CA THR A 851 -21.07 10.98 33.49
C THR A 851 -20.53 12.26 32.88
N ARG A 852 -21.18 12.79 31.84
CA ARG A 852 -20.81 14.07 31.24
C ARG A 852 -19.42 14.03 30.63
N ARG A 853 -19.03 12.90 30.04
CA ARG A 853 -17.75 12.76 29.34
C ARG A 853 -17.99 12.75 27.84
N ALA A 854 -17.10 13.41 27.10
CA ALA A 854 -17.22 13.44 25.65
C ALA A 854 -17.07 12.04 25.07
N VAL A 855 -17.76 11.81 23.95
CA VAL A 855 -17.77 10.50 23.31
C VAL A 855 -17.52 10.68 21.82
N GLU A 856 -16.57 9.92 21.30
CA GLU A 856 -16.38 9.76 19.86
C GLU A 856 -15.60 8.48 19.61
N PRO A 857 -16.14 7.54 18.84
CA PRO A 857 -15.45 6.24 18.67
C PRO A 857 -14.11 6.35 17.97
N THR A 858 -13.83 7.43 17.24
CA THR A 858 -12.60 7.50 16.45
C THR A 858 -11.42 8.00 17.28
N TRP A 859 -11.54 9.22 17.83
CA TRP A 859 -10.40 9.85 18.49
C TRP A 859 -10.37 9.58 19.98
N LEU A 860 -11.49 9.79 20.67
CA LEU A 860 -11.51 9.67 22.12
C LEU A 860 -11.43 8.21 22.55
N THR A 861 -10.26 7.60 22.36
CA THR A 861 -10.03 6.23 22.77
C THR A 861 -8.59 6.10 23.26
N ALA A 862 -8.39 5.21 24.22
CA ALA A 862 -7.06 4.96 24.79
C ALA A 862 -6.34 3.87 24.02
N SER A 863 -6.10 4.15 22.74
CA SER A 863 -5.33 3.26 21.88
C SER A 863 -4.30 4.10 21.13
N ASN A 864 -3.07 3.62 21.07
CA ASN A 864 -1.95 4.38 20.51
C ASN A 864 -1.08 3.43 19.70
N ALA A 865 0.02 3.96 19.16
CA ALA A 865 0.90 3.19 18.30
C ALA A 865 1.41 1.95 19.02
N ARG A 866 1.40 0.82 18.32
CA ARG A 866 1.95 -0.42 18.82
C ARG A 866 2.91 -1.01 17.79
N PRO A 867 3.90 -1.79 18.23
CA PRO A 867 4.86 -2.36 17.26
C PRO A 867 4.22 -3.29 16.26
N ASP A 868 3.09 -3.93 16.58
CA ASP A 868 2.54 -4.99 15.76
C ASP A 868 1.26 -4.62 15.01
N ARG A 869 0.54 -3.59 15.45
CA ARG A 869 -0.74 -3.25 14.85
C ARG A 869 -0.52 -2.32 13.66
N VAL A 870 -1.17 -2.64 12.54
CA VAL A 870 -0.92 -1.91 11.30
C VAL A 870 -1.39 -0.46 11.41
N GLY A 871 -2.60 -0.25 11.90
CA GLY A 871 -3.20 1.07 11.94
C GLY A 871 -3.04 1.83 13.24
N SER A 872 -2.22 1.34 14.18
CA SER A 872 -2.11 1.98 15.48
C SER A 872 -1.40 3.32 15.42
N GLU A 873 -0.79 3.69 14.29
CA GLU A 873 -0.15 4.98 14.12
C GLU A 873 -1.13 6.11 13.82
N LEU A 874 -2.42 5.89 14.12
CA LEU A 874 -3.43 6.88 13.77
C LEU A 874 -3.13 8.24 14.39
N LYS A 875 -2.87 8.26 15.70
CA LYS A 875 -2.73 9.54 16.39
C LYS A 875 -1.47 10.29 15.96
N ALA A 876 -0.44 9.57 15.51
CA ALA A 876 0.80 10.21 15.10
C ALA A 876 0.61 11.11 13.87
N MET A 877 -0.50 10.97 13.14
CA MET A 877 -0.72 11.77 11.95
C MET A 877 -1.21 13.18 12.26
N VAL A 878 -1.55 13.47 13.51
CA VAL A 878 -1.96 14.83 13.90
C VAL A 878 -0.69 15.63 14.15
N GLN A 879 -0.17 16.26 13.10
CA GLN A 879 1.12 16.95 13.14
C GLN A 879 0.89 18.45 13.07
N ALA A 880 1.65 19.20 13.87
CA ALA A 880 1.56 20.64 13.84
C ALA A 880 2.00 21.15 12.46
N PRO A 881 1.40 22.22 11.96
CA PRO A 881 1.86 22.78 10.70
C PRO A 881 3.26 23.35 10.84
N PRO A 882 4.03 23.41 9.76
CA PRO A 882 5.35 24.04 9.84
C PRO A 882 5.28 25.38 10.56
N GLY A 883 6.17 25.57 11.52
CA GLY A 883 6.16 26.76 12.34
C GLY A 883 5.27 26.70 13.56
N TYR A 884 4.69 25.54 13.86
CA TYR A 884 3.84 25.36 15.04
C TYR A 884 4.23 24.07 15.75
N THR A 885 3.77 23.96 17.00
CA THR A 885 4.17 22.87 17.89
C THR A 885 2.97 22.44 18.71
N LEU A 886 3.03 21.20 19.21
CA LEU A 886 2.05 20.69 20.16
C LEU A 886 2.65 20.68 21.55
N VAL A 887 1.90 21.23 22.51
CA VAL A 887 2.29 21.24 23.92
C VAL A 887 1.21 20.50 24.69
N GLY A 888 1.59 19.44 25.39
CA GLY A 888 0.60 18.59 26.03
C GLY A 888 0.99 18.10 27.40
N ALA A 889 0.03 17.50 28.10
CA ALA A 889 0.29 17.00 29.46
C ALA A 889 -0.61 15.79 29.71
N ASP A 890 -0.41 15.15 30.86
CA ASP A 890 -1.20 14.00 31.27
C ASP A 890 -1.17 13.91 32.78
N VAL A 891 -2.35 13.85 33.40
CA VAL A 891 -2.43 13.87 34.86
C VAL A 891 -1.89 12.58 35.43
N ASP A 892 -1.14 12.70 36.53
CA ASP A 892 -0.52 11.56 37.19
C ASP A 892 -1.56 10.86 38.05
N SER A 893 -2.31 9.97 37.40
CA SER A 893 -3.30 9.14 38.09
C SER A 893 -4.31 10.00 38.84
N GLN A 894 -5.03 10.83 38.10
CA GLN A 894 -6.07 11.66 38.70
C GLN A 894 -7.24 10.82 39.20
N GLU A 895 -7.59 9.75 38.47
CA GLU A 895 -8.70 8.90 38.87
C GLU A 895 -8.50 8.31 40.25
N LEU A 896 -7.25 8.23 40.73
CA LEU A 896 -6.96 7.79 42.08
C LEU A 896 -6.75 8.94 43.05
N TRP A 897 -6.20 10.06 42.56
CA TRP A 897 -6.00 11.22 43.41
C TRP A 897 -7.33 11.76 43.92
N ILE A 898 -8.35 11.75 43.06
CA ILE A 898 -9.66 12.24 43.50
C ILE A 898 -10.16 11.45 44.70
N ALA A 899 -10.14 10.12 44.59
CA ALA A 899 -10.62 9.28 45.69
C ALA A 899 -9.75 9.45 46.92
N ALA A 900 -8.43 9.52 46.74
CA ALA A 900 -7.53 9.68 47.88
C ALA A 900 -7.82 10.98 48.63
N VAL A 901 -7.97 12.09 47.90
CA VAL A 901 -8.20 13.37 48.55
C VAL A 901 -9.58 13.40 49.20
N LEU A 902 -10.58 12.81 48.56
CA LEU A 902 -11.90 12.75 49.17
C LEU A 902 -11.85 12.00 50.50
N GLY A 903 -11.23 10.80 50.49
CA GLY A 903 -11.12 10.05 51.72
C GLY A 903 -10.33 10.79 52.79
N ASP A 904 -9.28 11.49 52.38
CA ASP A 904 -8.46 12.24 53.35
C ASP A 904 -9.25 13.37 53.97
N ALA A 905 -9.89 14.19 53.14
CA ALA A 905 -10.66 15.33 53.64
C ALA A 905 -11.91 14.90 54.40
N HIS A 906 -12.36 13.65 54.23
CA HIS A 906 -13.50 13.18 54.99
C HIS A 906 -13.25 13.24 56.48
N PHE A 907 -12.03 12.88 56.91
CA PHE A 907 -11.71 12.77 58.34
C PHE A 907 -11.04 14.03 58.88
N ALA A 908 -9.90 14.41 58.31
CA ALA A 908 -9.14 15.57 58.81
C ALA A 908 -8.70 16.42 57.63
N GLY A 909 -8.17 17.60 57.95
CA GLY A 909 -7.87 18.59 56.94
C GLY A 909 -6.41 18.73 56.56
N MET A 910 -5.71 17.60 56.43
CA MET A 910 -4.33 17.61 55.99
C MET A 910 -4.09 16.44 55.05
N HIS A 911 -3.42 16.71 53.94
CA HIS A 911 -3.19 15.67 52.93
C HIS A 911 -2.42 14.51 53.52
N GLY A 912 -2.90 13.30 53.24
CA GLY A 912 -2.29 12.10 53.79
C GLY A 912 -2.91 11.68 55.11
N CYS A 913 -4.23 11.89 55.24
CA CYS A 913 -4.91 11.53 56.47
C CYS A 913 -4.82 10.04 56.75
N THR A 914 -5.02 9.21 55.72
CA THR A 914 -5.05 7.77 55.89
C THR A 914 -4.04 7.09 54.97
N ALA A 915 -4.11 5.75 54.91
CA ALA A 915 -3.09 4.99 54.19
C ALA A 915 -3.06 5.36 52.71
N PHE A 916 -4.23 5.40 52.07
CA PHE A 916 -4.27 5.53 50.62
C PHE A 916 -3.68 6.86 50.16
N GLY A 917 -4.03 7.96 50.85
CA GLY A 917 -3.43 9.24 50.52
C GLY A 917 -1.93 9.24 50.72
N TRP A 918 -1.45 8.53 51.75
CA TRP A 918 -0.02 8.44 52.00
C TRP A 918 0.69 7.67 50.89
N MET A 919 0.09 6.58 50.42
CA MET A 919 0.70 5.81 49.33
C MET A 919 0.72 6.61 48.04
N THR A 920 -0.43 7.18 47.66
CA THR A 920 -0.49 7.93 46.41
C THR A 920 0.39 9.18 46.49
N LEU A 921 0.49 9.81 47.64
CA LEU A 921 1.37 10.95 47.82
C LEU A 921 2.81 10.48 47.97
N GLN A 922 3.74 11.35 47.57
CA GLN A 922 5.17 11.05 47.56
C GLN A 922 5.43 9.61 47.12
N GLY A 923 4.72 9.18 46.08
CA GLY A 923 4.92 7.83 45.58
C GLY A 923 6.32 7.63 45.03
N ARG A 924 6.77 6.38 45.07
CA ARG A 924 8.13 6.02 44.65
C ARG A 924 8.06 4.80 43.75
N LYS A 925 8.50 4.97 42.50
CA LYS A 925 8.54 3.84 41.56
C LYS A 925 9.71 2.92 41.83
N SER A 926 10.83 3.46 42.35
CA SER A 926 12.01 2.64 42.58
C SER A 926 11.72 1.53 43.58
N ARG A 927 11.37 1.90 44.81
CA ARG A 927 11.01 0.90 45.81
C ARG A 927 9.70 0.19 45.48
N GLY A 928 8.93 0.69 44.51
CA GLY A 928 7.66 0.08 44.20
C GLY A 928 6.54 0.43 45.16
N THR A 929 6.72 1.46 45.99
CA THR A 929 5.69 1.86 46.94
C THR A 929 4.50 2.53 46.27
N ASP A 930 4.61 2.87 44.98
CA ASP A 930 3.46 3.40 44.26
C ASP A 930 2.36 2.36 44.20
N LEU A 931 1.11 2.83 44.13
CA LEU A 931 -0.02 1.90 44.22
C LEU A 931 0.03 0.86 43.12
N HIS A 932 0.30 1.27 41.88
CA HIS A 932 0.33 0.31 40.78
C HIS A 932 1.38 -0.77 41.00
N SER A 933 2.62 -0.36 41.28
CA SER A 933 3.70 -1.33 41.45
C SER A 933 3.49 -2.16 42.72
N LYS A 934 3.02 -1.53 43.80
CA LYS A 934 2.78 -2.28 45.03
C LYS A 934 1.73 -3.35 44.82
N THR A 935 0.63 -3.00 44.14
CA THR A 935 -0.40 -4.00 43.85
C THR A 935 0.14 -5.08 42.93
N ALA A 936 0.95 -4.69 41.94
CA ALA A 936 1.49 -5.66 40.99
C ALA A 936 2.35 -6.69 41.71
N THR A 937 3.23 -6.24 42.61
CA THR A 937 4.09 -7.16 43.32
C THR A 937 3.31 -7.95 44.38
N THR A 938 2.23 -7.39 44.91
CA THR A 938 1.38 -8.15 45.83
C THR A 938 0.65 -9.28 45.10
N VAL A 939 0.24 -9.04 43.86
CA VAL A 939 -0.51 -10.03 43.09
C VAL A 939 0.36 -10.82 42.13
N GLY A 940 1.48 -10.27 41.68
CA GLY A 940 2.38 -11.00 40.80
C GLY A 940 2.14 -10.80 39.32
N ILE A 941 1.36 -9.79 38.93
CA ILE A 941 1.11 -9.50 37.52
C ILE A 941 1.86 -8.23 37.14
N SER A 942 1.90 -7.96 35.83
CA SER A 942 2.62 -6.81 35.32
C SER A 942 1.94 -5.50 35.74
N ARG A 943 2.75 -4.46 35.88
CA ARG A 943 2.22 -3.16 36.30
C ARG A 943 1.22 -2.62 35.28
N GLU A 944 1.53 -2.73 34.00
CA GLU A 944 0.63 -2.20 32.97
C GLU A 944 -0.72 -2.92 33.00
N HIS A 945 -0.72 -4.22 33.28
CA HIS A 945 -1.96 -4.99 33.38
C HIS A 945 -2.61 -4.89 34.74
N ALA A 946 -2.00 -4.17 35.69
CA ALA A 946 -2.57 -4.03 37.02
C ALA A 946 -3.72 -3.04 37.08
N LYS A 947 -3.83 -2.14 36.09
CA LYS A 947 -4.88 -1.13 36.14
C LYS A 947 -6.25 -1.76 36.33
N ILE A 948 -6.56 -2.78 35.54
CA ILE A 948 -7.86 -3.44 35.64
C ILE A 948 -8.08 -3.98 37.06
N PHE A 949 -7.02 -4.52 37.68
CA PHE A 949 -7.17 -5.07 39.02
C PHE A 949 -7.49 -4.00 40.05
N ASN A 950 -7.18 -2.74 39.77
CA ASN A 950 -7.41 -1.67 40.73
C ASN A 950 -8.66 -0.86 40.38
N TYR A 951 -8.75 -0.38 39.14
CA TYR A 951 -9.88 0.46 38.75
C TYR A 951 -11.20 -0.28 38.92
N GLY A 952 -11.22 -1.59 38.64
CA GLY A 952 -12.42 -2.37 38.93
C GLY A 952 -12.73 -2.39 40.42
N ARG A 953 -11.71 -2.60 41.25
CA ARG A 953 -11.93 -2.56 42.69
C ARG A 953 -12.33 -1.17 43.16
N ILE A 954 -11.66 -0.13 42.64
CA ILE A 954 -11.98 1.23 43.05
C ILE A 954 -13.40 1.59 42.67
N TYR A 955 -13.86 1.12 41.50
CA TYR A 955 -15.19 1.43 41.01
C TYR A 955 -16.25 0.46 41.52
N GLY A 956 -16.00 -0.20 42.65
CA GLY A 956 -17.01 -1.04 43.26
C GLY A 956 -17.48 -2.18 42.39
N ALA A 957 -16.55 -2.83 41.69
CA ALA A 957 -16.91 -3.97 40.85
C ALA A 957 -17.32 -5.18 41.67
N GLY A 958 -16.79 -5.34 42.89
CA GLY A 958 -17.33 -6.28 43.84
C GLY A 958 -16.62 -7.62 43.87
N GLN A 959 -16.97 -8.40 44.90
CA GLN A 959 -16.41 -9.74 45.05
C GLN A 959 -16.68 -10.64 43.84
N PRO A 960 -17.87 -10.64 43.24
CA PRO A 960 -18.03 -11.44 42.01
C PRO A 960 -17.04 -11.06 40.91
N PHE A 961 -16.74 -9.76 40.78
CA PHE A 961 -15.75 -9.34 39.79
C PHE A 961 -14.36 -9.84 40.17
N ALA A 962 -13.97 -9.63 41.43
CA ALA A 962 -12.67 -10.11 41.89
C ALA A 962 -12.58 -11.63 41.88
N GLU A 963 -13.71 -12.30 41.75
CA GLU A 963 -13.76 -13.75 41.61
C GLU A 963 -13.56 -14.16 40.15
N ARG A 964 -14.39 -13.63 39.25
CA ARG A 964 -14.36 -14.07 37.87
C ARG A 964 -13.09 -13.61 37.14
N LEU A 965 -12.63 -12.38 37.42
CA LEU A 965 -11.35 -11.96 36.83
C LEU A 965 -10.24 -12.89 37.26
N LEU A 966 -10.22 -13.27 38.54
CA LEU A 966 -9.17 -14.13 39.05
C LEU A 966 -9.28 -15.54 38.47
N MET A 967 -10.51 -16.00 38.21
CA MET A 967 -10.68 -17.24 37.46
C MET A 967 -10.08 -17.12 36.07
N GLN A 968 -10.32 -15.99 35.40
CA GLN A 968 -10.05 -15.87 33.97
C GLN A 968 -8.62 -15.44 33.67
N PHE A 969 -8.07 -14.49 34.42
CA PHE A 969 -6.87 -13.81 33.98
C PHE A 969 -5.68 -14.75 33.87
N ASN A 970 -5.46 -15.62 34.87
CA ASN A 970 -4.32 -16.51 34.83
C ASN A 970 -4.52 -17.64 35.84
N HIS A 971 -3.54 -18.54 35.89
CA HIS A 971 -3.56 -19.73 36.71
C HIS A 971 -3.27 -19.39 38.18
N ARG A 972 -3.65 -20.31 39.06
CA ARG A 972 -3.44 -20.26 40.51
C ARG A 972 -4.32 -19.23 41.18
N LEU A 973 -5.10 -18.45 40.43
CA LEU A 973 -6.06 -17.52 40.99
C LEU A 973 -7.49 -17.99 40.77
N THR A 974 -7.69 -19.10 40.07
CA THR A 974 -9.01 -19.70 39.91
C THR A 974 -9.31 -20.57 41.14
N GLN A 975 -10.38 -21.37 41.04
CA GLN A 975 -10.73 -22.27 42.13
C GLN A 975 -11.14 -21.49 43.37
N GLN A 976 -11.10 -22.15 44.54
CA GLN A 976 -11.54 -21.51 45.77
C GLN A 976 -10.73 -20.26 46.07
N GLU A 977 -9.52 -20.14 45.51
CA GLU A 977 -8.73 -18.93 45.70
C GLU A 977 -9.51 -17.70 45.27
N ALA A 978 -10.28 -17.80 44.18
CA ALA A 978 -11.04 -16.67 43.69
C ALA A 978 -12.03 -16.16 44.73
N ALA A 979 -12.43 -17.00 45.68
CA ALA A 979 -13.29 -16.59 46.77
C ALA A 979 -12.53 -16.38 48.09
N GLU A 980 -11.28 -16.83 48.18
CA GLU A 980 -10.49 -16.69 49.39
C GLU A 980 -9.35 -15.70 49.25
N LYS A 981 -9.01 -15.28 48.03
CA LYS A 981 -7.93 -14.33 47.82
C LYS A 981 -8.38 -12.89 47.91
N ALA A 982 -9.62 -12.59 47.53
CA ALA A 982 -10.12 -11.23 47.57
C ALA A 982 -10.22 -10.70 49.00
N GLN A 983 -10.24 -11.59 49.99
CA GLN A 983 -10.26 -11.13 51.38
C GLN A 983 -9.00 -10.33 51.70
N GLN A 984 -7.86 -10.76 51.16
CA GLN A 984 -6.63 -10.00 51.34
C GLN A 984 -6.75 -8.60 50.73
N MET A 985 -7.37 -8.51 49.56
CA MET A 985 -7.44 -7.25 48.83
C MET A 985 -8.56 -6.34 49.33
N TYR A 986 -9.48 -6.85 50.15
CA TYR A 986 -10.68 -6.08 50.51
C TYR A 986 -11.00 -6.03 51.99
N ALA A 987 -10.37 -6.84 52.83
CA ALA A 987 -10.77 -6.89 54.24
C ALA A 987 -9.62 -7.45 55.07
N ALA A 988 -9.82 -7.41 56.39
CA ALA A 988 -8.87 -7.95 57.35
C ALA A 988 -9.65 -8.31 58.61
N THR A 989 -9.01 -9.11 59.46
CA THR A 989 -9.64 -9.57 60.70
C THR A 989 -10.11 -8.39 61.54
N TRP A 1049 -18.23 -3.95 56.12
CA TRP A 1049 -19.54 -3.42 55.76
C TRP A 1049 -19.49 -1.89 55.80
N LYS A 1050 -18.75 -1.33 56.76
CA LYS A 1050 -18.49 0.11 56.81
C LYS A 1050 -17.01 0.44 56.92
N GLY A 1051 -16.23 -0.35 57.68
CA GLY A 1051 -14.85 -0.01 57.96
C GLY A 1051 -13.95 -1.22 57.86
N GLY A 1052 -12.65 -0.96 57.94
CA GLY A 1052 -11.65 -1.99 57.85
C GLY A 1052 -10.75 -1.86 56.63
N THR A 1053 -9.52 -1.40 56.84
CA THR A 1053 -8.52 -1.27 55.79
C THR A 1053 -9.10 -0.56 54.55
N GLU A 1054 -9.40 -1.31 53.49
CA GLU A 1054 -9.81 -0.72 52.23
C GLU A 1054 -11.22 -0.16 52.27
N SER A 1055 -11.99 -0.42 53.34
CA SER A 1055 -13.39 -0.02 53.39
C SER A 1055 -13.59 1.43 53.82
N GLU A 1056 -12.54 2.13 54.26
CA GLU A 1056 -12.70 3.49 54.76
C GLU A 1056 -13.23 4.44 53.69
N MET A 1057 -13.10 4.09 52.40
CA MET A 1057 -13.70 4.90 51.35
C MET A 1057 -15.22 4.84 51.36
N PHE A 1058 -15.81 3.68 51.68
CA PHE A 1058 -17.26 3.54 51.62
C PHE A 1058 -17.94 4.61 52.45
N ASN A 1059 -17.37 4.98 53.58
CA ASN A 1059 -18.00 5.94 54.48
C ASN A 1059 -17.96 7.37 53.95
N LYS A 1060 -17.48 7.65 52.74
CA LYS A 1060 -17.58 8.98 52.16
C LYS A 1060 -18.49 9.03 50.94
N LEU A 1061 -18.16 8.26 49.89
CA LEU A 1061 -18.98 8.29 48.68
C LEU A 1061 -20.39 7.80 48.95
N GLU A 1062 -20.51 6.71 49.71
CA GLU A 1062 -21.83 6.20 50.07
C GLU A 1062 -22.66 7.24 50.79
N SER A 1063 -22.04 8.31 51.29
CA SER A 1063 -22.77 9.39 51.94
C SER A 1063 -23.13 10.51 50.96
N ILE A 1064 -22.28 10.76 49.95
CA ILE A 1064 -22.56 11.84 49.01
C ILE A 1064 -23.44 11.37 47.87
N ALA A 1065 -23.50 10.06 47.60
CA ALA A 1065 -24.32 9.51 46.53
C ALA A 1065 -25.70 9.10 46.98
N THR A 1066 -26.04 9.30 48.25
CA THR A 1066 -27.36 8.95 48.79
C THR A 1066 -28.09 10.16 49.36
N SER A 1067 -27.56 11.36 49.17
CA SER A 1067 -28.24 12.57 49.61
C SER A 1067 -29.45 12.84 48.72
N ASP A 1068 -30.37 13.65 49.24
CA ASP A 1068 -31.58 13.97 48.50
C ASP A 1068 -31.25 14.55 47.12
N ILE A 1069 -30.17 15.31 47.03
CA ILE A 1069 -29.72 15.88 45.76
C ILE A 1069 -28.25 15.55 45.58
N PRO A 1070 -27.92 14.35 45.10
CA PRO A 1070 -26.49 14.02 44.92
C PRO A 1070 -25.83 15.02 44.00
N ARG A 1071 -24.60 15.40 44.35
CA ARG A 1071 -23.93 16.51 43.69
C ARG A 1071 -22.43 16.29 43.71
N THR A 1072 -21.75 16.98 42.81
CA THR A 1072 -20.29 16.95 42.78
C THR A 1072 -19.75 17.80 43.93
N PRO A 1073 -18.86 17.27 44.77
CA PRO A 1073 -18.39 18.06 45.93
C PRO A 1073 -17.64 19.32 45.54
N VAL A 1074 -17.17 19.44 44.31
CA VAL A 1074 -16.29 20.54 43.91
C VAL A 1074 -17.07 21.68 43.27
N LEU A 1075 -17.76 21.43 42.16
CA LEU A 1075 -18.40 22.48 41.37
C LEU A 1075 -19.87 22.64 41.74
N GLY A 1076 -20.67 21.57 41.66
CA GLY A 1076 -22.01 21.61 42.18
C GLY A 1076 -23.15 21.28 41.22
N CYS A 1077 -22.90 20.46 40.21
CA CYS A 1077 -24.01 19.90 39.43
C CYS A 1077 -24.55 18.64 40.10
N CYS A 1078 -25.88 18.55 40.15
CA CYS A 1078 -26.54 17.39 40.71
C CYS A 1078 -26.64 16.29 39.66
N ILE A 1079 -26.67 15.04 40.14
CA ILE A 1079 -26.74 13.91 39.22
C ILE A 1079 -28.01 13.99 38.38
N SER A 1080 -27.95 13.38 37.20
CA SER A 1080 -29.08 13.43 36.27
C SER A 1080 -30.38 13.07 36.96
N ARG A 1081 -31.48 13.61 36.44
CA ARG A 1081 -32.78 13.34 37.03
C ARG A 1081 -33.13 11.86 36.97
N ALA A 1082 -32.54 11.12 36.02
CA ALA A 1082 -32.77 9.69 35.93
C ALA A 1082 -32.15 8.92 37.08
N LEU A 1083 -31.29 9.55 37.88
CA LEU A 1083 -30.60 8.87 38.97
C LEU A 1083 -30.74 9.63 40.29
N GLU A 1084 -31.84 10.37 40.46
CA GLU A 1084 -32.12 10.98 41.75
C GLU A 1084 -32.47 9.89 42.77
N PRO A 1085 -32.26 10.16 44.06
CA PRO A 1085 -32.76 9.23 45.07
C PRO A 1085 -34.26 9.06 45.01
N SER A 1086 -35.01 10.13 44.72
CA SER A 1086 -36.46 10.02 44.61
C SER A 1086 -36.87 9.23 43.38
N ALA A 1087 -36.16 9.40 42.26
CA ALA A 1087 -36.49 8.66 41.05
C ALA A 1087 -36.10 7.19 41.18
N VAL A 1088 -34.81 6.92 41.38
CA VAL A 1088 -34.30 5.58 41.59
C VAL A 1088 -33.76 5.51 43.02
N GLN A 1089 -34.16 4.47 43.74
CA GLN A 1089 -33.83 4.35 45.17
C GLN A 1089 -32.69 3.38 45.43
N GLU A 1090 -32.65 2.26 44.73
CA GLU A 1090 -31.64 1.23 44.96
C GLU A 1090 -30.79 0.93 43.74
N GLU A 1091 -31.39 0.86 42.56
CA GLU A 1091 -30.67 0.45 41.37
C GLU A 1091 -29.69 1.54 40.92
N PHE A 1092 -28.77 1.15 40.04
CA PHE A 1092 -27.75 2.07 39.51
C PHE A 1092 -26.88 2.63 40.63
N MET A 1093 -26.61 1.80 41.64
CA MET A 1093 -25.77 2.22 42.76
C MET A 1093 -24.30 2.33 42.35
N THR A 1094 -23.79 1.34 41.62
CA THR A 1094 -22.39 1.37 41.21
C THR A 1094 -22.14 2.56 40.27
N SER A 1095 -22.98 2.71 39.26
CA SER A 1095 -22.87 3.88 38.39
C SER A 1095 -23.03 5.17 39.19
N ARG A 1096 -23.92 5.17 40.18
CA ARG A 1096 -24.10 6.35 41.01
C ARG A 1096 -22.80 6.74 41.70
N VAL A 1097 -22.10 5.77 42.30
CA VAL A 1097 -20.88 6.09 43.03
C VAL A 1097 -19.77 6.49 42.05
N ASN A 1098 -19.65 5.77 40.93
CA ASN A 1098 -18.60 6.11 39.97
C ASN A 1098 -18.83 7.46 39.31
N TRP A 1099 -20.08 7.92 39.25
CA TRP A 1099 -20.36 9.23 38.69
C TRP A 1099 -19.64 10.32 39.45
N VAL A 1100 -19.51 10.16 40.77
CA VAL A 1100 -18.83 11.20 41.56
C VAL A 1100 -17.42 11.41 41.06
N VAL A 1101 -16.65 10.32 40.91
CA VAL A 1101 -15.25 10.45 40.52
C VAL A 1101 -15.14 10.90 39.07
N GLN A 1102 -15.96 10.32 38.18
CA GLN A 1102 -15.85 10.70 36.77
C GLN A 1102 -16.24 12.16 36.56
N SER A 1103 -17.30 12.61 37.25
CA SER A 1103 -17.67 14.02 37.17
C SER A 1103 -16.61 14.91 37.80
N SER A 1104 -15.94 14.44 38.86
CA SER A 1104 -14.84 15.21 39.42
C SER A 1104 -13.74 15.40 38.38
N ALA A 1105 -13.41 14.34 37.64
CA ALA A 1105 -12.44 14.47 36.56
C ALA A 1105 -12.93 15.44 35.49
N VAL A 1106 -14.23 15.41 35.19
CA VAL A 1106 -14.80 16.33 34.21
C VAL A 1106 -14.62 17.77 34.66
N ASP A 1107 -14.92 18.05 35.94
CA ASP A 1107 -14.75 19.40 36.46
C ASP A 1107 -13.29 19.81 36.46
N TYR A 1108 -12.39 18.88 36.77
CA TYR A 1108 -10.96 19.15 36.62
C TYR A 1108 -10.64 19.59 35.20
N LEU A 1109 -11.17 18.87 34.21
CA LEU A 1109 -10.89 19.24 32.82
C LEU A 1109 -11.43 20.62 32.49
N HIS A 1110 -12.64 20.92 32.96
CA HIS A 1110 -13.22 22.24 32.71
C HIS A 1110 -12.38 23.34 33.34
N LEU A 1111 -11.96 23.14 34.59
CA LEU A 1111 -11.12 24.11 35.28
C LEU A 1111 -9.81 24.32 34.54
N MET A 1112 -9.19 23.22 34.10
CA MET A 1112 -7.97 23.35 33.32
C MET A 1112 -8.21 24.22 32.10
N LEU A 1113 -9.26 23.91 31.32
CA LEU A 1113 -9.47 24.60 30.06
C LEU A 1113 -9.72 26.09 30.28
N VAL A 1114 -10.56 26.42 31.26
CA VAL A 1114 -10.84 27.83 31.53
C VAL A 1114 -9.57 28.53 31.98
N ALA A 1115 -8.76 27.88 32.82
CA ALA A 1115 -7.54 28.51 33.31
C ALA A 1115 -6.57 28.80 32.16
N MET A 1116 -6.38 27.84 31.25
CA MET A 1116 -5.42 28.10 30.19
C MET A 1116 -5.96 29.09 29.16
N LYS A 1117 -7.28 29.12 28.94
CA LYS A 1117 -7.79 30.19 28.09
C LYS A 1117 -7.51 31.55 28.71
N TRP A 1118 -7.74 31.67 30.02
CA TRP A 1118 -7.47 32.94 30.68
C TRP A 1118 -6.00 33.32 30.57
N LEU A 1119 -5.10 32.37 30.81
CA LEU A 1119 -3.68 32.67 30.75
C LEU A 1119 -3.24 33.04 29.33
N PHE A 1120 -3.74 32.32 28.32
CA PHE A 1120 -3.39 32.63 26.95
C PHE A 1120 -3.89 34.01 26.56
N GLU A 1121 -5.11 34.36 26.96
CA GLU A 1121 -5.64 35.69 26.66
C GLU A 1121 -4.83 36.77 27.37
N GLU A 1122 -4.45 36.52 28.63
CA GLU A 1122 -3.78 37.56 29.40
C GLU A 1122 -2.36 37.79 28.92
N PHE A 1123 -1.63 36.73 28.62
CA PHE A 1123 -0.22 36.81 28.27
C PHE A 1123 0.03 36.78 26.77
N ALA A 1124 -1.03 36.86 25.96
CA ALA A 1124 -0.90 36.98 24.50
C ALA A 1124 -0.09 35.82 23.91
N ILE A 1125 -0.48 34.61 24.28
CA ILE A 1125 0.08 33.40 23.68
C ILE A 1125 -0.86 32.96 22.55
N ASP A 1126 -0.29 32.70 21.38
CA ASP A 1126 -1.07 32.47 20.17
C ASP A 1126 -1.42 31.00 19.96
N GLY A 1127 -1.50 30.22 21.04
CA GLY A 1127 -1.94 28.84 20.95
C GLY A 1127 -3.42 28.70 21.26
N ARG A 1128 -3.94 27.50 21.03
CA ARG A 1128 -5.35 27.22 21.26
C ARG A 1128 -5.52 25.76 21.62
N PHE A 1129 -6.65 25.46 22.26
CA PHE A 1129 -6.95 24.09 22.64
C PHE A 1129 -7.03 23.20 21.41
N CYS A 1130 -6.50 21.98 21.53
CA CYS A 1130 -6.44 21.05 20.42
C CYS A 1130 -7.35 19.84 20.64
N ILE A 1131 -7.17 19.10 21.74
CA ILE A 1131 -8.06 17.99 22.06
C ILE A 1131 -7.73 17.46 23.44
N SER A 1132 -8.73 16.89 24.11
CA SER A 1132 -8.58 16.28 25.43
C SER A 1132 -9.03 14.83 25.34
N ILE A 1133 -8.09 13.94 25.01
CA ILE A 1133 -8.38 12.51 24.89
C ILE A 1133 -8.19 11.87 26.26
N HIS A 1134 -9.21 11.16 26.73
CA HIS A 1134 -9.10 10.24 27.84
C HIS A 1134 -8.23 10.81 28.96
N ASP A 1135 -8.70 11.91 29.52
CA ASP A 1135 -8.09 12.69 30.60
C ASP A 1135 -6.73 13.26 30.25
N GLU A 1136 -6.31 13.21 28.99
CA GLU A 1136 -5.15 13.97 28.56
C GLU A 1136 -5.60 15.35 28.06
N VAL A 1137 -4.63 16.21 27.79
CA VAL A 1137 -4.90 17.54 27.26
C VAL A 1137 -3.75 17.95 26.34
N ARG A 1138 -4.09 18.45 25.15
CA ARG A 1138 -3.12 18.91 24.18
C ARG A 1138 -3.49 20.33 23.75
N TYR A 1139 -2.49 21.06 23.26
CA TYR A 1139 -2.68 22.42 22.77
C TYR A 1139 -1.78 22.65 21.57
N LEU A 1140 -2.26 23.43 20.62
CA LEU A 1140 -1.48 23.83 19.45
C LEU A 1140 -1.01 25.26 19.65
N VAL A 1141 0.31 25.45 19.66
CA VAL A 1141 0.90 26.77 19.86
C VAL A 1141 1.89 27.00 18.74
N ARG A 1142 2.43 28.22 18.69
CA ARG A 1142 3.53 28.50 17.78
C ARG A 1142 4.86 28.15 18.43
N GLU A 1143 5.86 27.91 17.59
CA GLU A 1143 7.19 27.55 18.10
C GLU A 1143 7.72 28.60 19.06
N GLU A 1144 7.68 29.87 18.65
CA GLU A 1144 8.28 30.96 19.42
C GLU A 1144 7.77 31.04 20.85
N ASP A 1145 6.65 30.37 21.17
CA ASP A 1145 6.06 30.48 22.50
C ASP A 1145 5.98 29.15 23.22
N ARG A 1146 6.56 28.08 22.64
CA ARG A 1146 6.37 26.76 23.21
C ARG A 1146 6.66 26.75 24.71
N TYR A 1147 7.82 27.28 25.11
CA TYR A 1147 8.18 27.25 26.52
C TYR A 1147 7.10 27.92 27.37
N ARG A 1148 6.67 29.13 26.98
CA ARG A 1148 5.60 29.78 27.72
C ARG A 1148 4.43 28.85 27.90
N ALA A 1149 3.96 28.23 26.81
CA ALA A 1149 2.83 27.32 26.94
C ALA A 1149 3.10 26.30 28.03
N ALA A 1150 4.25 25.64 27.98
CA ALA A 1150 4.57 24.66 29.00
C ALA A 1150 4.44 25.26 30.39
N LEU A 1151 5.11 26.41 30.60
CA LEU A 1151 4.99 27.05 31.91
C LEU A 1151 3.53 27.26 32.27
N ALA A 1152 2.76 27.88 31.37
CA ALA A 1152 1.35 28.09 31.65
C ALA A 1152 0.71 26.77 32.02
N LEU A 1153 0.87 25.76 31.16
CA LEU A 1153 0.26 24.47 31.46
C LEU A 1153 0.64 24.02 32.86
N GLN A 1154 1.94 24.03 33.17
CA GLN A 1154 2.35 23.58 34.50
C GLN A 1154 1.61 24.35 35.57
N ILE A 1155 1.69 25.68 35.52
CA ILE A 1155 1.09 26.45 36.61
C ILE A 1155 -0.39 26.12 36.69
N THR A 1156 -1.06 25.95 35.54
CA THR A 1156 -2.48 25.63 35.57
C THR A 1156 -2.73 24.48 36.52
N ASN A 1157 -2.04 23.36 36.32
CA ASN A 1157 -2.30 22.19 37.17
C ASN A 1157 -2.25 22.58 38.64
N LEU A 1158 -1.20 23.29 39.04
CA LEU A 1158 -1.09 23.70 40.43
C LEU A 1158 -2.40 24.29 40.93
N LEU A 1159 -2.86 25.37 40.30
CA LEU A 1159 -4.09 26.01 40.78
C LEU A 1159 -5.24 25.02 40.85
N THR A 1160 -5.43 24.20 39.81
CA THR A 1160 -6.52 23.24 39.87
C THR A 1160 -6.42 22.39 41.12
N ARG A 1161 -5.25 21.80 41.39
CA ARG A 1161 -5.11 21.02 42.61
C ARG A 1161 -5.45 21.87 43.82
N CYS A 1162 -4.91 23.09 43.89
CA CYS A 1162 -5.25 23.96 45.00
C CYS A 1162 -6.76 24.08 45.14
N MET A 1163 -7.46 24.36 44.02
CA MET A 1163 -8.91 24.47 44.09
C MET A 1163 -9.51 23.23 44.75
N PHE A 1164 -9.12 22.05 44.29
CA PHE A 1164 -9.62 20.83 44.92
C PHE A 1164 -9.38 20.87 46.42
N ALA A 1165 -8.12 21.11 46.82
CA ALA A 1165 -7.80 21.13 48.24
C ALA A 1165 -8.64 22.16 48.97
N TYR A 1166 -8.90 23.30 48.33
CA TYR A 1166 -9.69 24.33 48.99
C TYR A 1166 -11.14 23.89 49.12
N LYS A 1167 -11.69 23.29 48.06
CA LYS A 1167 -13.12 23.02 48.05
C LYS A 1167 -13.48 21.85 48.96
N LEU A 1168 -12.50 21.06 49.39
CA LEU A 1168 -12.74 19.91 50.25
C LEU A 1168 -12.39 20.20 51.71
N GLY A 1169 -12.03 21.43 52.04
CA GLY A 1169 -11.75 21.80 53.41
C GLY A 1169 -10.29 21.71 53.81
N LEU A 1170 -9.37 21.58 52.87
CA LEU A 1170 -7.95 21.46 53.15
C LEU A 1170 -7.23 22.72 52.68
N ASN A 1171 -6.38 23.27 53.54
CA ASN A 1171 -5.64 24.49 53.26
C ASN A 1171 -4.15 24.19 53.07
N ASP A 1172 -3.84 23.08 52.41
CA ASP A 1172 -2.45 22.69 52.16
C ASP A 1172 -2.39 21.88 50.88
N LEU A 1173 -1.18 21.75 50.34
CA LEU A 1173 -0.98 21.01 49.11
C LEU A 1173 0.44 20.43 49.06
N PRO A 1174 0.59 19.11 48.92
CA PRO A 1174 1.94 18.56 48.77
C PRO A 1174 2.59 19.02 47.47
N GLN A 1175 3.91 19.14 47.51
CA GLN A 1175 4.67 19.46 46.31
C GLN A 1175 4.82 18.25 45.39
N SER A 1176 4.54 17.05 45.87
CA SER A 1176 4.61 15.87 45.01
C SER A 1176 3.61 15.96 43.87
N VAL A 1177 2.39 16.41 44.16
CA VAL A 1177 1.34 16.52 43.15
C VAL A 1177 1.18 17.95 42.65
N ALA A 1178 2.07 18.86 43.06
CA ALA A 1178 1.93 20.26 42.69
C ALA A 1178 2.15 20.51 41.20
N PHE A 1179 2.68 19.54 40.47
CA PHE A 1179 3.02 19.75 39.07
C PHE A 1179 2.90 18.43 38.32
N PHE A 1180 2.86 18.54 37.00
CA PHE A 1180 2.90 17.38 36.13
C PHE A 1180 4.26 16.70 36.22
N SER A 1181 4.27 15.39 35.92
CA SER A 1181 5.55 14.68 35.83
C SER A 1181 6.44 15.33 34.77
N ALA A 1182 5.86 15.64 33.61
CA ALA A 1182 6.57 16.37 32.58
C ALA A 1182 5.55 16.91 31.58
N VAL A 1183 5.94 17.98 30.88
CA VAL A 1183 5.12 18.58 29.85
C VAL A 1183 5.79 18.32 28.51
N ASP A 1184 5.02 17.79 27.55
CA ASP A 1184 5.59 17.32 26.30
C ASP A 1184 5.53 18.43 25.25
N ILE A 1185 6.66 18.70 24.61
CA ILE A 1185 6.74 19.59 23.46
C ILE A 1185 7.09 18.73 22.26
N ASP A 1186 6.24 18.74 21.24
CA ASP A 1186 6.36 17.76 20.17
C ASP A 1186 5.91 18.38 18.85
N ARG A 1187 6.29 17.71 17.76
CA ARG A 1187 5.83 18.09 16.43
C ARG A 1187 4.62 17.29 15.98
N CYS A 1188 4.14 16.36 16.80
CA CYS A 1188 2.98 15.54 16.46
C CYS A 1188 2.33 15.08 17.75
N LEU A 1189 1.38 14.15 17.64
CA LEU A 1189 0.61 13.65 18.77
C LEU A 1189 0.99 12.20 19.02
N ARG A 1190 1.57 11.94 20.18
CA ARG A 1190 1.98 10.58 20.55
C ARG A 1190 1.89 10.44 22.07
N LYS A 1191 1.79 9.19 22.51
CA LYS A 1191 1.64 8.92 23.94
C LYS A 1191 2.83 9.46 24.73
N GLU A 1192 4.04 9.25 24.22
CA GLU A 1192 5.25 9.76 24.87
C GLU A 1192 6.28 10.08 23.80
N VAL A 1193 6.99 11.19 24.00
CA VAL A 1193 7.95 11.65 22.99
C VAL A 1193 9.09 10.64 22.82
N THR A 1194 9.50 9.97 23.89
CA THR A 1194 10.67 9.11 23.87
C THR A 1194 10.45 7.79 23.15
N MET A 1195 9.34 7.63 22.44
CA MET A 1195 9.06 6.42 21.69
C MET A 1195 8.89 6.75 20.22
N ASP A 1196 9.27 5.81 19.36
CA ASP A 1196 9.13 5.94 17.92
C ASP A 1196 8.02 5.02 17.44
N CYS A 1197 7.06 5.57 16.70
CA CYS A 1197 5.89 4.83 16.28
C CYS A 1197 6.25 3.95 15.09
N LYS A 1198 6.53 2.69 15.35
CA LYS A 1198 6.83 1.71 14.31
C LYS A 1198 5.70 0.69 14.25
N THR A 1199 5.16 0.50 13.06
CA THR A 1199 4.04 -0.41 12.83
C THR A 1199 4.28 -1.17 11.54
N PRO A 1200 3.57 -2.27 11.32
CA PRO A 1200 3.65 -2.95 10.01
C PRO A 1200 3.33 -2.01 8.86
N SER A 1201 2.48 -1.02 9.08
CA SER A 1201 2.21 0.00 8.06
C SER A 1201 3.42 0.88 7.79
N ASN A 1202 4.38 0.93 8.71
CA ASN A 1202 5.60 1.70 8.50
C ASN A 1202 6.72 1.17 9.39
N PRO A 1203 7.33 0.05 9.05
CA PRO A 1203 8.44 -0.46 9.87
C PRO A 1203 9.57 0.55 10.01
N THR A 1204 9.78 1.38 9.00
CA THR A 1204 10.75 2.47 9.13
C THR A 1204 10.31 3.41 10.25
N GLY A 1205 11.29 3.94 10.98
CA GLY A 1205 10.97 4.79 12.11
C GLY A 1205 10.20 6.03 11.68
N MET A 1206 9.31 6.48 12.58
CA MET A 1206 8.57 7.71 12.32
C MET A 1206 9.51 8.88 12.07
N GLU A 1207 10.67 8.88 12.72
CA GLU A 1207 11.67 9.91 12.50
C GLU A 1207 12.34 9.78 11.14
N ARG A 1208 12.14 8.67 10.44
CA ARG A 1208 12.79 8.41 9.15
C ARG A 1208 11.80 8.21 8.01
N ARG A 1209 10.60 7.70 8.27
CA ARG A 1209 9.64 7.52 7.20
C ARG A 1209 9.05 8.85 6.75
N TYR A 1210 8.76 9.75 7.69
CA TYR A 1210 8.20 11.06 7.39
C TYR A 1210 9.14 12.21 7.69
N GLY A 1211 10.25 11.96 8.39
CA GLY A 1211 11.20 13.02 8.68
C GLY A 1211 10.71 13.99 9.74
N ILE A 1212 10.54 13.50 10.97
CA ILE A 1212 10.06 14.30 12.08
C ILE A 1212 10.98 14.11 13.27
N PRO A 1213 11.39 15.18 13.97
CA PRO A 1213 12.34 15.00 15.08
C PRO A 1213 11.76 14.17 16.22
N GLN A 1214 12.57 13.92 17.24
CA GLN A 1214 12.16 13.05 18.33
C GLN A 1214 11.28 13.78 19.35
N GLY A 1215 11.55 15.04 19.61
CA GLY A 1215 10.83 15.78 20.63
C GLY A 1215 11.31 15.45 22.02
N GLU A 1216 10.75 16.15 23.01
CA GLU A 1216 11.16 15.97 24.39
C GLU A 1216 10.08 16.46 25.33
N ALA A 1217 10.29 16.17 26.62
CA ALA A 1217 9.44 16.63 27.70
C ALA A 1217 10.29 17.33 28.75
N LEU A 1218 9.67 18.30 29.42
CA LEU A 1218 10.37 19.17 30.36
C LEU A 1218 9.72 19.09 31.74
N ASP A 1219 10.47 19.54 32.74
CA ASP A 1219 10.00 19.64 34.11
C ASP A 1219 10.19 21.07 34.59
N ILE A 1220 9.42 21.45 35.61
CA ILE A 1220 9.19 22.83 36.00
C ILE A 1220 10.47 23.66 35.93
N TYR A 1221 11.56 23.12 36.49
CA TYR A 1221 12.78 23.90 36.61
C TYR A 1221 13.34 24.31 35.24
N GLN A 1222 13.29 23.40 34.27
CA GLN A 1222 13.84 23.71 32.95
C GLN A 1222 13.05 24.84 32.29
N ILE A 1223 11.72 24.79 32.33
CA ILE A 1223 10.93 25.86 31.73
C ILE A 1223 11.16 27.16 32.49
N ILE A 1224 11.33 27.08 33.81
CA ILE A 1224 11.63 28.28 34.59
C ILE A 1224 12.93 28.92 34.09
N GLU A 1225 13.96 28.09 33.87
CA GLU A 1225 15.25 28.63 33.46
C GLU A 1225 15.20 29.18 32.04
N LEU A 1226 14.54 28.49 31.11
CA LEU A 1226 14.47 29.00 29.75
C LEU A 1226 13.61 30.25 29.65
N THR A 1227 12.56 30.35 30.46
CA THR A 1227 11.67 31.50 30.44
C THR A 1227 12.12 32.63 31.37
N LYS A 1228 13.21 32.43 32.10
CA LYS A 1228 13.72 33.42 33.05
C LYS A 1228 12.70 33.73 34.16
N GLY A 1229 11.73 32.84 34.36
CA GLY A 1229 10.70 33.10 35.34
C GLY A 1229 9.75 34.22 34.98
N SER A 1230 9.64 34.54 33.70
CA SER A 1230 8.76 35.60 33.22
C SER A 1230 7.88 35.05 32.11
N LEU A 1231 6.57 35.28 32.23
CA LEU A 1231 5.63 34.82 31.21
C LEU A 1231 5.36 35.85 30.13
N GLU A 1232 5.74 37.11 30.36
CA GLU A 1232 5.59 38.13 29.33
C GLU A 1232 6.51 37.82 28.16
N LYS A 1233 6.06 38.18 26.96
CA LYS A 1233 6.79 37.82 25.74
C LYS A 1233 8.23 38.29 25.80
N ARG A 1234 8.46 39.54 26.21
CA ARG A 1234 9.80 40.10 26.24
C ARG A 1234 10.47 39.77 27.56
N SER A 1235 11.70 39.28 27.48
CA SER A 1235 12.48 38.96 28.67
C SER A 1235 13.29 40.18 29.10
N GLU B 64 20.25 -31.15 -2.20
CA GLU B 64 19.82 -32.52 -2.08
C GLU B 64 18.54 -32.76 -2.88
N GLY B 65 17.49 -32.00 -2.55
CA GLY B 65 16.24 -32.06 -3.28
C GLY B 65 16.20 -31.23 -4.54
N SER B 66 17.23 -30.42 -4.78
CA SER B 66 17.30 -29.60 -5.98
C SER B 66 17.73 -30.38 -7.22
N GLU B 67 18.25 -31.60 -7.03
CA GLU B 67 18.62 -32.42 -8.18
C GLU B 67 17.42 -32.64 -9.09
N ALA B 68 16.28 -33.00 -8.50
CA ALA B 68 15.08 -33.22 -9.30
C ALA B 68 14.67 -31.94 -10.01
N LEU B 69 14.71 -30.80 -9.31
CA LEU B 69 14.30 -29.55 -9.92
C LEU B 69 15.16 -29.22 -11.13
N LEU B 70 16.48 -29.35 -10.99
CA LEU B 70 17.35 -29.09 -12.13
C LEU B 70 17.11 -30.09 -13.25
N GLU B 71 16.80 -31.35 -12.91
CA GLU B 71 16.50 -32.34 -13.93
C GLU B 71 15.27 -31.92 -14.75
N ILE B 72 14.21 -31.47 -14.08
CA ILE B 72 13.04 -31.02 -14.82
C ILE B 72 13.38 -29.78 -15.65
N CYS B 73 14.09 -28.82 -15.06
CA CYS B 73 14.44 -27.61 -15.79
C CYS B 73 15.22 -27.93 -17.05
N GLN B 74 16.07 -28.97 -17.00
CA GLN B 74 16.80 -29.39 -18.19
C GLN B 74 15.87 -30.09 -19.18
N ARG B 75 15.03 -31.00 -18.68
CA ARG B 75 14.21 -31.82 -19.59
C ARG B 75 13.24 -30.97 -20.40
N ARG B 76 12.59 -29.99 -19.76
CA ARG B 76 11.58 -29.17 -20.41
C ARG B 76 12.15 -27.89 -21.00
N HIS B 77 13.45 -27.89 -21.33
CA HIS B 77 14.07 -26.80 -22.07
C HIS B 77 13.87 -25.45 -21.38
N PHE B 78 14.00 -25.44 -20.06
CA PHE B 78 14.15 -24.19 -19.33
C PHE B 78 15.60 -23.74 -19.31
N LEU B 79 16.53 -24.67 -19.13
CA LEU B 79 17.95 -24.45 -19.26
C LEU B 79 18.47 -25.25 -20.46
N SER B 80 19.78 -25.19 -20.67
CA SER B 80 20.40 -25.92 -21.77
C SER B 80 21.82 -26.28 -21.39
N GLY B 81 22.25 -27.47 -21.80
CA GLY B 81 23.60 -27.94 -21.52
C GLY B 81 23.66 -29.39 -21.11
N SER B 82 24.26 -29.66 -19.96
CA SER B 82 24.41 -31.02 -19.46
C SER B 82 24.38 -30.99 -17.94
N LYS B 83 24.24 -32.17 -17.35
CA LYS B 83 24.21 -32.27 -15.89
C LYS B 83 25.46 -31.69 -15.26
N GLN B 84 26.58 -31.71 -15.98
CA GLN B 84 27.82 -31.16 -15.44
C GLN B 84 27.91 -29.65 -15.61
N GLN B 85 27.56 -29.14 -16.79
CA GLN B 85 27.60 -27.70 -17.02
C GLN B 85 26.62 -26.98 -16.11
N LEU B 86 25.42 -27.53 -15.94
CA LEU B 86 24.40 -26.93 -15.09
C LEU B 86 24.68 -27.31 -13.65
N SER B 87 25.04 -26.33 -12.83
CA SER B 87 25.30 -26.55 -11.41
C SER B 87 25.08 -25.25 -10.67
N ARG B 88 25.05 -25.34 -9.34
CA ARG B 88 24.78 -24.17 -8.52
C ARG B 88 25.78 -23.06 -8.79
N ASP B 89 27.08 -23.39 -8.76
CA ASP B 89 28.10 -22.37 -8.94
C ASP B 89 28.02 -21.74 -10.33
N SER B 90 27.86 -22.57 -11.37
CA SER B 90 27.78 -22.03 -12.72
C SER B 90 26.57 -21.14 -12.91
N LEU B 91 25.41 -21.56 -12.38
CA LEU B 91 24.21 -20.75 -12.53
C LEU B 91 24.34 -19.43 -11.77
N LEU B 92 24.88 -19.47 -10.54
CA LEU B 92 25.00 -18.25 -9.76
C LEU B 92 26.01 -17.29 -10.37
N SER B 93 27.15 -17.80 -10.82
CA SER B 93 28.18 -16.93 -11.38
C SER B 93 27.70 -16.27 -12.67
N GLY B 94 27.07 -17.04 -13.55
CA GLY B 94 26.59 -16.54 -14.82
C GLY B 94 27.35 -17.03 -16.04
N CYS B 95 28.05 -18.16 -15.95
CA CYS B 95 28.83 -18.71 -17.06
C CYS B 95 28.21 -19.99 -17.61
N HIS B 96 26.90 -20.17 -17.42
CA HIS B 96 26.21 -21.33 -17.95
C HIS B 96 26.06 -21.20 -19.47
N PRO B 97 25.81 -22.31 -20.16
CA PRO B 97 25.65 -22.23 -21.63
C PRO B 97 24.53 -21.28 -22.05
N GLY B 98 23.43 -21.23 -21.32
CA GLY B 98 22.31 -20.39 -21.65
C GLY B 98 21.01 -21.03 -21.21
N PHE B 99 19.91 -20.41 -21.59
CA PHE B 99 18.57 -20.88 -21.24
C PHE B 99 17.89 -21.50 -22.47
N GLY B 100 16.92 -22.36 -22.20
CA GLY B 100 16.07 -22.89 -23.24
C GLY B 100 14.98 -21.91 -23.61
N PRO B 101 14.22 -22.26 -24.66
CA PRO B 101 13.17 -21.34 -25.11
C PRO B 101 12.17 -20.98 -24.02
N LEU B 102 11.80 -21.95 -23.19
CA LEU B 102 10.92 -21.64 -22.07
C LEU B 102 11.59 -20.67 -21.10
N GLY B 103 12.89 -20.85 -20.86
CA GLY B 103 13.61 -19.91 -20.03
C GLY B 103 13.64 -18.51 -20.63
N VAL B 104 13.81 -18.43 -21.95
CA VAL B 104 13.80 -17.12 -22.62
C VAL B 104 12.43 -16.46 -22.46
N GLU B 105 11.35 -17.23 -22.63
CA GLU B 105 10.02 -16.67 -22.45
C GLU B 105 9.78 -16.23 -21.02
N LEU B 106 10.26 -17.02 -20.05
CA LEU B 106 10.13 -16.63 -18.65
C LEU B 106 10.87 -15.33 -18.36
N ARG B 107 12.09 -15.20 -18.89
CA ARG B 107 12.85 -13.97 -18.70
C ARG B 107 12.15 -12.79 -19.35
N LYS B 108 11.57 -12.99 -20.53
CA LYS B 108 10.83 -11.92 -21.18
C LYS B 108 9.62 -11.50 -20.36
N ASN B 109 8.89 -12.47 -19.81
CA ASN B 109 7.74 -12.13 -18.96
C ASN B 109 8.17 -11.35 -17.73
N LEU B 110 9.25 -11.79 -17.08
CA LEU B 110 9.72 -11.09 -15.89
C LEU B 110 10.17 -9.68 -16.23
N ALA B 111 10.88 -9.51 -17.35
CA ALA B 111 11.33 -8.19 -17.75
C ALA B 111 10.15 -7.28 -18.07
N ALA B 112 9.13 -7.81 -18.74
CA ALA B 112 7.95 -7.01 -19.05
C ALA B 112 7.23 -6.59 -17.78
N GLU B 113 7.10 -7.51 -16.82
CA GLU B 113 6.44 -7.15 -15.56
C GLU B 113 7.23 -6.08 -14.81
N TRP B 114 8.56 -6.21 -14.76
CA TRP B 114 9.37 -5.19 -14.11
C TRP B 114 9.21 -3.85 -14.81
N TRP B 115 9.24 -3.85 -16.14
CA TRP B 115 9.12 -2.61 -16.89
C TRP B 115 7.77 -1.94 -16.64
N THR B 116 6.69 -2.72 -16.66
CA THR B 116 5.37 -2.15 -16.49
C THR B 116 5.08 -1.75 -15.06
N SER B 117 5.78 -2.34 -14.08
CA SER B 117 5.60 -1.97 -12.69
C SER B 117 6.57 -0.91 -12.21
N VAL B 118 7.57 -0.53 -13.02
CA VAL B 118 8.57 0.44 -12.63
C VAL B 118 8.57 1.68 -13.51
N VAL B 119 8.40 1.52 -14.82
CA VAL B 119 8.64 2.58 -15.77
C VAL B 119 7.35 3.11 -16.38
N VAL B 120 6.46 2.23 -16.84
CA VAL B 120 5.34 2.69 -17.66
C VAL B 120 4.36 3.53 -16.86
N PHE B 121 4.13 3.19 -15.60
CA PHE B 121 3.12 3.86 -14.78
C PHE B 121 3.64 5.10 -14.07
N ARG B 122 4.85 5.55 -14.42
CA ARG B 122 5.42 6.76 -13.84
C ARG B 122 5.58 7.81 -14.92
N GLU B 123 5.32 9.06 -14.55
CA GLU B 123 5.30 10.17 -15.49
C GLU B 123 6.62 10.92 -15.56
N GLN B 124 7.66 10.44 -14.87
CA GLN B 124 8.96 11.07 -14.88
C GLN B 124 10.09 10.11 -15.22
N VAL B 125 9.78 8.82 -15.41
CA VAL B 125 10.80 7.81 -15.71
C VAL B 125 10.88 7.64 -17.23
N PHE B 126 12.10 7.58 -17.74
CA PHE B 126 12.34 7.47 -19.16
C PHE B 126 13.31 6.32 -19.45
N PRO B 127 13.23 5.74 -20.65
CA PRO B 127 14.16 4.67 -21.00
C PRO B 127 15.53 5.21 -21.39
N VAL B 128 16.50 4.31 -21.42
CA VAL B 128 17.87 4.66 -21.79
C VAL B 128 18.56 3.41 -22.33
N ASP B 129 19.48 3.63 -23.26
CA ASP B 129 20.30 2.57 -23.83
C ASP B 129 21.76 2.92 -23.62
N ALA B 130 22.52 1.99 -23.04
CA ALA B 130 23.94 2.17 -22.78
C ALA B 130 24.72 1.12 -23.55
N LEU B 131 25.77 1.55 -24.24
CA LEU B 131 26.59 0.63 -25.00
C LEU B 131 27.19 -0.43 -24.09
N HIS B 132 27.54 -1.57 -24.68
CA HIS B 132 28.05 -2.71 -23.92
C HIS B 132 29.54 -2.61 -23.64
N HIS B 133 30.23 -1.58 -24.12
CA HIS B 133 31.66 -1.46 -23.93
C HIS B 133 32.01 -0.01 -23.63
N LYS B 134 33.16 0.18 -23.00
CA LYS B 134 33.66 1.51 -22.68
C LYS B 134 34.95 1.77 -23.48
N PRO B 135 34.91 2.61 -24.51
CA PRO B 135 36.15 2.88 -25.27
C PRO B 135 37.01 3.96 -24.63
N GLY B 136 38.11 4.32 -25.29
CA GLY B 136 38.94 5.41 -24.86
C GLY B 136 39.96 5.03 -23.81
N PRO B 137 40.86 5.95 -23.47
CA PRO B 137 41.87 5.66 -22.45
C PRO B 137 41.23 5.38 -21.09
N LEU B 138 41.93 4.55 -20.30
CA LEU B 138 41.44 4.08 -19.03
C LEU B 138 42.50 4.28 -17.96
N LEU B 139 42.08 4.24 -16.69
CA LEU B 139 43.03 4.16 -15.60
C LEU B 139 43.64 2.76 -15.57
N PRO B 140 44.93 2.65 -15.21
CA PRO B 140 45.63 1.37 -15.38
C PRO B 140 45.37 0.35 -14.29
N GLY B 141 44.82 0.76 -13.14
CA GLY B 141 44.74 -0.13 -12.00
C GLY B 141 43.60 -1.14 -12.01
N ASP B 142 42.60 -0.95 -12.87
CA ASP B 142 41.43 -1.82 -12.82
C ASP B 142 41.79 -3.26 -13.17
N SER B 143 42.58 -3.46 -14.22
CA SER B 143 43.00 -4.79 -14.69
C SER B 143 41.86 -5.57 -15.33
N ALA B 144 40.76 -4.90 -15.65
CA ALA B 144 39.63 -5.59 -16.26
C ALA B 144 39.94 -5.96 -17.71
N PHE B 145 39.16 -6.91 -18.24
CA PHE B 145 39.38 -7.38 -19.59
C PHE B 145 39.37 -6.22 -20.58
N ARG B 146 39.95 -6.45 -21.75
CA ARG B 146 40.13 -5.41 -22.75
C ARG B 146 39.74 -5.94 -24.12
N LEU B 147 39.37 -5.01 -25.00
CA LEU B 147 38.94 -5.33 -26.35
C LEU B 147 40.06 -5.01 -27.33
N VAL B 148 40.37 -5.95 -28.22
CA VAL B 148 41.42 -5.79 -29.21
C VAL B 148 40.94 -6.38 -30.53
N SER B 149 41.17 -5.65 -31.62
CA SER B 149 40.94 -6.16 -32.97
C SER B 149 42.25 -6.76 -33.47
N ALA B 150 42.20 -8.01 -33.90
CA ALA B 150 43.41 -8.70 -34.31
C ALA B 150 43.75 -8.48 -35.79
N GLU B 151 42.97 -7.66 -36.50
CA GLU B 151 43.41 -7.24 -37.83
C GLU B 151 44.68 -6.41 -37.75
N THR B 152 45.00 -5.89 -36.57
CA THR B 152 46.29 -5.27 -36.31
C THR B 152 47.28 -6.24 -35.67
N LEU B 153 46.79 -7.23 -34.91
CA LEU B 153 47.69 -8.22 -34.35
C LEU B 153 48.32 -9.07 -35.46
N ARG B 154 47.58 -9.31 -36.54
CA ARG B 154 48.15 -9.97 -37.71
C ARG B 154 49.24 -9.13 -38.36
N GLU B 155 49.06 -7.81 -38.41
CA GLU B 155 50.13 -6.93 -38.83
C GLU B 155 51.34 -7.04 -37.90
N ILE B 156 51.09 -7.20 -36.61
CA ILE B 156 52.19 -7.31 -35.64
C ILE B 156 53.10 -8.48 -35.98
N LEU B 157 52.52 -9.60 -36.40
CA LEU B 157 53.27 -10.85 -36.55
C LEU B 157 54.28 -10.82 -37.70
N GLN B 158 54.45 -9.70 -38.40
CA GLN B 158 55.29 -9.66 -39.59
C GLN B 158 56.72 -9.25 -39.31
N ASP B 159 57.07 -8.89 -38.07
CA ASP B 159 58.42 -8.42 -37.77
C ASP B 159 58.63 -8.44 -36.26
N LYS B 160 59.83 -8.06 -35.84
CA LYS B 160 60.21 -7.97 -34.44
C LYS B 160 60.85 -6.61 -34.18
N GLU B 161 60.67 -6.10 -32.96
CA GLU B 161 61.11 -4.75 -32.63
C GLU B 161 61.16 -4.58 -31.13
N LEU B 162 62.34 -4.26 -30.60
CA LEU B 162 62.52 -4.02 -29.16
C LEU B 162 61.84 -5.10 -28.31
N SER B 163 62.18 -6.35 -28.62
CA SER B 163 61.52 -7.49 -28.01
C SER B 163 62.19 -7.95 -26.71
N LYS B 164 63.00 -7.10 -26.08
CA LYS B 164 63.68 -7.50 -24.86
C LYS B 164 62.93 -7.06 -23.60
N GLU B 165 62.80 -5.76 -23.39
CA GLU B 165 62.17 -5.25 -22.17
C GLU B 165 61.09 -4.20 -22.44
N GLN B 166 61.29 -3.33 -23.43
CA GLN B 166 60.40 -2.20 -23.61
C GLN B 166 59.02 -2.64 -24.10
N LEU B 167 58.98 -3.57 -25.04
CA LEU B 167 57.70 -4.08 -25.50
C LEU B 167 57.05 -5.03 -24.51
N VAL B 168 57.65 -5.20 -23.33
CA VAL B 168 56.98 -5.83 -22.21
C VAL B 168 56.31 -4.73 -21.38
N ALA B 169 56.93 -3.55 -21.37
CA ALA B 169 56.26 -2.36 -20.85
C ALA B 169 55.16 -1.90 -21.79
N PHE B 170 55.14 -2.40 -23.03
CA PHE B 170 54.04 -2.14 -23.94
C PHE B 170 52.71 -2.67 -23.37
N LEU B 171 52.77 -3.57 -22.39
CA LEU B 171 51.56 -3.95 -21.68
C LEU B 171 50.89 -2.74 -21.05
N GLU B 172 51.66 -1.70 -20.73
CA GLU B 172 51.07 -0.46 -20.25
C GLU B 172 50.17 0.16 -21.32
N ASN B 173 50.65 0.21 -22.57
CA ASN B 173 49.81 0.69 -23.66
C ASN B 173 48.60 -0.21 -23.85
N VAL B 174 48.80 -1.52 -23.76
CA VAL B 174 47.68 -2.45 -23.87
C VAL B 174 46.62 -2.11 -22.82
N LEU B 175 47.05 -1.83 -21.59
CA LEU B 175 46.11 -1.44 -20.54
C LEU B 175 45.43 -0.13 -20.89
N LYS B 176 46.17 0.83 -21.44
CA LYS B 176 45.65 2.19 -21.58
C LYS B 176 44.70 2.34 -22.75
N THR B 177 45.17 2.05 -23.96
CA THR B 177 44.43 2.36 -25.18
C THR B 177 43.48 1.26 -25.62
N SER B 178 42.99 0.45 -24.69
CA SER B 178 42.04 -0.62 -24.98
C SER B 178 40.80 -0.46 -24.11
N GLY B 179 39.63 -0.50 -24.74
CA GLY B 179 38.39 -0.40 -24.01
C GLY B 179 38.03 -1.69 -23.29
N LYS B 180 37.05 -1.58 -22.40
CA LYS B 180 36.61 -2.69 -21.57
C LYS B 180 35.13 -2.97 -21.79
N LEU B 181 34.74 -4.21 -21.51
CA LEU B 181 33.33 -4.56 -21.56
C LEU B 181 32.58 -3.89 -20.41
N ARG B 182 31.37 -3.45 -20.70
CA ARG B 182 30.54 -2.80 -19.68
C ARG B 182 30.38 -3.72 -18.49
N GLU B 183 30.57 -3.17 -17.29
CA GLU B 183 30.46 -3.93 -16.05
C GLU B 183 29.19 -3.62 -15.27
N ASN B 184 28.59 -2.45 -15.48
CA ASN B 184 27.33 -2.11 -14.85
C ASN B 184 26.67 -1.00 -15.66
N LEU B 185 25.34 -0.91 -15.54
CA LEU B 185 24.59 0.10 -16.28
C LEU B 185 24.58 1.45 -15.59
N LEU B 186 25.15 1.56 -14.39
CA LEU B 186 25.15 2.83 -13.68
C LEU B 186 25.96 3.88 -14.43
N HIS B 187 27.13 3.50 -14.96
CA HIS B 187 27.98 4.47 -15.65
C HIS B 187 27.29 5.02 -16.89
N GLY B 188 26.68 4.16 -17.69
CA GLY B 188 25.99 4.63 -18.89
C GLY B 188 24.84 5.55 -18.54
N ALA B 189 24.07 5.21 -17.51
CA ALA B 189 22.97 6.08 -17.09
C ALA B 189 23.49 7.44 -16.62
N LEU B 190 24.58 7.44 -15.85
CA LEU B 190 25.15 8.71 -15.39
C LEU B 190 25.68 9.53 -16.56
N GLU B 191 26.14 8.87 -17.61
CA GLU B 191 26.63 9.59 -18.79
C GLU B 191 25.54 10.38 -19.49
N HIS B 192 24.27 10.13 -19.19
CA HIS B 192 23.15 10.78 -19.86
C HIS B 192 22.38 11.72 -18.93
N TYR B 193 22.91 12.02 -17.75
CA TYR B 193 22.17 12.85 -16.81
C TYR B 193 21.94 14.25 -17.35
N VAL B 194 22.93 14.83 -18.00
CA VAL B 194 22.80 16.21 -18.48
C VAL B 194 21.79 16.29 -19.62
N ASN B 195 21.89 15.37 -20.59
CA ASN B 195 21.03 15.46 -21.77
C ASN B 195 19.59 15.12 -21.47
N CYS B 196 19.31 14.43 -20.38
CA CYS B 196 17.95 14.04 -20.02
C CYS B 196 17.26 15.07 -19.13
N LEU B 197 17.93 16.17 -18.82
CA LEU B 197 17.28 17.25 -18.07
C LEU B 197 16.29 18.02 -18.93
N ASP B 198 16.41 17.94 -20.25
CA ASP B 198 15.48 18.63 -21.14
C ASP B 198 14.13 17.91 -21.25
N LEU B 199 14.03 16.68 -20.76
CA LEU B 199 12.78 15.94 -20.84
C LEU B 199 11.75 16.44 -19.84
N VAL B 200 12.18 16.93 -18.68
CA VAL B 200 11.28 17.34 -17.62
C VAL B 200 11.53 18.80 -17.19
N ASN B 201 12.22 19.57 -18.04
CA ASN B 201 12.50 20.98 -17.75
C ASN B 201 13.24 21.14 -16.43
N LYS B 202 14.14 20.20 -16.15
CA LYS B 202 15.05 20.28 -15.00
C LYS B 202 14.33 20.11 -13.66
N ARG B 203 13.27 19.31 -13.62
CA ARG B 203 12.63 18.99 -12.36
C ARG B 203 13.40 17.86 -11.70
N LEU B 204 13.89 18.12 -10.48
CA LEU B 204 14.92 17.26 -9.89
C LEU B 204 14.49 15.80 -9.75
N PRO B 205 13.33 15.46 -9.19
CA PRO B 205 13.00 14.04 -9.03
C PRO B 205 12.72 13.40 -10.38
N TYR B 206 13.66 12.59 -10.87
CA TYR B 206 13.45 11.95 -12.18
C TYR B 206 14.47 10.82 -12.33
N GLY B 207 14.09 9.81 -13.13
CA GLY B 207 14.84 8.59 -13.19
C GLY B 207 15.07 8.12 -14.61
N LEU B 208 16.02 7.18 -14.73
CA LEU B 208 16.31 6.48 -15.97
C LEU B 208 16.41 4.99 -15.68
N ALA B 209 15.77 4.19 -16.52
CA ALA B 209 15.69 2.75 -16.32
C ALA B 209 16.26 2.02 -17.53
N GLN B 210 16.87 0.88 -17.27
CA GLN B 210 17.42 0.06 -18.34
C GLN B 210 17.42 -1.40 -17.91
N ILE B 211 17.42 -2.29 -18.91
CA ILE B 211 17.59 -3.71 -18.71
C ILE B 211 18.65 -4.18 -19.70
N GLY B 212 19.68 -4.87 -19.19
CA GLY B 212 20.75 -5.26 -20.09
C GLY B 212 21.69 -6.25 -19.46
N VAL B 213 22.62 -6.74 -20.28
CA VAL B 213 23.61 -7.72 -19.87
C VAL B 213 24.89 -7.01 -19.49
N CYS B 214 25.54 -7.47 -18.42
CA CYS B 214 26.85 -6.99 -18.02
C CYS B 214 27.74 -8.19 -17.69
N PHE B 215 29.04 -7.96 -17.83
CA PHE B 215 30.04 -9.01 -17.77
C PHE B 215 30.82 -8.89 -16.46
N HIS B 216 31.08 -10.03 -15.82
CA HIS B 216 31.81 -10.05 -14.55
C HIS B 216 32.88 -11.12 -14.64
N PRO B 217 34.15 -10.81 -14.34
CA PRO B 217 35.17 -11.86 -14.30
C PRO B 217 34.89 -12.84 -13.16
N VAL B 218 35.19 -14.11 -13.40
CA VAL B 218 34.98 -15.18 -12.43
C VAL B 218 36.20 -16.09 -12.43
N PHE B 219 36.39 -16.77 -11.31
CA PHE B 219 37.55 -17.63 -11.12
C PHE B 219 37.25 -19.06 -11.56
N GLY B 227 42.18 -21.12 -19.55
CA GLY B 227 42.15 -19.80 -18.95
C GLY B 227 41.91 -19.84 -17.46
N VAL B 228 42.75 -19.13 -16.70
CA VAL B 228 42.60 -19.12 -15.25
C VAL B 228 41.29 -18.48 -14.85
N LYS B 229 40.95 -17.34 -15.47
CA LYS B 229 39.73 -16.61 -15.16
C LYS B 229 38.88 -16.47 -16.41
N SER B 230 37.57 -16.63 -16.24
CA SER B 230 36.61 -16.56 -17.33
C SER B 230 35.66 -15.39 -17.09
N ILE B 231 34.64 -15.27 -17.94
CA ILE B 231 33.68 -14.17 -17.89
C ILE B 231 32.29 -14.75 -17.79
N GLY B 232 31.46 -14.16 -16.94
CA GLY B 232 30.07 -14.54 -16.82
C GLY B 232 29.17 -13.36 -17.14
N GLU B 233 28.12 -13.62 -17.92
CA GLU B 233 27.17 -12.60 -18.34
C GLU B 233 25.91 -12.70 -17.49
N LYS B 234 25.43 -11.54 -17.03
CA LYS B 234 24.22 -11.49 -16.23
C LYS B 234 23.32 -10.37 -16.72
N THR B 235 22.04 -10.68 -16.92
CA THR B 235 21.05 -9.70 -17.32
C THR B 235 20.38 -9.14 -16.07
N GLU B 236 20.37 -7.80 -15.95
CA GLU B 236 19.75 -7.16 -14.80
C GLU B 236 19.14 -5.83 -15.21
N ALA B 237 18.24 -5.36 -14.36
CA ALA B 237 17.54 -4.10 -14.56
C ALA B 237 18.00 -3.08 -13.52
N SER B 238 18.34 -1.88 -14.00
CA SER B 238 18.85 -0.83 -13.14
C SER B 238 18.03 0.44 -13.32
N LEU B 239 17.80 1.13 -12.20
CA LEU B 239 17.13 2.42 -12.18
C LEU B 239 18.03 3.41 -11.45
N VAL B 240 18.33 4.54 -12.11
CA VAL B 240 19.09 5.63 -11.53
C VAL B 240 18.12 6.78 -11.30
N TRP B 241 17.98 7.19 -10.04
CA TRP B 241 16.92 8.11 -9.60
C TRP B 241 17.62 9.35 -9.01
N PHE B 242 17.49 10.48 -9.70
CA PHE B 242 18.02 11.73 -9.20
C PHE B 242 16.97 12.44 -8.36
N THR B 243 17.34 12.78 -7.13
CA THR B 243 16.44 13.41 -6.17
C THR B 243 17.07 14.68 -5.63
N PRO B 244 16.30 15.49 -4.90
CA PRO B 244 16.90 16.55 -4.12
C PRO B 244 17.68 15.97 -2.96
N PRO B 245 18.76 16.63 -2.53
CA PRO B 245 19.54 16.08 -1.41
C PRO B 245 18.75 15.90 -0.14
N ARG B 246 17.81 16.79 0.15
CA ARG B 246 17.11 16.74 1.44
C ARG B 246 16.26 15.48 1.59
N THR B 247 15.56 15.07 0.53
CA THR B 247 14.61 13.97 0.59
C THR B 247 15.24 12.63 0.18
N SER B 248 16.54 12.60 -0.07
CA SER B 248 17.16 11.38 -0.57
C SER B 248 16.72 10.16 0.23
N ASN B 249 17.03 10.14 1.52
CA ASN B 249 16.66 8.99 2.34
C ASN B 249 15.18 8.65 2.18
N GLN B 250 14.31 9.66 2.27
CA GLN B 250 12.88 9.43 2.04
C GLN B 250 12.68 8.55 0.81
N TRP B 251 13.10 9.04 -0.35
CA TRP B 251 12.93 8.26 -1.57
C TRP B 251 13.49 6.87 -1.41
N LEU B 252 14.72 6.76 -0.90
CA LEU B 252 15.29 5.44 -0.63
C LEU B 252 14.26 4.54 0.02
N ASP B 253 13.82 4.93 1.23
CA ASP B 253 12.80 4.13 1.91
C ASP B 253 11.69 3.76 0.95
N PHE B 254 11.03 4.76 0.37
CA PHE B 254 9.93 4.49 -0.56
C PHE B 254 10.33 3.39 -1.54
N TRP B 255 11.39 3.63 -2.33
CA TRP B 255 11.75 2.65 -3.34
C TRP B 255 11.96 1.29 -2.72
N LEU B 256 12.73 1.21 -1.63
CA LEU B 256 12.89 -0.06 -0.93
C LEU B 256 11.54 -0.73 -0.78
N ARG B 257 10.63 -0.10 -0.04
CA ARG B 257 9.30 -0.66 0.14
C ARG B 257 8.76 -1.14 -1.21
N HIS B 258 8.65 -0.23 -2.18
CA HIS B 258 8.05 -0.61 -3.45
C HIS B 258 8.74 -1.85 -4.01
N ARG B 259 10.06 -1.82 -4.10
CA ARG B 259 10.75 -2.95 -4.70
C ARG B 259 10.41 -4.23 -3.96
N LEU B 260 10.50 -4.22 -2.64
CA LEU B 260 10.15 -5.41 -1.88
C LEU B 260 8.76 -5.89 -2.25
N GLN B 261 7.78 -4.98 -2.23
CA GLN B 261 6.42 -5.35 -2.59
C GLN B 261 6.42 -6.04 -3.95
N TRP B 262 7.08 -5.45 -4.94
CA TRP B 262 7.09 -6.04 -6.27
C TRP B 262 7.62 -7.46 -6.22
N TRP B 263 8.75 -7.67 -5.53
CA TRP B 263 9.35 -8.99 -5.51
C TRP B 263 8.44 -9.99 -4.80
N ARG B 264 7.59 -9.50 -3.89
CA ARG B 264 6.65 -10.39 -3.20
C ARG B 264 5.32 -10.52 -3.92
N LYS B 265 5.12 -9.76 -5.01
CA LYS B 265 3.83 -9.80 -5.70
C LYS B 265 3.58 -11.17 -6.32
N PHE B 266 4.55 -11.68 -7.06
CA PHE B 266 4.40 -12.95 -7.77
C PHE B 266 4.82 -14.15 -6.94
N ALA B 267 5.56 -13.94 -5.86
CA ALA B 267 6.08 -15.06 -5.08
C ALA B 267 4.94 -15.85 -4.45
N MET B 268 5.03 -17.18 -4.53
CA MET B 268 4.05 -18.03 -3.86
C MET B 268 4.27 -18.04 -2.35
N SER B 269 5.51 -17.81 -1.92
CA SER B 269 5.85 -17.72 -0.49
C SER B 269 6.63 -16.42 -0.28
N PRO B 270 5.94 -15.29 -0.15
CA PRO B 270 6.66 -14.02 -0.04
C PRO B 270 7.57 -13.94 1.19
N SER B 271 7.33 -14.76 2.21
CA SER B 271 8.17 -14.74 3.40
C SER B 271 9.61 -15.17 3.12
N ASN B 272 9.88 -15.78 1.97
CA ASN B 272 11.24 -16.16 1.62
C ASN B 272 12.07 -15.00 1.10
N PHE B 273 11.43 -13.88 0.72
CA PHE B 273 12.14 -12.66 0.36
C PHE B 273 12.33 -11.81 1.61
N SER B 274 13.52 -11.21 1.74
CA SER B 274 13.85 -10.43 2.92
C SER B 274 14.74 -9.27 2.50
N SER B 275 14.98 -8.36 3.45
CA SER B 275 15.81 -7.19 3.20
C SER B 275 16.62 -6.88 4.46
N SER B 276 17.72 -6.16 4.27
CA SER B 276 18.58 -5.79 5.39
C SER B 276 19.36 -4.53 5.05
N ASP B 277 19.56 -3.67 6.05
CA ASP B 277 20.31 -2.45 5.87
C ASP B 277 21.81 -2.74 5.79
N CYS B 278 22.57 -1.73 5.38
CA CYS B 278 24.01 -1.87 5.26
C CYS B 278 24.63 -0.50 5.02
N GLN B 279 25.95 -0.45 5.17
CA GLN B 279 26.71 0.78 4.95
C GLN B 279 28.02 0.43 4.25
N ASP B 280 28.58 1.43 3.58
CA ASP B 280 29.86 1.30 2.90
C ASP B 280 30.95 1.95 3.75
N GLU B 281 32.20 1.71 3.35
CA GLU B 281 33.33 2.27 4.08
C GLU B 281 33.31 3.79 4.09
N GLU B 282 32.59 4.42 3.17
CA GLU B 282 32.48 5.87 3.10
C GLU B 282 31.33 6.41 3.94
N GLY B 283 30.60 5.54 4.66
CA GLY B 283 29.54 6.00 5.53
C GLY B 283 28.24 6.32 4.84
N ARG B 284 28.01 5.79 3.64
CA ARG B 284 26.76 6.01 2.93
C ARG B 284 25.77 4.89 3.21
N LYS B 285 24.49 5.26 3.27
CA LYS B 285 23.44 4.30 3.56
C LYS B 285 23.27 3.32 2.39
N GLY B 286 22.66 2.18 2.69
CA GLY B 286 22.26 1.27 1.63
C GLY B 286 21.39 0.16 2.17
N ASN B 287 20.75 -0.55 1.26
CA ASN B 287 19.89 -1.67 1.63
C ASN B 287 20.02 -2.76 0.59
N LYS B 288 19.82 -4.00 1.03
CA LYS B 288 19.98 -5.17 0.17
C LYS B 288 18.78 -6.09 0.32
N LEU B 289 18.45 -6.78 -0.77
CA LEU B 289 17.35 -7.72 -0.81
C LEU B 289 17.89 -9.12 -1.06
N TYR B 290 17.37 -10.09 -0.32
CA TYR B 290 17.86 -11.46 -0.36
C TYR B 290 16.70 -12.42 -0.59
N TYR B 291 17.00 -13.51 -1.28
CA TYR B 291 16.09 -14.64 -1.44
C TYR B 291 16.68 -15.87 -0.77
N ASN B 292 15.83 -16.62 -0.09
CA ASN B 292 16.27 -17.77 0.71
C ASN B 292 16.24 -19.03 -0.16
N PHE B 293 17.33 -19.26 -0.89
CA PHE B 293 17.49 -20.51 -1.60
C PHE B 293 17.70 -21.64 -0.60
N PRO B 294 17.49 -22.88 -1.01
CA PRO B 294 17.63 -24.00 -0.06
C PRO B 294 19.00 -24.06 0.60
N TRP B 295 20.05 -23.54 -0.04
CA TRP B 295 21.38 -23.56 0.54
C TRP B 295 21.69 -22.32 1.39
N GLY B 296 20.89 -21.28 1.30
CA GLY B 296 21.15 -20.09 2.09
C GLY B 296 20.55 -18.86 1.43
N LYS B 297 20.81 -17.72 2.05
CA LYS B 297 20.31 -16.46 1.53
C LYS B 297 21.27 -15.90 0.47
N GLU B 298 20.71 -15.49 -0.67
CA GLU B 298 21.48 -14.96 -1.77
C GLU B 298 20.96 -13.58 -2.14
N LEU B 299 21.90 -12.66 -2.35
CA LEU B 299 21.54 -11.30 -2.76
C LEU B 299 20.92 -11.32 -4.15
N ILE B 300 19.84 -10.55 -4.34
CA ILE B 300 19.22 -10.42 -5.64
C ILE B 300 19.01 -8.98 -6.07
N GLU B 301 19.04 -8.01 -5.17
CA GLU B 301 18.84 -6.61 -5.53
C GLU B 301 19.45 -5.74 -4.45
N THR B 302 20.09 -4.65 -4.86
CA THR B 302 20.80 -3.76 -3.96
C THR B 302 20.40 -2.31 -4.24
N LEU B 303 20.37 -1.51 -3.18
CA LEU B 303 20.05 -0.10 -3.27
C LEU B 303 21.18 0.71 -2.65
N TRP B 304 21.56 1.79 -3.32
CA TRP B 304 22.68 2.62 -2.90
C TRP B 304 22.30 4.09 -3.00
N ASN B 305 22.69 4.86 -1.99
CA ASN B 305 22.55 6.31 -2.02
C ASN B 305 23.92 6.90 -2.35
N LEU B 306 24.24 6.89 -3.65
CA LEU B 306 25.56 7.37 -4.09
C LEU B 306 25.77 8.82 -3.71
N GLY B 307 24.77 9.67 -3.89
CA GLY B 307 24.91 11.07 -3.48
C GLY B 307 25.49 11.94 -4.61
N ASP B 308 26.74 12.37 -4.43
CA ASP B 308 27.35 13.33 -5.35
C ASP B 308 28.74 12.92 -5.84
N HIS B 309 29.32 11.83 -5.31
CA HIS B 309 30.70 11.49 -5.63
C HIS B 309 30.88 11.32 -7.14
N GLU B 310 30.21 10.33 -7.73
CA GLU B 310 30.42 10.04 -9.14
C GLU B 310 29.95 11.18 -10.03
N LEU B 311 28.81 11.78 -9.69
CA LEU B 311 28.26 12.84 -10.54
C LEU B 311 29.22 14.02 -10.63
N LEU B 312 29.81 14.43 -9.50
CA LEU B 312 30.77 15.52 -9.54
C LEU B 312 32.07 15.08 -10.20
N HIS B 313 32.52 13.85 -9.92
CA HIS B 313 33.77 13.36 -10.50
C HIS B 313 33.66 13.21 -12.02
N MET B 314 32.45 13.17 -12.57
CA MET B 314 32.29 13.01 -14.01
C MET B 314 32.28 14.33 -14.77
N TYR B 315 31.82 15.41 -14.15
CA TYR B 315 31.72 16.72 -14.80
C TYR B 315 32.34 17.78 -13.90
N PRO B 316 33.67 17.77 -13.74
CA PRO B 316 34.31 18.84 -12.96
C PRO B 316 34.30 20.16 -13.71
N GLY B 317 34.29 21.25 -12.95
CA GLY B 317 34.36 22.58 -13.53
C GLY B 317 33.11 23.39 -13.35
N ASN B 318 32.40 23.66 -14.45
CA ASN B 318 31.19 24.48 -14.43
C ASN B 318 30.06 23.63 -13.85
N VAL B 319 30.00 23.59 -12.52
CA VAL B 319 29.01 22.77 -11.82
C VAL B 319 27.59 23.25 -12.04
N SER B 320 27.39 24.49 -12.49
CA SER B 320 26.04 25.02 -12.62
C SER B 320 25.21 24.20 -13.61
N LYS B 321 25.86 23.52 -14.55
CA LYS B 321 25.12 22.73 -15.52
C LYS B 321 24.57 21.43 -14.93
N LEU B 322 25.01 21.05 -13.73
CA LEU B 322 24.44 19.91 -13.03
C LEU B 322 23.24 20.30 -12.17
N HIS B 323 22.96 21.59 -12.03
CA HIS B 323 21.88 22.04 -11.17
C HIS B 323 20.53 21.66 -11.76
N GLY B 324 19.56 21.47 -10.86
CA GLY B 324 18.19 21.21 -11.26
C GLY B 324 17.24 21.78 -10.24
N ARG B 325 15.99 21.94 -10.66
CA ARG B 325 14.99 22.66 -9.87
C ARG B 325 14.34 21.71 -8.87
N ASP B 326 14.32 22.13 -7.60
CA ASP B 326 13.56 21.49 -6.54
C ASP B 326 12.75 22.59 -5.88
N GLY B 327 11.43 22.60 -6.12
CA GLY B 327 10.61 23.69 -5.64
C GLY B 327 11.07 25.01 -6.23
N ARG B 328 11.70 25.84 -5.42
CA ARG B 328 12.21 27.14 -5.85
C ARG B 328 13.74 27.20 -5.87
N LYS B 329 14.43 26.12 -5.54
CA LYS B 329 15.87 26.14 -5.34
C LYS B 329 16.55 25.26 -6.38
N ASN B 330 17.60 25.78 -7.01
CA ASN B 330 18.41 25.01 -7.95
C ASN B 330 19.57 24.38 -7.18
N VAL B 331 19.60 23.04 -7.16
CA VAL B 331 20.58 22.30 -6.37
C VAL B 331 21.12 21.15 -7.20
N VAL B 332 22.20 20.53 -6.70
CA VAL B 332 22.79 19.36 -7.32
C VAL B 332 22.08 18.13 -6.75
N PRO B 333 21.49 17.27 -7.58
CA PRO B 333 20.71 16.15 -7.04
C PRO B 333 21.60 15.09 -6.41
N CYS B 334 21.01 14.36 -5.47
CA CYS B 334 21.58 13.12 -4.97
C CYS B 334 21.20 12.00 -5.91
N VAL B 335 22.20 11.20 -6.30
CA VAL B 335 21.99 10.04 -7.15
C VAL B 335 21.68 8.86 -6.25
N LEU B 336 20.58 8.17 -6.55
CA LEU B 336 20.20 6.92 -5.91
C LEU B 336 20.20 5.82 -6.96
N SER B 337 20.67 4.64 -6.59
CA SER B 337 20.82 3.53 -7.52
C SER B 337 20.05 2.32 -7.03
N VAL B 338 19.31 1.68 -7.94
CA VAL B 338 18.65 0.41 -7.67
C VAL B 338 19.04 -0.55 -8.80
N ASN B 339 19.37 -1.79 -8.44
CA ASN B 339 19.84 -2.75 -9.42
C ASN B 339 19.41 -4.14 -8.99
N GLY B 340 18.57 -4.78 -9.81
CA GLY B 340 18.08 -6.12 -9.53
C GLY B 340 18.42 -7.07 -10.66
N ASP B 341 18.98 -8.22 -10.30
CA ASP B 341 19.47 -9.19 -11.28
C ASP B 341 18.31 -10.07 -11.74
N LEU B 342 18.05 -10.04 -13.05
CA LEU B 342 16.89 -10.75 -13.60
C LEU B 342 17.13 -12.25 -13.68
N ASP B 343 18.34 -12.67 -14.01
CA ASP B 343 18.62 -14.10 -14.11
C ASP B 343 18.45 -14.79 -12.76
N ARG B 344 19.03 -14.20 -11.71
CA ARG B 344 18.86 -14.77 -10.38
C ARG B 344 17.41 -14.66 -9.92
N GLY B 345 16.70 -13.62 -10.34
CA GLY B 345 15.28 -13.54 -10.02
C GLY B 345 14.48 -14.67 -10.65
N MET B 346 14.76 -14.97 -11.91
CA MET B 346 14.10 -16.10 -12.57
C MET B 346 14.46 -17.41 -11.89
N LEU B 347 15.72 -17.57 -11.50
CA LEU B 347 16.12 -18.79 -10.78
C LEU B 347 15.37 -18.90 -9.46
N ALA B 348 15.25 -17.79 -8.73
CA ALA B 348 14.54 -17.79 -7.46
C ALA B 348 13.06 -18.13 -7.66
N TYR B 349 12.44 -17.60 -8.71
CA TYR B 349 11.04 -17.91 -8.97
C TYR B 349 10.87 -19.37 -9.36
N LEU B 350 11.80 -19.92 -10.13
CA LEU B 350 11.74 -21.34 -10.46
C LEU B 350 11.86 -22.20 -9.21
N TYR B 351 12.78 -21.83 -8.31
CA TYR B 351 12.92 -22.59 -7.07
C TYR B 351 11.70 -22.46 -6.17
N ASP B 352 11.08 -21.28 -6.16
CA ASP B 352 9.93 -21.05 -5.29
C ASP B 352 8.77 -21.95 -5.70
N SER B 353 8.51 -22.05 -7.00
CA SER B 353 7.34 -22.74 -7.52
C SER B 353 7.41 -24.26 -7.38
N PHE B 354 8.41 -24.85 -6.74
CA PHE B 354 8.51 -26.30 -6.62
C PHE B 354 8.00 -26.76 -5.25
N GLN B 355 7.71 -28.06 -5.17
CA GLN B 355 7.10 -28.61 -3.96
C GLN B 355 8.10 -28.67 -2.82
N LEU B 356 9.17 -29.43 -3.00
CA LEU B 356 10.18 -29.61 -1.95
C LEU B 356 9.55 -30.19 -0.68
N PHE B 361 2.81 -32.34 6.61
CA PHE B 361 2.43 -32.22 5.21
C PHE B 361 2.33 -33.61 4.57
N THR B 362 1.48 -34.45 5.16
CA THR B 362 1.33 -35.81 4.65
C THR B 362 0.78 -35.82 3.23
N ARG B 363 -0.15 -34.91 2.92
CA ARG B 363 -0.70 -34.83 1.58
C ARG B 363 0.39 -34.59 0.54
N LYS B 364 1.46 -33.88 0.92
CA LYS B 364 2.60 -33.74 0.03
C LYS B 364 3.26 -35.09 -0.24
N LYS B 365 3.37 -35.93 0.79
CA LYS B 365 3.94 -37.26 0.61
C LYS B 365 3.04 -38.18 -0.19
N ASN B 366 1.72 -37.95 -0.16
CA ASN B 366 0.79 -38.76 -0.93
C ASN B 366 0.54 -38.22 -2.33
N LEU B 367 0.51 -36.90 -2.50
CA LEU B 367 0.35 -36.28 -3.81
C LEU B 367 1.73 -36.00 -4.38
N HIS B 368 2.17 -36.84 -5.31
CA HIS B 368 3.50 -36.74 -5.89
C HIS B 368 3.54 -35.89 -7.15
N ARG B 369 2.42 -35.28 -7.55
CA ARG B 369 2.39 -34.50 -8.78
C ARG B 369 3.47 -33.44 -8.76
N LYS B 370 4.40 -33.52 -9.71
CA LYS B 370 5.44 -32.52 -9.86
C LYS B 370 4.97 -31.45 -10.84
N VAL B 371 4.87 -30.22 -10.36
CA VAL B 371 4.36 -29.11 -11.17
C VAL B 371 5.05 -27.83 -10.73
N LEU B 372 5.40 -26.99 -11.70
CA LEU B 372 5.97 -25.67 -11.43
C LEU B 372 4.82 -24.68 -11.40
N LYS B 373 4.35 -24.36 -10.19
CA LYS B 373 3.20 -23.47 -10.02
C LYS B 373 3.63 -22.00 -10.21
N LEU B 374 4.10 -21.70 -11.41
CA LEU B 374 4.47 -20.35 -11.76
C LEU B 374 3.25 -19.44 -11.80
N HIS B 375 3.46 -18.18 -11.47
CA HIS B 375 2.36 -17.23 -11.48
C HIS B 375 1.80 -17.10 -12.89
N PRO B 376 0.48 -16.93 -13.05
CA PRO B 376 -0.07 -16.79 -14.41
C PRO B 376 0.55 -15.65 -15.20
N CYS B 377 0.88 -14.53 -14.55
CA CYS B 377 1.50 -13.42 -15.24
C CYS B 377 2.93 -13.69 -15.67
N LEU B 378 3.54 -14.77 -15.18
CA LEU B 378 4.94 -15.08 -15.47
C LEU B 378 5.12 -16.36 -16.27
N ALA B 379 4.16 -17.26 -16.28
CA ALA B 379 4.33 -18.53 -16.97
C ALA B 379 4.59 -18.28 -18.45
N PRO B 380 5.51 -19.03 -19.07
CA PRO B 380 5.78 -18.78 -20.51
C PRO B 380 4.63 -19.17 -21.41
N ILE B 381 4.02 -20.34 -21.17
CA ILE B 381 2.93 -20.85 -22.00
C ILE B 381 1.64 -20.76 -21.20
N LYS B 382 0.62 -20.12 -21.79
CA LYS B 382 -0.65 -19.92 -21.11
C LYS B 382 -1.58 -21.12 -21.27
N VAL B 383 -1.88 -21.50 -22.51
CA VAL B 383 -2.89 -22.51 -22.80
C VAL B 383 -2.30 -23.55 -23.73
N ALA B 384 -2.70 -24.80 -23.54
CA ALA B 384 -2.30 -25.91 -24.41
C ALA B 384 -3.51 -26.38 -25.21
N LEU B 385 -3.28 -26.70 -26.48
CA LEU B 385 -4.34 -27.08 -27.40
C LEU B 385 -4.05 -28.46 -27.96
N ASP B 386 -5.06 -29.32 -27.96
CA ASP B 386 -4.89 -30.70 -28.43
C ASP B 386 -6.07 -31.12 -29.31
N VAL B 387 -6.11 -32.39 -29.70
CA VAL B 387 -7.16 -32.90 -30.59
C VAL B 387 -7.54 -34.30 -30.15
N GLY B 388 -8.84 -34.59 -30.16
CA GLY B 388 -9.32 -35.95 -29.97
C GLY B 388 -9.50 -36.67 -31.30
N ARG B 389 -9.76 -37.98 -31.21
CA ARG B 389 -9.93 -38.78 -32.41
C ARG B 389 -11.21 -38.40 -33.15
N GLY B 390 -11.14 -38.39 -34.47
CA GLY B 390 -12.26 -38.02 -35.30
C GLY B 390 -11.82 -37.72 -36.72
N PRO B 391 -12.66 -37.00 -37.48
CA PRO B 391 -12.25 -36.60 -38.84
C PRO B 391 -11.15 -35.55 -38.79
N THR B 392 -9.92 -35.96 -39.11
CA THR B 392 -8.77 -35.09 -38.89
C THR B 392 -8.92 -33.75 -39.61
N LEU B 393 -9.60 -33.73 -40.76
CA LEU B 393 -9.71 -32.49 -41.52
C LEU B 393 -10.49 -31.43 -40.74
N GLU B 394 -11.69 -31.77 -40.27
CA GLU B 394 -12.52 -30.79 -39.59
C GLU B 394 -11.91 -30.39 -38.25
N LEU B 395 -11.37 -31.35 -37.50
CA LEU B 395 -10.72 -31.03 -36.24
C LEU B 395 -9.53 -30.10 -36.47
N ARG B 396 -8.74 -30.37 -37.52
CA ARG B 396 -7.63 -29.50 -37.85
C ARG B 396 -8.12 -28.10 -38.22
N GLN B 397 -9.21 -28.01 -38.97
CA GLN B 397 -9.74 -26.70 -39.35
C GLN B 397 -10.13 -25.90 -38.11
N VAL B 398 -10.92 -26.51 -37.22
CA VAL B 398 -11.37 -25.79 -36.03
C VAL B 398 -10.19 -25.46 -35.14
N CYS B 399 -9.19 -26.36 -35.05
CA CYS B 399 -8.02 -26.08 -34.24
C CYS B 399 -7.22 -24.92 -34.78
N GLN B 400 -7.06 -24.85 -36.11
CA GLN B 400 -6.36 -23.73 -36.71
C GLN B 400 -7.10 -22.42 -36.44
N GLY B 401 -8.42 -22.44 -36.58
CA GLY B 401 -9.20 -21.24 -36.29
C GLY B 401 -9.04 -20.79 -34.85
N LEU B 402 -9.16 -21.74 -33.91
CA LEU B 402 -9.04 -21.41 -32.50
C LEU B 402 -7.64 -20.91 -32.17
N PHE B 403 -6.62 -21.53 -32.79
CA PHE B 403 -5.24 -21.12 -32.59
C PHE B 403 -5.04 -19.68 -33.02
N ASN B 404 -5.53 -19.34 -34.22
CA ASN B 404 -5.40 -17.97 -34.70
C ASN B 404 -6.15 -17.00 -33.79
N GLU B 405 -7.36 -17.36 -33.37
CA GLU B 405 -8.13 -16.47 -32.51
C GLU B 405 -7.42 -16.22 -31.19
N LEU B 406 -6.88 -17.29 -30.58
CA LEU B 406 -6.19 -17.14 -29.31
C LEU B 406 -4.94 -16.30 -29.47
N LEU B 407 -4.17 -16.52 -30.54
CA LEU B 407 -2.95 -15.73 -30.73
C LEU B 407 -3.26 -14.27 -30.99
N GLU B 408 -4.37 -13.98 -31.67
CA GLU B 408 -4.68 -12.59 -31.99
C GLU B 408 -4.89 -11.72 -30.76
N ASN B 409 -5.14 -12.33 -29.60
CA ASN B 409 -5.48 -11.59 -28.38
C ASN B 409 -4.40 -11.71 -27.31
N GLY B 410 -3.14 -11.91 -27.73
CA GLY B 410 -2.05 -11.90 -26.79
C GLY B 410 -1.97 -13.12 -25.90
N ILE B 411 -2.55 -14.24 -26.29
CA ILE B 411 -2.51 -15.48 -25.53
C ILE B 411 -1.54 -16.43 -26.22
N SER B 412 -0.52 -16.89 -25.49
CA SER B 412 0.45 -17.83 -26.02
C SER B 412 -0.12 -19.25 -25.93
N VAL B 413 0.07 -20.02 -26.99
CA VAL B 413 -0.51 -21.35 -27.11
C VAL B 413 0.57 -22.35 -27.44
N TRP B 414 0.35 -23.59 -27.03
CA TRP B 414 1.24 -24.70 -27.36
C TRP B 414 0.54 -25.61 -28.36
N PRO B 415 0.95 -25.65 -29.63
CA PRO B 415 0.24 -26.47 -30.60
C PRO B 415 0.51 -27.96 -30.43
N GLY B 416 -0.16 -28.58 -29.46
CA GLY B 416 -0.03 -30.00 -29.25
C GLY B 416 -0.85 -30.87 -30.16
N TYR B 417 -1.66 -30.26 -31.03
CA TYR B 417 -2.48 -31.02 -31.97
C TYR B 417 -1.66 -31.54 -33.15
N LEU B 418 -0.50 -30.96 -33.41
CA LEU B 418 0.35 -31.46 -34.50
C LEU B 418 0.96 -32.81 -34.15
N GLU B 419 1.41 -32.96 -32.91
CA GLU B 419 2.01 -34.23 -32.50
C GLU B 419 0.97 -35.35 -32.57
N THR B 420 1.42 -36.53 -32.98
CA THR B 420 0.52 -37.66 -33.12
C THR B 420 -0.05 -38.07 -31.76
N MET B 421 -0.98 -39.02 -31.78
CA MET B 421 -1.67 -39.48 -30.59
C MET B 421 -0.90 -40.57 -29.85
N GLN B 422 0.41 -40.69 -30.08
CA GLN B 422 1.20 -41.69 -29.37
C GLN B 422 1.22 -41.46 -27.87
N SER B 423 0.86 -40.26 -27.42
CA SER B 423 0.89 -39.90 -26.01
C SER B 423 -0.51 -40.01 -25.43
N SER B 424 -0.62 -40.65 -24.27
CA SER B 424 -1.90 -40.79 -23.59
C SER B 424 -2.22 -39.52 -22.81
N LEU B 425 -3.45 -39.45 -22.29
CA LEU B 425 -3.88 -38.24 -21.60
C LEU B 425 -3.08 -38.01 -20.32
N GLU B 426 -2.79 -39.08 -19.57
CA GLU B 426 -2.05 -38.93 -18.32
C GLU B 426 -0.65 -38.37 -18.58
N GLN B 427 0.05 -38.92 -19.57
CA GLN B 427 1.38 -38.43 -19.89
C GLN B 427 1.35 -37.00 -20.41
N LEU B 428 0.33 -36.68 -21.21
CA LEU B 428 0.18 -35.30 -21.69
C LEU B 428 -0.01 -34.35 -20.52
N TYR B 429 -0.86 -34.72 -19.56
CA TYR B 429 -1.07 -33.87 -18.39
C TYR B 429 0.21 -33.72 -17.59
N SER B 430 0.96 -34.80 -17.41
CA SER B 430 2.22 -34.72 -16.67
C SER B 430 3.19 -33.77 -17.36
N LYS B 431 3.34 -33.92 -18.68
CA LYS B 431 4.26 -33.07 -19.41
C LYS B 431 3.85 -31.60 -19.34
N TYR B 432 2.55 -31.33 -19.49
CA TYR B 432 2.09 -29.95 -19.49
C TYR B 432 2.17 -29.33 -18.10
N ASP B 433 1.97 -30.13 -17.05
CA ASP B 433 2.19 -29.63 -15.69
C ASP B 433 3.66 -29.30 -15.47
N GLU B 434 4.56 -30.17 -15.94
CA GLU B 434 5.98 -29.90 -15.79
C GLU B 434 6.38 -28.62 -16.54
N MET B 435 5.69 -28.29 -17.62
CA MET B 435 5.96 -27.10 -18.40
C MET B 435 5.23 -25.87 -17.87
N SER B 436 4.40 -26.01 -16.84
CA SER B 436 3.69 -24.90 -16.22
C SER B 436 2.78 -24.19 -17.23
N ILE B 437 1.79 -24.94 -17.71
CA ILE B 437 0.76 -24.42 -18.61
C ILE B 437 -0.52 -24.26 -17.80
N LEU B 438 -1.14 -23.09 -17.89
CA LEU B 438 -2.28 -22.78 -17.03
C LEU B 438 -3.48 -23.67 -17.32
N PHE B 439 -3.87 -23.78 -18.60
CA PHE B 439 -5.07 -24.51 -18.97
C PHE B 439 -4.78 -25.41 -20.17
N THR B 440 -5.48 -26.54 -20.20
CA THR B 440 -5.39 -27.50 -21.30
C THR B 440 -6.76 -27.63 -21.94
N VAL B 441 -6.86 -27.29 -23.22
CA VAL B 441 -8.13 -27.31 -23.93
C VAL B 441 -8.11 -28.43 -24.96
N LEU B 442 -9.21 -29.18 -25.01
CA LEU B 442 -9.34 -30.34 -25.89
C LEU B 442 -10.62 -30.22 -26.70
N VAL B 443 -10.51 -30.54 -27.99
CA VAL B 443 -11.64 -30.48 -28.93
C VAL B 443 -11.93 -31.88 -29.45
N THR B 444 -13.17 -32.07 -29.89
CA THR B 444 -13.62 -33.35 -30.43
C THR B 444 -14.72 -33.08 -31.44
N GLU B 445 -15.23 -34.16 -32.06
CA GLU B 445 -16.38 -34.01 -32.94
C GLU B 445 -17.55 -33.37 -32.22
N THR B 446 -17.64 -33.55 -30.90
CA THR B 446 -18.64 -32.84 -30.12
C THR B 446 -18.48 -31.33 -30.28
N THR B 447 -17.25 -30.85 -30.42
CA THR B 447 -17.03 -29.44 -30.70
C THR B 447 -17.63 -29.05 -32.05
N LEU B 448 -17.51 -29.93 -33.04
CA LEU B 448 -18.14 -29.68 -34.34
C LEU B 448 -19.65 -29.61 -34.20
N GLU B 449 -20.23 -30.50 -33.40
CA GLU B 449 -21.68 -30.63 -33.34
C GLU B 449 -22.33 -29.55 -32.46
N ASN B 450 -21.81 -29.30 -31.26
CA ASN B 450 -22.34 -28.26 -30.40
C ASN B 450 -21.32 -27.22 -29.97
N GLY B 451 -20.03 -27.51 -30.04
CA GLY B 451 -19.02 -26.53 -29.67
C GLY B 451 -18.60 -26.54 -28.22
N LEU B 452 -18.86 -27.61 -27.47
CA LEU B 452 -18.43 -27.71 -26.09
C LEU B 452 -17.07 -28.41 -26.04
N ILE B 453 -16.05 -27.68 -25.61
CA ILE B 453 -14.71 -28.19 -25.52
C ILE B 453 -14.40 -28.51 -24.06
N HIS B 454 -13.40 -29.36 -23.85
CA HIS B 454 -12.95 -29.70 -22.51
C HIS B 454 -11.83 -28.75 -22.10
N LEU B 455 -11.81 -28.40 -20.81
CA LEU B 455 -10.81 -27.50 -20.27
C LEU B 455 -10.38 -27.99 -18.90
N ARG B 456 -9.10 -28.32 -18.76
CA ARG B 456 -8.51 -28.76 -17.51
C ARG B 456 -7.63 -27.64 -16.94
N SER B 457 -7.75 -27.42 -15.64
CA SER B 457 -7.05 -26.35 -14.95
C SER B 457 -5.81 -26.89 -14.26
N ARG B 458 -4.69 -26.17 -14.42
CA ARG B 458 -3.43 -26.61 -13.82
C ARG B 458 -3.53 -26.64 -12.30
N ASP B 459 -4.11 -25.59 -11.71
CA ASP B 459 -4.12 -25.48 -10.26
C ASP B 459 -4.96 -26.59 -9.60
N THR B 460 -6.10 -26.95 -10.20
CA THR B 460 -7.02 -27.89 -9.60
C THR B 460 -7.10 -29.23 -10.30
N THR B 461 -6.64 -29.35 -11.54
CA THR B 461 -6.67 -30.61 -12.27
C THR B 461 -8.11 -31.14 -12.39
N MET B 462 -9.03 -30.23 -12.70
CA MET B 462 -10.43 -30.56 -12.90
C MET B 462 -10.86 -30.12 -14.29
N LYS B 463 -11.65 -30.95 -14.96
CA LYS B 463 -11.98 -30.76 -16.37
C LYS B 463 -13.45 -30.39 -16.51
N GLU B 464 -13.69 -29.16 -16.97
CA GLU B 464 -15.04 -28.66 -17.23
C GLU B 464 -15.32 -28.62 -18.73
N MET B 465 -16.60 -28.75 -19.07
CA MET B 465 -17.04 -28.47 -20.43
C MET B 465 -17.37 -26.99 -20.57
N MET B 466 -17.12 -26.43 -21.75
CA MET B 466 -17.40 -25.01 -21.91
C MET B 466 -17.49 -24.67 -23.39
N HIS B 467 -18.34 -23.68 -23.71
CA HIS B 467 -18.57 -23.29 -25.09
C HIS B 467 -17.40 -22.50 -25.65
N ILE B 468 -17.14 -22.69 -26.95
CA ILE B 468 -15.98 -22.08 -27.59
C ILE B 468 -16.12 -20.57 -27.68
N SER B 469 -17.32 -20.06 -27.98
CA SER B 469 -17.46 -18.65 -28.30
C SER B 469 -17.01 -17.73 -27.18
N LYS B 470 -16.94 -18.24 -25.94
CA LYS B 470 -16.53 -17.44 -24.80
C LYS B 470 -15.06 -17.61 -24.44
N LEU B 471 -14.44 -18.71 -24.88
CA LEU B 471 -13.11 -19.06 -24.39
C LEU B 471 -12.19 -17.85 -24.35
N LYS B 472 -11.90 -17.27 -25.51
CA LYS B 472 -11.03 -16.10 -25.56
C LYS B 472 -11.36 -15.14 -24.43
N ASP B 473 -12.59 -14.59 -24.44
CA ASP B 473 -12.99 -13.67 -23.38
C ASP B 473 -12.59 -14.21 -22.01
N PHE B 474 -13.10 -15.39 -21.64
CA PHE B 474 -12.77 -15.95 -20.35
C PHE B 474 -11.27 -15.85 -20.08
N LEU B 475 -10.46 -16.43 -20.96
CA LEU B 475 -9.03 -16.42 -20.72
C LEU B 475 -8.53 -15.01 -20.45
N ILE B 476 -8.85 -14.08 -21.34
CA ILE B 476 -8.42 -12.70 -21.15
C ILE B 476 -8.78 -12.25 -19.74
N LYS B 477 -10.07 -12.33 -19.38
CA LYS B 477 -10.48 -11.90 -18.07
C LYS B 477 -9.62 -12.54 -17.00
N TYR B 478 -9.47 -13.87 -17.05
CA TYR B 478 -8.64 -14.55 -16.07
C TYR B 478 -7.32 -13.82 -15.91
N ILE B 479 -6.56 -13.70 -16.99
CA ILE B 479 -5.23 -13.09 -16.89
C ILE B 479 -5.35 -11.71 -16.27
N SER B 480 -6.24 -10.89 -16.81
CA SER B 480 -6.38 -9.53 -16.27
C SER B 480 -6.81 -9.59 -14.82
N SER B 481 -7.78 -10.45 -14.50
CA SER B 481 -8.28 -10.57 -13.15
C SER B 481 -7.25 -11.19 -12.21
N ALA B 482 -6.17 -11.76 -12.75
CA ALA B 482 -5.05 -12.17 -11.91
C ALA B 482 -3.99 -11.09 -11.83
N LYS B 483 -3.90 -10.25 -12.86
CA LYS B 483 -2.88 -9.20 -12.89
C LYS B 483 -3.26 -8.05 -11.95
N ASN B 484 -4.52 -7.65 -11.97
CA ASN B 484 -4.98 -6.45 -11.27
C ASN B 484 -5.26 -6.68 -9.79
N VAL B 485 -4.85 -7.82 -9.23
CA VAL B 485 -5.07 -8.08 -7.82
C VAL B 485 -4.05 -7.29 -7.01
N GLU C 67 21.78 16.99 -43.00
CA GLU C 67 20.36 17.07 -43.33
C GLU C 67 19.55 17.54 -42.12
N ALA C 68 18.42 18.18 -42.40
CA ALA C 68 17.58 18.68 -41.31
C ALA C 68 17.05 17.54 -40.45
N LEU C 69 16.87 16.35 -41.02
CA LEU C 69 16.29 15.25 -40.27
C LEU C 69 17.16 14.88 -39.07
N LEU C 70 18.48 14.88 -39.24
CA LEU C 70 19.35 14.59 -38.11
C LEU C 70 19.20 15.63 -37.02
N GLU C 71 19.07 16.91 -37.41
CA GLU C 71 18.87 17.95 -36.42
C GLU C 71 17.57 17.75 -35.66
N ILE C 72 16.49 17.38 -36.37
CA ILE C 72 15.21 17.13 -35.70
C ILE C 72 15.35 15.96 -34.74
N CYS C 73 16.01 14.89 -35.17
CA CYS C 73 16.17 13.72 -34.31
C CYS C 73 16.97 14.06 -33.06
N GLN C 74 18.05 14.83 -33.21
CA GLN C 74 18.85 15.22 -32.05
C GLN C 74 18.07 16.13 -31.12
N ARG C 75 17.31 17.07 -31.69
CA ARG C 75 16.59 18.04 -30.86
C ARG C 75 15.47 17.40 -30.06
N ARG C 76 14.81 16.38 -30.62
CA ARG C 76 13.68 15.74 -29.95
C ARG C 76 14.07 14.41 -29.30
N HIS C 77 15.36 14.21 -29.05
CA HIS C 77 15.83 13.08 -28.25
C HIS C 77 15.55 11.75 -28.93
N PHE C 78 15.80 11.69 -30.23
CA PHE C 78 15.82 10.42 -30.94
C PHE C 78 17.21 9.80 -30.97
N LEU C 79 18.24 10.63 -31.12
CA LEU C 79 19.63 10.19 -31.13
C LEU C 79 20.39 10.92 -30.04
N SER C 80 21.11 10.18 -29.22
CA SER C 80 21.82 10.75 -28.09
C SER C 80 23.12 11.39 -28.56
N GLY C 81 23.98 11.78 -27.63
CA GLY C 81 25.25 12.37 -27.96
C GLY C 81 25.14 13.87 -28.20
N SER C 82 26.25 14.45 -28.64
CA SER C 82 26.34 15.86 -28.93
C SER C 82 26.27 16.09 -30.44
N LYS C 83 26.06 17.36 -30.81
CA LYS C 83 26.01 17.71 -32.22
C LYS C 83 27.31 17.35 -32.93
N GLN C 84 28.45 17.48 -32.24
CA GLN C 84 29.73 17.13 -32.85
C GLN C 84 29.78 15.65 -33.22
N GLN C 85 29.33 14.78 -32.30
CA GLN C 85 29.54 13.35 -32.48
C GLN C 85 28.67 12.79 -33.60
N LEU C 86 27.42 13.22 -33.69
CA LEU C 86 26.49 12.63 -34.64
C LEU C 86 26.97 12.82 -36.07
N SER C 87 26.92 11.74 -36.85
CA SER C 87 27.28 11.81 -38.26
C SER C 87 26.67 10.60 -38.98
N ARG C 88 26.61 10.71 -40.30
CA ARG C 88 26.02 9.64 -41.11
C ARG C 88 26.84 8.36 -40.99
N ASP C 89 28.16 8.47 -41.17
CA ASP C 89 29.00 7.28 -41.14
C ASP C 89 28.95 6.60 -39.78
N SER C 90 28.96 7.39 -38.69
CA SER C 90 28.88 6.79 -37.37
C SER C 90 27.56 6.05 -37.18
N LEU C 91 26.45 6.62 -37.67
CA LEU C 91 25.16 5.95 -37.56
C LEU C 91 25.16 4.65 -38.35
N LEU C 92 25.72 4.66 -39.56
CA LEU C 92 25.71 3.46 -40.39
C LEU C 92 26.60 2.37 -39.80
N SER C 93 27.79 2.73 -39.33
CA SER C 93 28.74 1.72 -38.86
C SER C 93 28.27 1.09 -37.56
N GLY C 94 27.84 1.90 -36.60
CA GLY C 94 27.39 1.39 -35.31
C GLY C 94 28.23 1.88 -34.15
N CYS C 95 29.05 2.90 -34.39
CA CYS C 95 29.89 3.50 -33.36
C CYS C 95 29.29 4.78 -32.79
N HIS C 96 28.02 5.08 -33.11
CA HIS C 96 27.40 6.27 -32.57
C HIS C 96 27.23 6.16 -31.06
N PRO C 97 27.18 7.29 -30.34
CA PRO C 97 27.12 7.22 -28.87
C PRO C 97 25.90 6.45 -28.36
N GLY C 98 24.79 6.46 -29.06
CA GLY C 98 23.59 5.77 -28.64
C GLY C 98 22.34 6.54 -29.01
N PHE C 99 21.21 5.88 -28.77
CA PHE C 99 19.91 6.45 -29.07
C PHE C 99 19.36 7.22 -27.86
N GLY C 100 18.34 8.04 -28.11
CA GLY C 100 17.61 8.68 -27.05
C GLY C 100 16.43 7.82 -26.61
N PRO C 101 15.70 8.28 -25.59
CA PRO C 101 14.54 7.49 -25.16
C PRO C 101 13.51 7.29 -26.26
N LEU C 102 13.27 8.30 -27.08
CA LEU C 102 12.32 8.14 -28.18
C LEU C 102 12.83 7.12 -29.19
N GLY C 103 14.12 7.19 -29.53
CA GLY C 103 14.68 6.20 -30.44
C GLY C 103 14.64 4.80 -29.85
N VAL C 104 14.90 4.69 -28.55
CA VAL C 104 14.85 3.39 -27.88
C VAL C 104 13.44 2.82 -27.96
N GLU C 105 12.43 3.65 -27.69
CA GLU C 105 11.05 3.18 -27.76
C GLU C 105 10.66 2.81 -29.18
N LEU C 106 11.12 3.57 -30.17
CA LEU C 106 10.83 3.24 -31.56
C LEU C 106 11.46 1.90 -31.93
N ARG C 107 12.70 1.66 -31.53
CA ARG C 107 13.35 0.39 -31.79
C ARG C 107 12.60 -0.75 -31.10
N LYS C 108 12.14 -0.50 -29.86
CA LYS C 108 11.38 -1.53 -29.16
C LYS C 108 10.10 -1.88 -29.90
N ASN C 109 9.39 -0.85 -30.40
CA ASN C 109 8.18 -1.10 -31.17
C ASN C 109 8.49 -1.88 -32.44
N LEU C 110 9.57 -1.52 -33.13
CA LEU C 110 9.95 -2.22 -34.35
C LEU C 110 10.27 -3.68 -34.06
N ALA C 111 11.01 -3.94 -32.98
CA ALA C 111 11.33 -5.32 -32.62
C ALA C 111 10.09 -6.10 -32.24
N ALA C 112 9.16 -5.46 -31.52
CA ALA C 112 7.91 -6.13 -31.16
C ALA C 112 7.11 -6.49 -32.39
N GLU C 113 7.02 -5.58 -33.37
CA GLU C 113 6.29 -5.87 -34.58
C GLU C 113 6.95 -7.01 -35.36
N TRP C 114 8.28 -7.00 -35.45
CA TRP C 114 8.99 -8.08 -36.13
C TRP C 114 8.71 -9.42 -35.44
N TRP C 115 8.78 -9.43 -34.11
CA TRP C 115 8.50 -10.66 -33.37
C TRP C 115 7.08 -11.13 -33.61
N THR C 116 6.12 -10.21 -33.60
CA THR C 116 4.73 -10.59 -33.83
C THR C 116 4.54 -11.18 -35.22
N SER C 117 5.18 -10.59 -36.22
CA SER C 117 5.00 -11.03 -37.60
C SER C 117 5.73 -12.33 -37.91
N VAL C 118 6.83 -12.62 -37.22
CA VAL C 118 7.70 -13.74 -37.60
C VAL C 118 7.46 -14.96 -36.72
N VAL C 119 7.43 -14.80 -35.40
CA VAL C 119 7.57 -15.91 -34.47
C VAL C 119 6.23 -16.41 -33.96
N VAL C 120 5.41 -15.52 -33.37
CA VAL C 120 4.26 -15.98 -32.59
C VAL C 120 3.29 -16.77 -33.46
N PHE C 121 2.95 -16.25 -34.65
CA PHE C 121 1.92 -16.87 -35.46
C PHE C 121 2.37 -18.17 -36.11
N ARG C 122 3.66 -18.49 -36.06
CA ARG C 122 4.19 -19.70 -36.67
C ARG C 122 4.63 -20.65 -35.57
N GLU C 123 4.21 -21.91 -35.67
CA GLU C 123 4.52 -22.90 -34.64
C GLU C 123 5.85 -23.59 -34.87
N GLN C 124 6.50 -23.35 -36.01
CA GLN C 124 7.78 -23.95 -36.32
C GLN C 124 8.96 -23.05 -35.95
N VAL C 125 8.70 -21.92 -35.30
CA VAL C 125 9.74 -20.97 -34.93
C VAL C 125 9.74 -20.84 -33.41
N PHE C 126 10.92 -20.97 -32.81
CA PHE C 126 11.07 -20.89 -31.36
C PHE C 126 12.15 -19.88 -31.01
N PRO C 127 12.09 -19.31 -29.81
CA PRO C 127 13.14 -18.38 -29.37
C PRO C 127 14.30 -19.09 -28.68
N VAL C 128 15.50 -18.60 -28.97
CA VAL C 128 16.72 -19.15 -28.39
C VAL C 128 17.61 -17.98 -27.95
N ASP C 129 18.40 -18.22 -26.90
CA ASP C 129 19.34 -17.24 -26.38
C ASP C 129 20.76 -17.77 -26.55
N ALA C 130 21.65 -16.89 -27.01
CA ALA C 130 23.06 -17.23 -27.22
C ALA C 130 23.93 -16.22 -26.52
N LEU C 131 25.05 -16.69 -25.98
CA LEU C 131 25.95 -15.82 -25.24
C LEU C 131 26.63 -14.82 -26.18
N HIS C 132 27.09 -13.71 -25.61
CA HIS C 132 27.77 -12.66 -26.36
C HIS C 132 29.22 -13.01 -26.67
N HIS C 133 29.67 -14.22 -26.32
CA HIS C 133 31.05 -14.64 -26.56
C HIS C 133 31.13 -16.13 -26.27
N LYS C 134 32.25 -16.73 -26.66
CA LYS C 134 32.52 -18.14 -26.35
C LYS C 134 33.99 -18.30 -26.00
N PRO C 135 34.33 -19.01 -24.91
CA PRO C 135 35.74 -19.26 -24.58
C PRO C 135 36.30 -20.47 -25.31
N GLY C 136 37.54 -20.84 -24.98
CA GLY C 136 38.10 -22.09 -25.45
C GLY C 136 39.00 -21.92 -26.65
N PRO C 137 39.49 -23.03 -27.19
CA PRO C 137 40.37 -22.97 -28.36
C PRO C 137 39.64 -22.37 -29.56
N LEU C 138 40.41 -21.72 -30.43
CA LEU C 138 39.86 -20.94 -31.53
C LEU C 138 40.57 -21.28 -32.82
N LEU C 139 39.90 -20.99 -33.93
CA LEU C 139 40.48 -21.16 -35.26
C LEU C 139 41.16 -19.87 -35.68
N PRO C 140 42.47 -19.86 -35.95
CA PRO C 140 43.12 -18.62 -36.40
C PRO C 140 42.61 -18.20 -37.77
N GLY C 141 42.67 -16.89 -38.01
CA GLY C 141 42.28 -16.34 -39.30
C GLY C 141 40.87 -15.78 -39.32
N ASP C 142 40.54 -14.96 -38.34
CA ASP C 142 39.24 -14.30 -38.27
C ASP C 142 39.43 -12.84 -37.88
N SER C 143 38.42 -12.03 -38.21
CA SER C 143 38.46 -10.59 -38.00
C SER C 143 37.63 -10.15 -36.80
N ALA C 144 37.32 -11.06 -35.89
CA ALA C 144 36.50 -10.74 -34.73
C ALA C 144 37.35 -10.19 -33.60
N PHE C 145 36.68 -9.67 -32.57
CA PHE C 145 37.34 -9.01 -31.46
C PHE C 145 37.75 -10.03 -30.40
N ARG C 146 39.05 -10.20 -30.23
CA ARG C 146 39.63 -11.11 -29.26
C ARG C 146 39.87 -10.39 -27.94
N LEU C 147 39.41 -10.99 -26.85
CA LEU C 147 39.49 -10.39 -25.51
C LEU C 147 40.85 -10.73 -24.92
N VAL C 148 41.77 -9.76 -24.99
CA VAL C 148 43.08 -9.96 -24.37
C VAL C 148 42.95 -9.82 -22.86
N SER C 149 43.77 -10.58 -22.13
CA SER C 149 43.70 -10.63 -20.68
C SER C 149 44.57 -9.52 -20.10
N ALA C 150 43.92 -8.48 -19.55
CA ALA C 150 44.67 -7.40 -18.90
C ALA C 150 45.23 -7.84 -17.56
N GLU C 151 44.53 -8.75 -16.86
CA GLU C 151 45.00 -9.18 -15.54
C GLU C 151 46.34 -9.88 -15.63
N THR C 152 46.49 -10.78 -16.61
CA THR C 152 47.75 -11.51 -16.75
C THR C 152 48.90 -10.55 -17.07
N LEU C 153 48.69 -9.64 -18.02
CA LEU C 153 49.76 -8.72 -18.39
C LEU C 153 50.07 -7.73 -17.27
N ARG C 154 49.09 -7.41 -16.41
CA ARG C 154 49.37 -6.53 -15.28
C ARG C 154 50.17 -7.27 -14.21
N GLU C 155 49.79 -8.52 -13.92
CA GLU C 155 50.57 -9.32 -12.98
C GLU C 155 51.99 -9.51 -13.51
N ILE C 156 52.15 -9.61 -14.83
CA ILE C 156 53.48 -9.67 -15.42
C ILE C 156 54.18 -8.33 -15.30
N LEU C 157 53.46 -7.23 -15.52
CA LEU C 157 54.03 -5.90 -15.37
C LEU C 157 54.62 -5.71 -13.98
N GLN C 158 53.97 -6.28 -12.97
CA GLN C 158 54.53 -6.23 -11.62
C GLN C 158 55.95 -6.79 -11.58
N ASP C 159 56.20 -7.87 -12.33
CA ASP C 159 57.47 -8.57 -12.33
C ASP C 159 57.93 -8.87 -13.77
N LYS C 160 57.92 -7.84 -14.62
CA LYS C 160 58.21 -8.00 -16.03
C LYS C 160 59.43 -8.89 -16.25
N GLU C 161 59.24 -9.99 -16.98
CA GLU C 161 60.33 -10.88 -17.34
C GLU C 161 61.10 -10.31 -18.53
N LEU C 162 62.38 -10.59 -18.57
CA LEU C 162 63.27 -10.09 -19.63
C LEU C 162 63.39 -11.09 -20.79
N SER C 163 62.24 -11.49 -21.33
CA SER C 163 62.23 -12.39 -22.47
C SER C 163 62.58 -11.64 -23.75
N LYS C 164 63.10 -12.39 -24.73
CA LYS C 164 63.57 -11.81 -25.98
C LYS C 164 62.75 -12.27 -27.18
N GLU C 165 62.65 -13.58 -27.40
CA GLU C 165 61.96 -14.09 -28.59
C GLU C 165 60.47 -14.28 -28.35
N GLN C 166 60.06 -14.42 -27.10
CA GLN C 166 58.69 -14.81 -26.78
C GLN C 166 57.66 -13.73 -27.08
N LEU C 167 57.93 -12.60 -27.73
CA LEU C 167 56.88 -11.64 -28.04
C LEU C 167 55.89 -12.22 -29.03
N VAL C 168 56.38 -12.66 -30.20
CA VAL C 168 55.50 -13.23 -31.20
C VAL C 168 54.87 -14.52 -30.68
N ALA C 169 55.63 -15.29 -29.89
CA ALA C 169 55.08 -16.49 -29.28
C ALA C 169 53.92 -16.16 -28.35
N PHE C 170 54.05 -15.08 -27.57
CA PHE C 170 52.98 -14.68 -26.66
C PHE C 170 51.77 -14.17 -27.44
N LEU C 171 52.01 -13.48 -28.55
CA LEU C 171 50.89 -13.07 -29.40
C LEU C 171 50.14 -14.29 -29.93
N GLU C 172 50.90 -15.30 -30.39
CA GLU C 172 50.26 -16.54 -30.84
C GLU C 172 49.48 -17.20 -29.71
N ASN C 173 50.05 -17.21 -28.50
CA ASN C 173 49.37 -17.82 -27.36
C ASN C 173 48.07 -17.09 -27.04
N VAL C 174 48.10 -15.76 -27.04
CA VAL C 174 46.91 -15.00 -26.67
C VAL C 174 45.82 -15.18 -27.72
N LEU C 175 46.21 -15.26 -29.00
CA LEU C 175 45.19 -15.52 -30.01
C LEU C 175 44.83 -16.99 -30.11
N LYS C 176 45.55 -17.88 -29.43
CA LYS C 176 45.20 -19.29 -29.38
C LYS C 176 44.25 -19.61 -28.23
N THR C 177 44.39 -18.93 -27.10
CA THR C 177 43.63 -19.26 -25.90
C THR C 177 42.50 -18.28 -25.61
N SER C 178 42.77 -16.99 -25.59
CA SER C 178 41.78 -16.02 -25.16
C SER C 178 40.55 -16.06 -26.06
N GLY C 179 39.38 -15.83 -25.45
CA GLY C 179 38.13 -15.83 -26.17
C GLY C 179 37.92 -14.56 -26.96
N LYS C 180 36.77 -14.49 -27.62
CA LYS C 180 36.48 -13.35 -28.49
C LYS C 180 34.99 -13.08 -28.49
N LEU C 181 34.63 -11.86 -28.92
CA LEU C 181 33.26 -11.38 -28.83
C LEU C 181 32.39 -12.04 -29.90
N ARG C 182 31.13 -11.61 -29.99
CA ARG C 182 30.14 -12.21 -30.87
C ARG C 182 30.13 -11.48 -32.21
N GLU C 183 30.20 -12.23 -33.29
CA GLU C 183 30.19 -11.69 -34.65
C GLU C 183 28.79 -11.72 -35.26
N ASN C 184 28.11 -12.86 -35.21
CA ASN C 184 26.75 -12.98 -35.72
C ASN C 184 26.01 -14.00 -34.87
N LEU C 185 24.68 -13.98 -34.99
CA LEU C 185 23.81 -14.86 -34.22
C LEU C 185 23.63 -16.24 -34.88
N LEU C 186 24.22 -16.45 -36.05
CA LEU C 186 24.05 -17.73 -36.73
C LEU C 186 24.79 -18.85 -35.99
N HIS C 187 26.01 -18.59 -35.52
CA HIS C 187 26.77 -19.62 -34.84
C HIS C 187 26.10 -20.05 -33.54
N GLY C 188 25.63 -19.07 -32.76
CA GLY C 188 24.93 -19.42 -31.54
C GLY C 188 23.67 -20.23 -31.79
N ALA C 189 22.91 -19.85 -32.82
CA ALA C 189 21.72 -20.61 -33.16
C ALA C 189 22.06 -22.04 -33.57
N LEU C 190 23.10 -22.20 -34.40
CA LEU C 190 23.52 -23.54 -34.80
C LEU C 190 24.01 -24.36 -33.60
N GLU C 191 24.55 -23.69 -32.57
CA GLU C 191 24.97 -24.42 -31.38
C GLU C 191 23.83 -25.21 -30.76
N HIS C 192 22.59 -24.78 -30.98
CA HIS C 192 21.42 -25.40 -30.37
C HIS C 192 20.65 -26.30 -31.32
N TYR C 193 21.17 -26.56 -32.52
CA TYR C 193 20.42 -27.33 -33.50
C TYR C 193 20.04 -28.71 -32.95
N VAL C 194 21.01 -29.44 -32.44
CA VAL C 194 20.77 -30.82 -32.02
C VAL C 194 19.78 -30.86 -30.87
N ASN C 195 19.96 -29.98 -29.88
CA ASN C 195 19.10 -30.02 -28.70
C ASN C 195 17.69 -29.54 -29.02
N CYS C 196 17.54 -28.50 -29.84
CA CYS C 196 16.21 -28.04 -30.21
C CYS C 196 15.52 -28.96 -31.18
N LEU C 197 16.25 -29.85 -31.86
CA LEU C 197 15.61 -30.87 -32.68
C LEU C 197 14.69 -31.74 -31.86
N ASP C 198 15.03 -31.97 -30.58
CA ASP C 198 14.17 -32.76 -29.70
C ASP C 198 12.83 -32.09 -29.45
N LEU C 199 12.76 -30.77 -29.58
CA LEU C 199 11.53 -30.05 -29.29
C LEU C 199 10.42 -30.34 -30.29
N VAL C 200 10.76 -30.84 -31.47
CA VAL C 200 9.78 -31.09 -32.52
C VAL C 200 9.80 -32.55 -32.96
N ASN C 201 10.27 -33.45 -32.11
CA ASN C 201 10.31 -34.88 -32.41
C ASN C 201 11.02 -35.13 -33.74
N LYS C 202 12.10 -34.40 -33.97
CA LYS C 202 12.95 -34.57 -35.15
C LYS C 202 12.20 -34.27 -36.46
N ARG C 203 11.16 -33.43 -36.39
CA ARG C 203 10.50 -32.97 -37.61
C ARG C 203 11.37 -31.91 -38.27
N LEU C 204 11.90 -32.23 -39.45
CA LEU C 204 13.01 -31.46 -39.98
C LEU C 204 12.68 -30.00 -40.24
N PRO C 205 11.60 -29.65 -40.95
CA PRO C 205 11.35 -28.22 -41.23
C PRO C 205 11.01 -27.44 -39.97
N TYR C 206 11.87 -26.51 -39.57
CA TYR C 206 11.57 -25.63 -38.44
C TYR C 206 12.59 -24.50 -38.43
N GLY C 207 12.60 -23.73 -37.34
CA GLY C 207 13.49 -22.58 -37.28
C GLY C 207 13.64 -22.04 -35.88
N LEU C 208 14.66 -21.18 -35.74
CA LEU C 208 14.96 -20.50 -34.48
C LEU C 208 15.20 -19.02 -34.75
N ALA C 209 14.61 -18.17 -33.92
CA ALA C 209 14.69 -16.71 -34.10
C ALA C 209 15.24 -16.06 -32.85
N GLN C 210 15.96 -14.95 -33.05
CA GLN C 210 16.52 -14.21 -31.93
C GLN C 210 16.85 -12.79 -32.36
N ILE C 211 16.74 -11.87 -31.40
CA ILE C 211 17.14 -10.48 -31.58
C ILE C 211 18.27 -10.19 -30.60
N GLY C 212 19.37 -9.66 -31.10
CA GLY C 212 20.51 -9.41 -30.24
C GLY C 212 21.49 -8.45 -30.86
N VAL C 213 22.44 -8.00 -30.05
CA VAL C 213 23.44 -7.02 -30.47
C VAL C 213 24.67 -7.77 -30.97
N CYS C 214 25.29 -7.24 -32.02
CA CYS C 214 26.49 -7.81 -32.61
C CYS C 214 27.58 -6.75 -32.66
N PHE C 215 28.82 -7.22 -32.52
CA PHE C 215 30.00 -6.36 -32.50
C PHE C 215 30.78 -6.55 -33.79
N HIS C 216 31.18 -5.45 -34.42
CA HIS C 216 31.90 -5.49 -35.67
C HIS C 216 33.10 -4.55 -35.60
N PRO C 217 34.13 -4.80 -36.40
CA PRO C 217 35.24 -3.84 -36.47
C PRO C 217 34.97 -2.72 -37.46
N VAL C 218 35.48 -1.55 -37.11
CA VAL C 218 35.27 -0.33 -37.90
C VAL C 218 36.63 0.24 -38.24
N PHE C 219 36.82 0.54 -39.53
CA PHE C 219 38.15 1.00 -40.00
C PHE C 219 38.47 2.39 -39.43
N VAL C 228 44.15 1.73 -35.35
CA VAL C 228 43.34 1.80 -34.10
C VAL C 228 41.90 1.33 -34.40
N LYS C 229 41.73 0.11 -34.91
CA LYS C 229 40.40 -0.37 -35.34
C LYS C 229 39.38 -0.17 -34.23
N SER C 230 38.26 0.47 -34.54
CA SER C 230 37.25 0.74 -33.54
C SER C 230 36.21 -0.39 -33.55
N ILE C 231 35.23 -0.31 -32.66
CA ILE C 231 34.21 -1.34 -32.53
C ILE C 231 32.84 -0.69 -32.67
N GLY C 232 31.94 -1.38 -33.36
CA GLY C 232 30.59 -0.88 -33.56
C GLY C 232 29.56 -1.93 -33.18
N GLU C 233 28.43 -1.44 -32.65
CA GLU C 233 27.34 -2.27 -32.21
C GLU C 233 26.19 -2.19 -33.20
N LYS C 234 25.50 -3.31 -33.40
CA LYS C 234 24.37 -3.36 -34.33
C LYS C 234 23.34 -4.33 -33.79
N THR C 235 22.11 -3.86 -33.57
CA THR C 235 21.03 -4.75 -33.17
C THR C 235 20.46 -5.44 -34.40
N GLU C 236 20.39 -6.77 -34.37
CA GLU C 236 19.99 -7.57 -35.52
C GLU C 236 18.97 -8.61 -35.08
N ALA C 237 17.98 -8.85 -35.94
CA ALA C 237 17.02 -9.93 -35.79
C ALA C 237 17.35 -11.00 -36.82
N SER C 238 17.50 -12.24 -36.36
CA SER C 238 17.95 -13.33 -37.20
C SER C 238 17.05 -14.54 -37.01
N LEU C 239 16.68 -15.16 -38.14
CA LEU C 239 15.94 -16.40 -38.19
C LEU C 239 16.74 -17.42 -38.98
N VAL C 240 17.00 -18.56 -38.37
CA VAL C 240 17.71 -19.67 -39.01
C VAL C 240 16.69 -20.78 -39.23
N TRP C 241 16.49 -21.15 -40.49
CA TRP C 241 15.47 -22.10 -40.89
C TRP C 241 16.12 -23.38 -41.40
N PHE C 242 15.79 -24.49 -40.80
CA PHE C 242 16.30 -25.81 -41.18
C PHE C 242 15.24 -26.48 -42.03
N THR C 243 15.57 -26.77 -43.29
CA THR C 243 14.60 -27.33 -44.22
C THR C 243 15.25 -28.39 -45.10
N PRO C 244 14.50 -29.41 -45.50
CA PRO C 244 15.10 -30.45 -46.34
C PRO C 244 15.61 -29.86 -47.64
N PRO C 245 16.68 -30.43 -48.21
CA PRO C 245 17.23 -29.88 -49.45
C PRO C 245 16.26 -29.91 -50.62
N ARG C 246 15.25 -30.80 -50.59
CA ARG C 246 14.35 -30.92 -51.73
C ARG C 246 13.60 -29.63 -51.99
N THR C 247 13.14 -28.94 -50.95
CA THR C 247 12.33 -27.74 -51.09
C THR C 247 13.06 -26.51 -50.55
N SER C 248 14.39 -26.52 -50.56
CA SER C 248 15.14 -25.37 -50.06
C SER C 248 14.79 -24.10 -50.82
N ASN C 249 15.06 -24.08 -52.12
CA ASN C 249 14.88 -22.85 -52.90
C ASN C 249 13.49 -22.27 -52.69
N GLN C 250 12.45 -23.09 -52.85
CA GLN C 250 11.10 -22.59 -52.66
C GLN C 250 10.98 -21.88 -51.32
N TRP C 251 11.36 -22.56 -50.23
CA TRP C 251 11.29 -21.92 -48.93
C TRP C 251 11.98 -20.56 -48.95
N LEU C 252 13.22 -20.52 -49.45
CA LEU C 252 13.91 -19.25 -49.57
C LEU C 252 13.00 -18.20 -50.17
N ASP C 253 12.52 -18.44 -51.40
CA ASP C 253 11.67 -17.47 -52.05
C ASP C 253 10.52 -17.10 -51.13
N PHE C 254 9.80 -18.11 -50.62
CA PHE C 254 8.72 -17.84 -49.69
C PHE C 254 9.15 -16.84 -48.64
N TRP C 255 10.17 -17.19 -47.86
CA TRP C 255 10.62 -16.28 -46.81
C TRP C 255 10.89 -14.89 -47.37
N LEU C 256 11.69 -14.82 -48.44
CA LEU C 256 11.98 -13.53 -49.05
C LEU C 256 10.70 -12.72 -49.21
N ARG C 257 9.72 -13.28 -49.91
CA ARG C 257 8.50 -12.52 -50.16
C ARG C 257 7.94 -11.98 -48.86
N HIS C 258 7.74 -12.85 -47.87
CA HIS C 258 7.16 -12.39 -46.62
C HIS C 258 7.96 -11.21 -46.08
N ARG C 259 9.28 -11.38 -45.96
CA ARG C 259 10.09 -10.31 -45.40
C ARG C 259 9.84 -9.01 -46.14
N LEU C 260 9.90 -9.06 -47.47
CA LEU C 260 9.71 -7.83 -48.24
C LEU C 260 8.38 -7.19 -47.89
N GLN C 261 7.30 -7.98 -47.91
CA GLN C 261 5.99 -7.41 -47.60
C GLN C 261 5.99 -6.82 -46.20
N TRP C 262 6.62 -7.50 -45.24
CA TRP C 262 6.69 -6.95 -43.90
C TRP C 262 7.35 -5.58 -43.92
N TRP C 263 8.48 -5.46 -44.61
CA TRP C 263 9.17 -4.17 -44.67
C TRP C 263 8.31 -3.13 -45.35
N ARG C 264 7.42 -3.56 -46.27
CA ARG C 264 6.53 -2.64 -46.94
C ARG C 264 5.24 -2.40 -46.18
N LYS C 265 4.99 -3.15 -45.10
CA LYS C 265 3.73 -3.02 -44.39
C LYS C 265 3.60 -1.64 -43.75
N PHE C 266 4.68 -1.12 -43.16
CA PHE C 266 4.65 0.14 -42.44
C PHE C 266 5.23 1.30 -43.24
N ALA C 267 5.58 1.07 -44.51
CA ALA C 267 6.25 2.10 -45.29
C ALA C 267 5.23 3.05 -45.92
N MET C 268 5.48 4.36 -45.76
CA MET C 268 4.62 5.35 -46.42
C MET C 268 4.82 5.33 -47.93
N SER C 269 6.00 4.91 -48.39
CA SER C 269 6.30 4.76 -49.81
C SER C 269 6.92 3.37 -50.00
N PRO C 270 6.09 2.33 -50.07
CA PRO C 270 6.64 0.96 -50.14
C PRO C 270 7.53 0.73 -51.34
N SER C 271 7.42 1.53 -52.41
CA SER C 271 8.25 1.34 -53.59
C SER C 271 9.73 1.60 -53.30
N ASN C 272 10.06 2.24 -52.18
CA ASN C 272 11.46 2.52 -51.85
C ASN C 272 12.18 1.32 -51.25
N PHE C 273 11.46 0.26 -50.88
CA PHE C 273 12.06 -0.99 -50.44
C PHE C 273 12.15 -1.92 -51.65
N SER C 274 13.33 -2.52 -51.85
CA SER C 274 13.57 -3.34 -53.03
C SER C 274 14.34 -4.58 -52.62
N SER C 275 14.44 -5.53 -53.54
CA SER C 275 15.17 -6.77 -53.30
C SER C 275 15.97 -7.10 -54.56
N SER C 276 17.00 -7.93 -54.37
CA SER C 276 17.87 -8.32 -55.48
C SER C 276 18.31 -9.77 -55.26
N ASP C 277 18.95 -10.33 -56.29
CA ASP C 277 19.49 -11.68 -56.25
C ASP C 277 21.00 -11.64 -56.17
N CYS C 278 21.59 -12.69 -55.59
CA CYS C 278 23.03 -12.74 -55.43
C CYS C 278 23.47 -14.20 -55.28
N GLN C 279 24.76 -14.42 -55.46
CA GLN C 279 25.35 -15.74 -55.34
C GLN C 279 26.59 -15.67 -54.46
N ASP C 280 26.80 -16.72 -53.68
CA ASP C 280 28.01 -16.86 -52.90
C ASP C 280 29.20 -17.11 -53.82
N GLU C 281 30.40 -16.93 -53.28
CA GLU C 281 31.59 -17.25 -54.05
C GLU C 281 31.59 -18.70 -54.50
N GLU C 282 31.16 -19.61 -53.63
CA GLU C 282 31.00 -21.00 -54.04
C GLU C 282 29.94 -21.13 -55.15
N GLY C 283 28.82 -20.42 -55.00
CA GLY C 283 27.76 -20.46 -55.99
C GLY C 283 26.39 -20.65 -55.38
N ARG C 284 26.29 -20.58 -54.06
CA ARG C 284 25.01 -20.72 -53.39
C ARG C 284 24.14 -19.48 -53.63
N LYS C 285 22.84 -19.72 -53.76
CA LYS C 285 21.89 -18.66 -54.08
C LYS C 285 21.51 -17.87 -52.84
N GLY C 286 21.12 -16.62 -53.03
CA GLY C 286 20.66 -15.79 -51.92
C GLY C 286 20.02 -14.52 -52.43
N ASN C 287 19.40 -13.81 -51.50
CA ASN C 287 18.71 -12.56 -51.81
C ASN C 287 19.10 -11.49 -50.80
N LYS C 288 19.04 -10.24 -51.24
CA LYS C 288 19.35 -9.09 -50.41
C LYS C 288 18.21 -8.08 -50.47
N LEU C 289 17.96 -7.44 -49.33
CA LEU C 289 16.92 -6.43 -49.21
C LEU C 289 17.55 -5.05 -49.01
N TYR C 290 17.09 -4.08 -49.77
CA TYR C 290 17.67 -2.75 -49.78
C TYR C 290 16.60 -1.69 -49.57
N TYR C 291 17.01 -0.59 -48.95
CA TYR C 291 16.19 0.61 -48.83
C TYR C 291 16.90 1.76 -49.54
N ASN C 292 16.13 2.51 -50.33
CA ASN C 292 16.68 3.61 -51.12
C ASN C 292 16.74 4.85 -50.24
N PHE C 293 17.87 5.05 -49.57
CA PHE C 293 18.08 6.25 -48.77
C PHE C 293 18.27 7.45 -49.69
N PRO C 294 18.14 8.66 -49.15
CA PRO C 294 18.29 9.86 -50.00
C PRO C 294 19.60 9.91 -50.76
N TRP C 295 20.69 9.43 -50.17
CA TRP C 295 21.98 9.43 -50.85
C TRP C 295 22.17 8.22 -51.75
N GLY C 296 21.68 7.05 -51.34
CA GLY C 296 21.81 5.86 -52.16
C GLY C 296 21.27 4.65 -51.42
N LYS C 297 21.14 3.56 -52.17
CA LYS C 297 20.60 2.33 -51.61
C LYS C 297 21.51 1.79 -50.51
N GLU C 298 20.90 1.21 -49.49
CA GLU C 298 21.63 0.58 -48.39
C GLU C 298 20.98 -0.76 -48.06
N LEU C 299 21.83 -1.74 -47.76
CA LEU C 299 21.38 -3.09 -47.42
C LEU C 299 20.87 -3.10 -45.99
N ILE C 300 19.73 -3.76 -45.77
CA ILE C 300 19.15 -3.86 -44.44
C ILE C 300 18.91 -5.29 -44.00
N GLU C 301 18.86 -6.25 -44.92
CA GLU C 301 18.59 -7.63 -44.57
C GLU C 301 19.13 -8.54 -45.67
N THR C 302 19.57 -9.73 -45.28
CA THR C 302 20.15 -10.69 -46.20
C THR C 302 19.53 -12.07 -45.97
N LEU C 303 19.30 -12.78 -47.07
CA LEU C 303 18.82 -14.16 -47.05
C LEU C 303 19.83 -15.03 -47.79
N TRP C 304 20.35 -16.04 -47.11
CA TRP C 304 21.39 -16.91 -47.67
C TRP C 304 21.00 -18.36 -47.53
N ASN C 305 21.15 -19.12 -48.61
CA ASN C 305 21.04 -20.57 -48.56
C ASN C 305 22.43 -21.14 -48.38
N LEU C 306 22.69 -21.75 -47.23
CA LEU C 306 24.04 -22.14 -46.83
C LEU C 306 24.28 -23.64 -46.93
N GLY C 307 23.39 -24.39 -47.57
CA GLY C 307 23.61 -25.82 -47.70
C GLY C 307 23.73 -26.48 -46.34
N ASP C 308 24.74 -27.34 -46.19
CA ASP C 308 24.95 -28.09 -44.96
C ASP C 308 26.43 -28.13 -44.56
N HIS C 309 27.26 -27.27 -45.14
CA HIS C 309 28.68 -27.29 -44.81
C HIS C 309 28.91 -26.96 -43.33
N GLU C 310 28.31 -25.87 -42.85
CA GLU C 310 28.54 -25.43 -41.49
C GLU C 310 28.04 -26.46 -40.48
N LEU C 311 26.86 -27.04 -40.74
CA LEU C 311 26.32 -28.02 -39.80
C LEU C 311 27.22 -29.24 -39.68
N LEU C 312 27.72 -29.74 -40.82
CA LEU C 312 28.63 -30.88 -40.78
C LEU C 312 29.94 -30.52 -40.08
N HIS C 313 30.49 -29.34 -40.38
CA HIS C 313 31.75 -28.96 -39.77
C HIS C 313 31.62 -28.80 -38.26
N MET C 314 30.47 -28.30 -37.78
CA MET C 314 30.29 -28.08 -36.36
C MET C 314 30.25 -29.39 -35.58
N TYR C 315 29.80 -30.48 -36.22
CA TYR C 315 29.71 -31.79 -35.61
C TYR C 315 30.43 -32.79 -36.50
N PRO C 316 31.76 -32.82 -36.46
CA PRO C 316 32.52 -33.66 -37.40
C PRO C 316 32.27 -35.14 -37.16
N GLY C 317 32.38 -35.90 -38.25
CA GLY C 317 32.37 -37.36 -38.16
C GLY C 317 30.96 -37.93 -38.24
N ASN C 318 30.50 -38.54 -37.15
CA ASN C 318 29.21 -39.22 -37.14
C ASN C 318 28.09 -38.27 -37.54
N VAL C 319 27.16 -38.76 -38.36
CA VAL C 319 26.05 -37.96 -38.83
C VAL C 319 24.71 -38.45 -38.30
N SER C 320 24.67 -39.59 -37.60
CA SER C 320 23.41 -40.12 -37.12
C SER C 320 22.75 -39.22 -36.08
N LYS C 321 23.50 -38.28 -35.50
CA LYS C 321 22.95 -37.34 -34.53
C LYS C 321 22.49 -36.04 -35.16
N LEU C 322 22.55 -35.92 -36.49
CA LEU C 322 22.10 -34.73 -37.19
C LEU C 322 20.98 -35.01 -38.18
N HIS C 323 20.55 -36.25 -38.31
CA HIS C 323 19.49 -36.59 -39.25
C HIS C 323 18.14 -36.03 -38.77
N GLY C 324 17.31 -35.67 -39.73
CA GLY C 324 15.99 -35.16 -39.43
C GLY C 324 14.94 -35.86 -40.27
N ARG C 325 13.76 -36.03 -39.68
CA ARG C 325 12.70 -36.78 -40.34
C ARG C 325 11.89 -35.88 -41.25
N ASP C 326 11.75 -36.30 -42.51
CA ASP C 326 10.92 -35.60 -43.50
C ASP C 326 10.21 -36.66 -44.31
N GLY C 327 8.95 -36.94 -43.95
CA GLY C 327 8.21 -37.99 -44.61
C GLY C 327 8.89 -39.34 -44.44
N ARG C 328 9.19 -39.70 -43.19
CA ARG C 328 9.90 -40.94 -42.86
C ARG C 328 11.11 -41.15 -43.76
N LYS C 329 11.76 -40.05 -44.15
CA LYS C 329 13.02 -40.08 -44.86
C LYS C 329 14.01 -39.22 -44.09
N ASN C 330 15.15 -39.80 -43.73
CA ASN C 330 16.15 -39.12 -42.91
C ASN C 330 17.13 -38.41 -43.82
N VAL C 331 17.17 -37.07 -43.75
CA VAL C 331 18.08 -36.27 -44.54
C VAL C 331 18.68 -35.19 -43.65
N VAL C 332 19.84 -34.70 -44.06
CA VAL C 332 20.53 -33.63 -43.34
C VAL C 332 19.98 -32.29 -43.83
N PRO C 333 19.48 -31.44 -42.93
CA PRO C 333 18.81 -30.22 -43.40
C PRO C 333 19.78 -29.23 -44.03
N CYS C 334 19.21 -28.42 -44.92
CA CYS C 334 19.86 -27.22 -45.44
C CYS C 334 19.50 -26.05 -44.55
N VAL C 335 20.44 -25.12 -44.40
CA VAL C 335 20.29 -23.99 -43.50
C VAL C 335 19.99 -22.74 -44.31
N LEU C 336 18.95 -22.02 -43.90
CA LEU C 336 18.59 -20.73 -44.50
C LEU C 336 18.76 -19.66 -43.43
N SER C 337 19.59 -18.66 -43.73
CA SER C 337 19.90 -17.59 -42.79
C SER C 337 19.20 -16.32 -43.26
N VAL C 338 18.28 -15.82 -42.44
CA VAL C 338 17.63 -14.53 -42.67
C VAL C 338 18.11 -13.60 -41.57
N ASN C 339 18.79 -12.52 -41.94
CA ASN C 339 19.39 -11.64 -40.94
C ASN C 339 19.13 -10.20 -41.34
N GLY C 340 18.39 -9.48 -40.51
CA GLY C 340 18.08 -8.08 -40.78
C GLY C 340 18.46 -7.18 -39.63
N ASP C 341 19.14 -6.08 -39.91
CA ASP C 341 19.63 -5.21 -38.86
C ASP C 341 18.59 -4.15 -38.52
N LEU C 342 18.28 -4.04 -37.23
CA LEU C 342 17.21 -3.17 -36.77
C LEU C 342 17.61 -1.70 -36.68
N ASP C 343 18.89 -1.40 -36.45
CA ASP C 343 19.31 0.00 -36.36
C ASP C 343 19.15 0.70 -37.71
N ARG C 344 19.69 0.09 -38.78
CA ARG C 344 19.55 0.68 -40.10
C ARG C 344 18.10 0.69 -40.56
N GLY C 345 17.33 -0.34 -40.21
CA GLY C 345 15.91 -0.32 -40.53
C GLY C 345 15.19 0.83 -39.84
N MET C 346 15.53 1.06 -38.57
CA MET C 346 14.93 2.18 -37.85
C MET C 346 15.30 3.50 -38.51
N LEU C 347 16.57 3.67 -38.89
CA LEU C 347 16.96 4.90 -39.57
C LEU C 347 16.23 5.05 -40.90
N ALA C 348 16.03 3.94 -41.61
CA ALA C 348 15.29 3.99 -42.87
C ALA C 348 13.85 4.42 -42.64
N TYR C 349 13.22 3.91 -41.58
CA TYR C 349 11.84 4.31 -41.28
C TYR C 349 11.78 5.79 -40.88
N LEU C 350 12.75 6.26 -40.10
CA LEU C 350 12.82 7.68 -39.78
C LEU C 350 12.93 8.54 -41.04
N TYR C 351 13.78 8.13 -41.98
CA TYR C 351 13.87 8.89 -43.23
C TYR C 351 12.59 8.78 -44.05
N ASP C 352 11.92 7.63 -44.02
CA ASP C 352 10.71 7.44 -44.80
C ASP C 352 9.59 8.33 -44.28
N SER C 353 9.37 8.33 -42.96
CA SER C 353 8.29 9.11 -42.39
C SER C 353 8.48 10.60 -42.63
N PHE C 354 9.70 11.09 -42.53
CA PHE C 354 9.98 12.48 -42.85
C PHE C 354 9.57 12.76 -44.29
N GLN C 355 8.84 13.85 -44.49
CA GLN C 355 8.33 14.19 -45.81
C GLN C 355 9.47 14.39 -46.80
N HIS C 368 4.68 22.56 -45.46
CA HIS C 368 5.74 23.40 -44.94
C HIS C 368 6.04 23.07 -43.47
N ARG C 369 5.17 22.28 -42.85
CA ARG C 369 5.39 21.86 -41.49
C ARG C 369 6.52 20.84 -41.40
N LYS C 370 7.15 20.79 -40.23
CA LYS C 370 8.19 19.81 -39.93
C LYS C 370 7.55 18.72 -39.06
N VAL C 371 7.20 17.59 -39.67
CA VAL C 371 6.48 16.53 -38.99
C VAL C 371 7.04 15.19 -39.44
N LEU C 372 7.06 14.22 -38.52
CA LEU C 372 7.44 12.85 -38.80
C LEU C 372 6.17 12.01 -38.79
N LYS C 373 5.65 11.70 -39.98
CA LYS C 373 4.43 10.92 -40.10
C LYS C 373 4.71 9.43 -39.88
N LEU C 374 5.19 9.12 -38.68
CA LEU C 374 5.45 7.75 -38.32
C LEU C 374 4.16 6.94 -38.31
N HIS C 375 4.26 5.68 -38.72
CA HIS C 375 3.09 4.84 -38.77
C HIS C 375 2.52 4.66 -37.36
N PRO C 376 1.20 4.62 -37.19
CA PRO C 376 0.64 4.52 -35.83
C PRO C 376 1.16 3.34 -35.04
N CYS C 377 1.39 2.20 -35.69
CA CYS C 377 1.88 1.02 -35.01
C CYS C 377 3.34 1.13 -34.58
N LEU C 378 4.07 2.15 -35.05
CA LEU C 378 5.47 2.32 -34.74
C LEU C 378 5.78 3.57 -33.93
N ALA C 379 4.86 4.53 -33.85
CA ALA C 379 5.13 5.76 -33.13
C ALA C 379 5.40 5.46 -31.66
N PRO C 380 6.52 5.93 -31.10
CA PRO C 380 6.79 5.61 -29.68
C PRO C 380 5.76 6.18 -28.73
N ILE C 381 5.25 7.38 -29.00
CA ILE C 381 4.29 8.05 -28.14
C ILE C 381 3.04 8.35 -28.97
N LYS C 382 1.89 7.89 -28.50
CA LYS C 382 0.67 7.99 -29.27
C LYS C 382 0.05 9.39 -29.16
N VAL C 383 -0.31 9.81 -27.95
CA VAL C 383 -1.09 11.01 -27.73
C VAL C 383 -0.39 11.91 -26.73
N ALA C 384 -0.54 13.21 -26.92
CA ALA C 384 0.00 14.23 -26.03
C ALA C 384 -1.15 14.86 -25.24
N LEU C 385 -0.98 14.96 -23.93
CA LEU C 385 -2.01 15.46 -23.03
C LEU C 385 -1.51 16.72 -22.34
N ASP C 386 -2.34 17.75 -22.31
CA ASP C 386 -1.97 19.04 -21.74
C ASP C 386 -3.22 19.67 -21.11
N VAL C 387 -3.07 20.92 -20.68
CA VAL C 387 -4.16 21.69 -20.06
C VAL C 387 -4.25 23.03 -20.76
N GLY C 388 -5.38 23.72 -20.54
CA GLY C 388 -5.60 25.03 -21.11
C GLY C 388 -5.61 26.12 -20.06
N ARG C 389 -6.71 26.86 -19.99
CA ARG C 389 -6.88 27.94 -19.02
C ARG C 389 -7.93 27.55 -18.00
N GLY C 390 -7.61 27.70 -16.72
CA GLY C 390 -8.53 27.36 -15.66
C GLY C 390 -7.82 27.04 -14.36
N PRO C 391 -8.57 26.53 -13.38
CA PRO C 391 -7.95 26.18 -12.09
C PRO C 391 -6.97 25.03 -12.24
N THR C 392 -5.78 25.19 -11.67
CA THR C 392 -4.73 24.19 -11.85
C THR C 392 -5.10 22.88 -11.16
N LEU C 393 -5.63 22.95 -9.94
CA LEU C 393 -5.84 21.74 -9.15
C LEU C 393 -6.92 20.84 -9.72
N GLU C 394 -7.94 21.40 -10.38
CA GLU C 394 -8.97 20.58 -11.00
C GLU C 394 -8.49 19.95 -12.30
N LEU C 395 -7.92 20.76 -13.20
CA LEU C 395 -7.45 20.25 -14.47
C LEU C 395 -6.33 19.24 -14.28
N ARG C 396 -5.48 19.44 -13.27
CA ARG C 396 -4.42 18.46 -13.01
C ARG C 396 -5.00 17.11 -12.60
N GLN C 397 -6.03 17.12 -11.74
CA GLN C 397 -6.67 15.87 -11.35
C GLN C 397 -7.31 15.19 -12.56
N VAL C 398 -8.01 15.98 -13.37
CA VAL C 398 -8.67 15.42 -14.55
C VAL C 398 -7.63 14.79 -15.49
N CYS C 399 -6.54 15.51 -15.73
CA CYS C 399 -5.51 15.00 -16.65
C CYS C 399 -4.81 13.78 -16.06
N GLN C 400 -4.60 13.75 -14.75
CA GLN C 400 -3.99 12.58 -14.12
C GLN C 400 -4.88 11.36 -14.25
N GLY C 401 -6.19 11.53 -14.03
CA GLY C 401 -7.12 10.43 -14.23
C GLY C 401 -7.13 9.94 -15.67
N LEU C 402 -7.14 10.87 -16.62
CA LEU C 402 -7.09 10.48 -18.03
C LEU C 402 -5.79 9.75 -18.35
N PHE C 403 -4.67 10.22 -17.78
CA PHE C 403 -3.39 9.56 -17.98
C PHE C 403 -3.43 8.13 -17.48
N ASN C 404 -3.95 7.92 -16.28
CA ASN C 404 -4.05 6.57 -15.74
C ASN C 404 -4.94 5.69 -16.63
N GLU C 405 -6.09 6.22 -17.05
CA GLU C 405 -7.00 5.44 -17.88
C GLU C 405 -6.35 5.06 -19.20
N LEU C 406 -5.64 6.00 -19.84
CA LEU C 406 -5.00 5.71 -21.11
C LEU C 406 -3.84 4.73 -20.93
N LEU C 407 -3.09 4.85 -19.83
CA LEU C 407 -1.96 3.96 -19.61
C LEU C 407 -2.42 2.53 -19.33
N GLU C 408 -3.52 2.37 -18.61
CA GLU C 408 -4.01 1.04 -18.29
C GLU C 408 -4.40 0.25 -19.54
N ASN C 409 -4.66 0.94 -20.67
CA ASN C 409 -5.10 0.30 -21.89
C ASN C 409 -3.99 0.15 -22.93
N GLY C 410 -2.74 0.39 -22.54
CA GLY C 410 -1.63 0.21 -23.45
C GLY C 410 -1.34 1.38 -24.36
N ILE C 411 -1.81 2.58 -24.02
CA ILE C 411 -1.56 3.77 -24.81
C ILE C 411 -0.44 4.58 -24.14
N SER C 412 0.59 4.90 -24.91
CA SER C 412 1.70 5.70 -24.40
C SER C 412 1.35 7.18 -24.53
N VAL C 413 1.54 7.91 -23.44
CA VAL C 413 1.15 9.32 -23.36
C VAL C 413 2.35 10.15 -22.91
N TRP C 414 2.37 11.41 -23.33
CA TRP C 414 3.39 12.35 -22.92
C TRP C 414 2.80 13.31 -21.91
N PRO C 415 3.17 13.23 -20.62
CA PRO C 415 2.53 14.11 -19.62
C PRO C 415 3.01 15.54 -19.71
N GLY C 416 2.49 16.30 -20.66
CA GLY C 416 2.84 17.70 -20.80
C GLY C 416 2.12 18.63 -19.84
N TYR C 417 1.18 18.10 -19.05
CA TYR C 417 0.40 18.92 -18.12
C TYR C 417 1.09 19.11 -16.79
N LEU C 418 2.24 18.47 -16.55
CA LEU C 418 2.90 18.59 -15.26
C LEU C 418 3.42 20.00 -15.00
N GLU C 419 3.58 20.80 -16.05
CA GLU C 419 3.95 22.20 -15.89
C GLU C 419 3.35 22.98 -17.05
N THR C 420 2.58 24.02 -16.73
CA THR C 420 1.99 24.85 -17.77
C THR C 420 3.10 25.46 -18.61
N MET C 421 3.23 25.03 -19.87
CA MET C 421 4.33 25.47 -20.70
C MET C 421 4.33 26.99 -20.91
N GLN C 422 3.18 27.64 -20.73
CA GLN C 422 3.07 29.07 -21.00
C GLN C 422 3.51 29.38 -22.42
N SER C 423 3.28 28.45 -23.34
CA SER C 423 3.71 28.56 -24.72
C SER C 423 2.49 28.59 -25.64
N SER C 424 2.58 29.38 -26.70
CA SER C 424 1.47 29.47 -27.64
C SER C 424 1.23 28.11 -28.30
N LEU C 425 -0.03 27.86 -28.65
CA LEU C 425 -0.39 26.57 -29.21
C LEU C 425 0.37 26.25 -30.49
N GLU C 426 0.87 27.26 -31.19
CA GLU C 426 1.66 26.99 -32.40
C GLU C 426 2.95 26.26 -32.05
N GLN C 427 3.68 26.76 -31.05
CA GLN C 427 4.92 26.09 -30.64
C GLN C 427 4.65 24.70 -30.12
N LEU C 428 3.58 24.54 -29.33
CA LEU C 428 3.25 23.22 -28.79
C LEU C 428 2.91 22.24 -29.91
N TYR C 429 2.13 22.68 -30.90
CA TYR C 429 1.79 21.82 -32.02
C TYR C 429 3.03 21.45 -32.82
N SER C 430 3.92 22.41 -33.06
CA SER C 430 5.14 22.09 -33.79
C SER C 430 6.01 21.10 -33.02
N LYS C 431 6.11 21.29 -31.69
CA LYS C 431 6.91 20.39 -30.88
C LYS C 431 6.35 18.97 -30.92
N TYR C 432 5.04 18.82 -30.80
CA TYR C 432 4.46 17.49 -30.84
C TYR C 432 4.45 16.90 -32.25
N ASP C 433 4.52 17.74 -33.29
CA ASP C 433 4.64 17.23 -34.64
C ASP C 433 6.04 16.69 -34.90
N GLU C 434 7.07 17.40 -34.43
CA GLU C 434 8.44 16.92 -34.60
C GLU C 434 8.67 15.59 -33.90
N MET C 435 7.90 15.30 -32.86
CA MET C 435 8.07 14.07 -32.08
C MET C 435 7.18 12.93 -32.57
N SER C 436 6.43 13.13 -33.65
CA SER C 436 5.59 12.08 -34.23
C SER C 436 4.56 11.58 -33.22
N ILE C 437 3.68 12.48 -32.80
CA ILE C 437 2.60 12.17 -31.87
C ILE C 437 1.30 12.17 -32.66
N LEU C 438 0.54 11.08 -32.55
CA LEU C 438 -0.66 10.91 -33.37
C LEU C 438 -1.69 11.99 -33.06
N PHE C 439 -2.02 12.18 -31.78
CA PHE C 439 -3.10 13.05 -31.38
C PHE C 439 -2.67 13.92 -30.20
N THR C 440 -3.32 15.06 -30.07
CA THR C 440 -3.10 15.98 -28.96
C THR C 440 -4.44 16.25 -28.29
N VAL C 441 -4.46 16.13 -26.96
CA VAL C 441 -5.68 16.29 -26.17
C VAL C 441 -5.52 17.52 -25.29
N LEU C 442 -6.51 18.42 -25.34
CA LEU C 442 -6.54 19.62 -24.53
C LEU C 442 -7.74 19.56 -23.61
N VAL C 443 -7.50 19.75 -22.31
CA VAL C 443 -8.51 19.67 -21.26
C VAL C 443 -8.56 21.01 -20.55
N THR C 444 -9.77 21.54 -20.37
CA THR C 444 -9.98 22.79 -19.67
C THR C 444 -11.23 22.68 -18.81
N GLU C 445 -11.59 23.78 -18.14
CA GLU C 445 -12.75 23.75 -17.24
C GLU C 445 -14.02 23.38 -17.97
N THR C 446 -14.09 23.59 -19.29
CA THR C 446 -15.25 23.15 -20.05
C THR C 446 -15.44 21.65 -19.92
N THR C 447 -14.36 20.90 -19.71
CA THR C 447 -14.48 19.47 -19.43
C THR C 447 -15.25 19.25 -18.13
N LEU C 448 -14.95 20.05 -17.10
CA LEU C 448 -15.73 19.97 -15.87
C LEU C 448 -17.18 20.36 -16.11
N GLU C 449 -17.41 21.36 -16.95
CA GLU C 449 -18.77 21.79 -17.24
C GLU C 449 -19.57 20.68 -17.90
N ASN C 450 -19.16 20.26 -19.10
CA ASN C 450 -19.89 19.27 -19.87
C ASN C 450 -19.06 18.08 -20.33
N GLY C 451 -17.75 18.07 -20.10
CA GLY C 451 -16.94 16.93 -20.46
C GLY C 451 -16.39 16.93 -21.86
N LEU C 452 -16.36 18.08 -22.53
CA LEU C 452 -15.85 18.16 -23.89
C LEU C 452 -14.37 18.51 -23.87
N ILE C 453 -13.57 17.73 -24.58
CA ILE C 453 -12.14 17.95 -24.70
C ILE C 453 -11.84 18.26 -26.16
N HIS C 454 -10.74 19.01 -26.36
CA HIS C 454 -10.28 19.36 -27.71
C HIS C 454 -9.30 18.29 -28.17
N LEU C 455 -9.47 17.85 -29.43
CA LEU C 455 -8.65 16.79 -30.00
C LEU C 455 -8.07 17.28 -31.31
N ARG C 456 -6.74 17.19 -31.44
CA ARG C 456 -6.05 17.62 -32.65
C ARG C 456 -5.31 16.44 -33.26
N SER C 457 -5.41 16.32 -34.58
CA SER C 457 -4.82 15.23 -35.32
C SER C 457 -3.48 15.64 -35.92
N ARG C 458 -2.68 14.63 -36.27
CA ARG C 458 -1.35 14.83 -36.84
C ARG C 458 -1.36 14.75 -38.36
N ASP C 459 -2.04 13.74 -38.92
CA ASP C 459 -2.04 13.58 -40.37
C ASP C 459 -2.90 14.63 -41.06
N THR C 460 -4.10 14.88 -40.53
CA THR C 460 -5.07 15.78 -41.16
C THR C 460 -5.12 17.14 -40.49
N THR C 461 -4.29 17.38 -39.47
CA THR C 461 -4.21 18.68 -38.80
C THR C 461 -5.57 19.28 -38.52
N MET C 462 -6.56 18.44 -38.19
CA MET C 462 -7.92 18.89 -37.92
C MET C 462 -8.17 18.94 -36.42
N LYS C 463 -9.16 19.75 -36.04
CA LYS C 463 -9.55 19.94 -34.65
C LYS C 463 -10.98 19.46 -34.46
N GLU C 464 -11.22 18.74 -33.37
CA GLU C 464 -12.53 18.17 -33.06
C GLU C 464 -12.83 18.37 -31.58
N MET C 465 -14.11 18.32 -31.24
CA MET C 465 -14.57 18.33 -29.85
C MET C 465 -15.20 16.98 -29.55
N MET C 466 -14.77 16.36 -28.46
CA MET C 466 -15.28 15.03 -28.15
C MET C 466 -15.48 14.88 -26.65
N HIS C 467 -16.51 14.13 -26.28
CA HIS C 467 -16.72 13.80 -24.88
C HIS C 467 -15.56 12.96 -24.35
N ILE C 468 -15.17 13.22 -23.11
CA ILE C 468 -13.97 12.60 -22.57
C ILE C 468 -14.09 11.09 -22.54
N SER C 469 -15.21 10.58 -22.05
CA SER C 469 -15.35 9.14 -21.82
C SER C 469 -15.15 8.33 -23.11
N LYS C 470 -15.46 8.91 -24.26
CA LYS C 470 -15.30 8.21 -25.53
C LYS C 470 -13.84 8.11 -25.96
N LEU C 471 -13.00 9.09 -25.61
CA LEU C 471 -11.65 9.17 -26.16
C LEU C 471 -10.99 7.80 -26.20
N LYS C 472 -10.81 7.17 -25.04
CA LYS C 472 -10.13 5.89 -24.99
C LYS C 472 -10.60 4.98 -26.12
N ASP C 473 -11.89 4.64 -26.14
CA ASP C 473 -12.38 3.71 -27.13
C ASP C 473 -12.00 4.18 -28.54
N PHE C 474 -12.32 5.43 -28.86
CA PHE C 474 -11.94 5.96 -30.17
C PHE C 474 -10.50 5.63 -30.48
N LEU C 475 -9.58 6.05 -29.62
CA LEU C 475 -8.17 5.83 -29.91
C LEU C 475 -7.91 4.37 -30.23
N ILE C 476 -8.36 3.46 -29.36
CA ILE C 476 -8.12 2.05 -29.61
C ILE C 476 -8.60 1.68 -31.00
N LYS C 477 -9.87 1.98 -31.29
CA LYS C 477 -10.40 1.63 -32.60
C LYS C 477 -9.49 2.16 -33.69
N TYR C 478 -9.14 3.44 -33.63
CA TYR C 478 -8.29 4.01 -34.67
C TYR C 478 -7.03 3.19 -34.83
N ILE C 479 -6.32 2.94 -33.73
CA ILE C 479 -5.08 2.18 -33.83
C ILE C 479 -5.37 0.84 -34.47
N SER C 480 -6.39 0.13 -33.98
CA SER C 480 -6.70 -1.19 -34.54
C SER C 480 -6.94 -1.08 -36.04
N SER C 481 -7.68 -0.06 -36.46
CA SER C 481 -7.93 0.09 -37.89
C SER C 481 -6.62 0.24 -38.65
N ALA C 482 -5.72 1.08 -38.15
CA ALA C 482 -4.44 1.26 -38.83
C ALA C 482 -3.69 -0.06 -38.92
N LYS C 483 -3.89 -0.95 -37.95
CA LYS C 483 -3.20 -2.24 -37.98
C LYS C 483 -3.82 -3.16 -39.01
N ASN C 484 -5.13 -3.06 -39.23
CA ASN C 484 -5.81 -4.03 -40.09
C ASN C 484 -5.80 -3.61 -41.56
N VAL C 485 -5.75 -2.31 -41.84
CA VAL C 485 -5.76 -1.84 -43.22
C VAL C 485 -4.45 -2.20 -43.90
N1 DCP F . -10.80 2.02 33.41
C2 DCP F . -12.01 1.46 33.93
N3 DCP F . -12.18 0.07 33.92
C4 DCP F . -11.19 -0.68 33.43
C5 DCP F . -9.97 -0.17 32.89
C6 DCP F . -9.80 1.19 32.91
O2 DCP F . -12.90 2.17 34.38
N4 DCP F . -11.40 -2.05 33.43
C1' DCP F . -10.49 3.49 33.36
C2' DCP F . -10.53 4.31 34.66
C3' DCP F . -9.46 5.39 34.36
C4' DCP F . -9.09 5.10 32.89
O4' DCP F . -9.19 3.68 32.87
O3' DCP F . -10.00 6.67 34.54
C5' DCP F . -7.68 5.60 32.47
O5' DCP F . -6.75 5.09 33.25
PA DCP F . -5.00 5.13 32.82
O1A DCP F . -4.76 3.80 32.19
O2A DCP F . -5.00 6.27 31.84
O3A DCP F . -4.60 5.48 34.26
PB DCP F . -4.22 6.93 35.09
O1B DCP F . -5.46 7.76 34.89
O2B DCP F . -3.99 6.39 36.47
O3B DCP F . -2.91 7.14 34.31
PG DCP F . -1.46 6.34 34.27
O1G DCP F . -1.60 5.32 33.15
O2G DCP F . -1.52 5.72 35.65
O3G DCP F . -0.38 7.39 34.06
CA CA G . -4.08 8.59 31.60
#